data_2V82
# 
_entry.id   2V82 
# 
_audit_conform.dict_name       mmcif_pdbx.dic 
_audit_conform.dict_version    5.397 
_audit_conform.dict_location   http://mmcif.pdb.org/dictionaries/ascii/mmcif_pdbx.dic 
# 
loop_
_database_2.database_id 
_database_2.database_code 
_database_2.pdbx_database_accession 
_database_2.pdbx_DOI 
PDB   2V82         pdb_00002v82 10.2210/pdb2v82/pdb 
PDBE  EBI-33361    ?            ?                   
WWPDB D_1290033361 ?            ?                   
# 
loop_
_pdbx_audit_revision_history.ordinal 
_pdbx_audit_revision_history.data_content_type 
_pdbx_audit_revision_history.major_revision 
_pdbx_audit_revision_history.minor_revision 
_pdbx_audit_revision_history.revision_date 
1 'Structure model' 1 0 2007-08-14 
2 'Structure model' 1 1 2011-07-13 
3 'Structure model' 1 2 2018-03-28 
4 'Structure model' 1 3 2023-12-13 
5 'Structure model' 1 4 2024-10-23 
# 
_pdbx_audit_revision_details.ordinal             1 
_pdbx_audit_revision_details.revision_ordinal    1 
_pdbx_audit_revision_details.data_content_type   'Structure model' 
_pdbx_audit_revision_details.provider            repository 
_pdbx_audit_revision_details.type                'Initial release' 
_pdbx_audit_revision_details.description         ? 
_pdbx_audit_revision_details.details             ? 
# 
loop_
_pdbx_audit_revision_group.ordinal 
_pdbx_audit_revision_group.revision_ordinal 
_pdbx_audit_revision_group.data_content_type 
_pdbx_audit_revision_group.group 
1 2 'Structure model' Advisory                    
2 2 'Structure model' 'Version format compliance' 
3 3 'Structure model' 'Database references'       
4 4 'Structure model' 'Data collection'           
5 4 'Structure model' 'Database references'       
6 4 'Structure model' 'Derived calculations'      
7 4 'Structure model' Other                       
8 4 'Structure model' 'Refinement description'    
9 5 'Structure model' 'Structure summary'         
# 
loop_
_pdbx_audit_revision_category.ordinal 
_pdbx_audit_revision_category.revision_ordinal 
_pdbx_audit_revision_category.data_content_type 
_pdbx_audit_revision_category.category 
1  3 'Structure model' citation                      
2  3 'Structure model' citation_author               
3  4 'Structure model' chem_comp_atom                
4  4 'Structure model' chem_comp_bond                
5  4 'Structure model' database_2                    
6  4 'Structure model' pdbx_database_status          
7  4 'Structure model' pdbx_initial_refinement_model 
8  4 'Structure model' struct_conn                   
9  5 'Structure model' pdbx_entry_details            
10 5 'Structure model' pdbx_modification_feature     
# 
loop_
_pdbx_audit_revision_item.ordinal 
_pdbx_audit_revision_item.revision_ordinal 
_pdbx_audit_revision_item.data_content_type 
_pdbx_audit_revision_item.item 
1  3 'Structure model' '_citation.journal_abbrev'                     
2  3 'Structure model' '_citation.journal_id_ISSN'                    
3  3 'Structure model' '_citation.page_last'                          
4  3 'Structure model' '_citation.pdbx_database_id_DOI'               
5  3 'Structure model' '_citation.title'                              
6  3 'Structure model' '_citation_author.name'                        
7  4 'Structure model' '_database_2.pdbx_DOI'                         
8  4 'Structure model' '_database_2.pdbx_database_accession'          
9  4 'Structure model' '_pdbx_database_status.status_code_sf'         
10 4 'Structure model' '_struct_conn.pdbx_leaving_atom_flag'          
11 5 'Structure model' '_pdbx_entry_details.has_protein_modification' 
# 
_pdbx_database_status.status_code                     REL 
_pdbx_database_status.entry_id                        2V82 
_pdbx_database_status.deposit_site                    PDBE 
_pdbx_database_status.process_site                    PDBE 
_pdbx_database_status.SG_entry                        . 
_pdbx_database_status.recvd_initial_deposition_date   2007-08-02 
_pdbx_database_status.pdb_format_compatible           Y 
_pdbx_database_status.status_code_sf                  REL 
_pdbx_database_status.status_code_mr                  ? 
_pdbx_database_status.status_code_cs                  ? 
_pdbx_database_status.methods_development_category    ? 
_pdbx_database_status.status_code_nmr_data            ? 
# 
loop_
_pdbx_database_related.db_name 
_pdbx_database_related.db_id 
_pdbx_database_related.content_type 
_pdbx_database_related.details 
PDB 2J6Q unspecified 'THE NATIVE STRUCTURE OF KDPGAL ALDOLASE' 
PDB 2J6N unspecified 'THE NATIVE STRUCTURE OF KDPGAL ALDOLASE' 
PDB 2V81 unspecified 'NATIVE KDPGAL STRUCTURE'                 
# 
_audit_author.name           'Naismith, J.H.' 
_audit_author.pdbx_ordinal   1 
# 
_citation.id                        primary 
_citation.title                     'Characterization and crystal structure of Escherichia coli KDPGal aldolase.' 
_citation.journal_abbrev            'Bioorg. Med. Chem.' 
_citation.journal_volume            16 
_citation.page_first                710 
_citation.page_last                 720 
_citation.year                      2008 
_citation.journal_id_ASTM           BMECEP 
_citation.country                   UK 
_citation.journal_id_ISSN           1464-3391 
_citation.journal_id_CSD            1200 
_citation.book_publisher            ? 
_citation.pdbx_database_id_PubMed   17981470 
_citation.pdbx_database_id_DOI      10.1016/j.bmc.2007.10.043 
# 
loop_
_citation_author.citation_id 
_citation_author.name 
_citation_author.ordinal 
_citation_author.identifier_ORCID 
primary 'Walters, M.J.'      1 ? 
primary 'Srikannathasan, V.' 2 ? 
primary 'McEwan, A.R.'       3 ? 
primary 'Naismith, J.H.'     4 ? 
primary 'Fierke, C.A.'       5 ? 
primary 'Toone, E.J.'        6 ? 
# 
loop_
_entity.id 
_entity.type 
_entity.src_method 
_entity.pdbx_description 
_entity.formula_weight 
_entity.pdbx_number_of_molecules 
_entity.pdbx_ec 
_entity.pdbx_mutation 
_entity.pdbx_fragment 
_entity.details 
1 polymer     man '2-DEHYDRO-3-DEOXY-6-PHOSPHOGALACTONATE ALDOLASE' 22489.225 1  4.1.2.21 ? ? ? 
2 non-polymer syn 2-KETO-DEOXY-GALACTOSE                            258.120   1  ?        ? ? ? 
3 water       nat water                                             18.015    61 ?        ? ? ? 
# 
_entity_name_com.entity_id   1 
_entity_name_com.name        '6-PHOSPHO-2-DEHYDRO-3-DEOXYGALACTONATE ALDOLASE, 2-OXO-3-DEOXYGALACTONATE 6-PHOSPHATE ALDOLASE' 
# 
_entity_poly.entity_id                      1 
_entity_poly.type                           'polypeptide(L)' 
_entity_poly.nstd_linkage                   no 
_entity_poly.nstd_monomer                   yes 
_entity_poly.pdbx_seq_one_letter_code       
;(MSE)QWQTKLPLIAILRGITPDEALAHVGAVIDAGFDAVEIPLNSPQWEQSIPAIVDAYGDKALIGAGTVLKPEQVDAL
AR(MSE)GCQLIVTPNIHSEVIRRAVGYG(MSE)TVCPGCATATEAFTALEAGAQALKIFPSSAFGPQYIKALKAVLPSD
IAVFAVGGVTPENLAQWIDAGCAGAGLGSDLYRAGQSVERTAQQAAAFVKAYREAVQLHHHHHH
;
_entity_poly.pdbx_seq_one_letter_code_can   
;MQWQTKLPLIAILRGITPDEALAHVGAVIDAGFDAVEIPLNSPQWEQSIPAIVDAYGDKALIGAGTVLKPEQVDALARMG
CQLIVTPNIHSEVIRRAVGYGMTVCPGCATATEAFTALEAGAQALKIFPSSAFGPQYIKALKAVLPSDIAVFAVGGVTPE
NLAQWIDAGCAGAGLGSDLYRAGQSVERTAQQAAAFVKAYREAVQLHHHHHH
;
_entity_poly.pdbx_strand_id                 A 
_entity_poly.pdbx_target_identifier         ? 
# 
loop_
_pdbx_entity_nonpoly.entity_id 
_pdbx_entity_nonpoly.name 
_pdbx_entity_nonpoly.comp_id 
2 2-KETO-DEOXY-GALACTOSE KDP 
3 water                  HOH 
# 
loop_
_entity_poly_seq.entity_id 
_entity_poly_seq.num 
_entity_poly_seq.mon_id 
_entity_poly_seq.hetero 
1 1   MSE n 
1 2   GLN n 
1 3   TRP n 
1 4   GLN n 
1 5   THR n 
1 6   LYS n 
1 7   LEU n 
1 8   PRO n 
1 9   LEU n 
1 10  ILE n 
1 11  ALA n 
1 12  ILE n 
1 13  LEU n 
1 14  ARG n 
1 15  GLY n 
1 16  ILE n 
1 17  THR n 
1 18  PRO n 
1 19  ASP n 
1 20  GLU n 
1 21  ALA n 
1 22  LEU n 
1 23  ALA n 
1 24  HIS n 
1 25  VAL n 
1 26  GLY n 
1 27  ALA n 
1 28  VAL n 
1 29  ILE n 
1 30  ASP n 
1 31  ALA n 
1 32  GLY n 
1 33  PHE n 
1 34  ASP n 
1 35  ALA n 
1 36  VAL n 
1 37  GLU n 
1 38  ILE n 
1 39  PRO n 
1 40  LEU n 
1 41  ASN n 
1 42  SER n 
1 43  PRO n 
1 44  GLN n 
1 45  TRP n 
1 46  GLU n 
1 47  GLN n 
1 48  SER n 
1 49  ILE n 
1 50  PRO n 
1 51  ALA n 
1 52  ILE n 
1 53  VAL n 
1 54  ASP n 
1 55  ALA n 
1 56  TYR n 
1 57  GLY n 
1 58  ASP n 
1 59  LYS n 
1 60  ALA n 
1 61  LEU n 
1 62  ILE n 
1 63  GLY n 
1 64  ALA n 
1 65  GLY n 
1 66  THR n 
1 67  VAL n 
1 68  LEU n 
1 69  LYS n 
1 70  PRO n 
1 71  GLU n 
1 72  GLN n 
1 73  VAL n 
1 74  ASP n 
1 75  ALA n 
1 76  LEU n 
1 77  ALA n 
1 78  ARG n 
1 79  MSE n 
1 80  GLY n 
1 81  CYS n 
1 82  GLN n 
1 83  LEU n 
1 84  ILE n 
1 85  VAL n 
1 86  THR n 
1 87  PRO n 
1 88  ASN n 
1 89  ILE n 
1 90  HIS n 
1 91  SER n 
1 92  GLU n 
1 93  VAL n 
1 94  ILE n 
1 95  ARG n 
1 96  ARG n 
1 97  ALA n 
1 98  VAL n 
1 99  GLY n 
1 100 TYR n 
1 101 GLY n 
1 102 MSE n 
1 103 THR n 
1 104 VAL n 
1 105 CYS n 
1 106 PRO n 
1 107 GLY n 
1 108 CYS n 
1 109 ALA n 
1 110 THR n 
1 111 ALA n 
1 112 THR n 
1 113 GLU n 
1 114 ALA n 
1 115 PHE n 
1 116 THR n 
1 117 ALA n 
1 118 LEU n 
1 119 GLU n 
1 120 ALA n 
1 121 GLY n 
1 122 ALA n 
1 123 GLN n 
1 124 ALA n 
1 125 LEU n 
1 126 LYS n 
1 127 ILE n 
1 128 PHE n 
1 129 PRO n 
1 130 SER n 
1 131 SER n 
1 132 ALA n 
1 133 PHE n 
1 134 GLY n 
1 135 PRO n 
1 136 GLN n 
1 137 TYR n 
1 138 ILE n 
1 139 LYS n 
1 140 ALA n 
1 141 LEU n 
1 142 LYS n 
1 143 ALA n 
1 144 VAL n 
1 145 LEU n 
1 146 PRO n 
1 147 SER n 
1 148 ASP n 
1 149 ILE n 
1 150 ALA n 
1 151 VAL n 
1 152 PHE n 
1 153 ALA n 
1 154 VAL n 
1 155 GLY n 
1 156 GLY n 
1 157 VAL n 
1 158 THR n 
1 159 PRO n 
1 160 GLU n 
1 161 ASN n 
1 162 LEU n 
1 163 ALA n 
1 164 GLN n 
1 165 TRP n 
1 166 ILE n 
1 167 ASP n 
1 168 ALA n 
1 169 GLY n 
1 170 CYS n 
1 171 ALA n 
1 172 GLY n 
1 173 ALA n 
1 174 GLY n 
1 175 LEU n 
1 176 GLY n 
1 177 SER n 
1 178 ASP n 
1 179 LEU n 
1 180 TYR n 
1 181 ARG n 
1 182 ALA n 
1 183 GLY n 
1 184 GLN n 
1 185 SER n 
1 186 VAL n 
1 187 GLU n 
1 188 ARG n 
1 189 THR n 
1 190 ALA n 
1 191 GLN n 
1 192 GLN n 
1 193 ALA n 
1 194 ALA n 
1 195 ALA n 
1 196 PHE n 
1 197 VAL n 
1 198 LYS n 
1 199 ALA n 
1 200 TYR n 
1 201 ARG n 
1 202 GLU n 
1 203 ALA n 
1 204 VAL n 
1 205 GLN n 
1 206 LEU n 
1 207 HIS n 
1 208 HIS n 
1 209 HIS n 
1 210 HIS n 
1 211 HIS n 
1 212 HIS n 
# 
_entity_src_gen.entity_id                          1 
_entity_src_gen.pdbx_src_id                        1 
_entity_src_gen.pdbx_alt_source_flag               sample 
_entity_src_gen.pdbx_seq_type                      ? 
_entity_src_gen.pdbx_beg_seq_num                   ? 
_entity_src_gen.pdbx_end_seq_num                   ? 
_entity_src_gen.gene_src_common_name               ? 
_entity_src_gen.gene_src_genus                     ? 
_entity_src_gen.pdbx_gene_src_gene                 ? 
_entity_src_gen.gene_src_species                   ? 
_entity_src_gen.gene_src_strain                    ? 
_entity_src_gen.gene_src_tissue                    ? 
_entity_src_gen.gene_src_tissue_fraction           ? 
_entity_src_gen.gene_src_details                   ? 
_entity_src_gen.pdbx_gene_src_fragment             ? 
_entity_src_gen.pdbx_gene_src_scientific_name      'ESCHERICHIA COLI' 
_entity_src_gen.pdbx_gene_src_ncbi_taxonomy_id     562 
_entity_src_gen.pdbx_gene_src_variant              ? 
_entity_src_gen.pdbx_gene_src_cell_line            ? 
_entity_src_gen.pdbx_gene_src_atcc                 ? 
_entity_src_gen.pdbx_gene_src_organ                ? 
_entity_src_gen.pdbx_gene_src_organelle            ? 
_entity_src_gen.pdbx_gene_src_cell                 ? 
_entity_src_gen.pdbx_gene_src_cellular_location    ? 
_entity_src_gen.host_org_common_name               ? 
_entity_src_gen.pdbx_host_org_scientific_name      'ESCHERICHIA COLI' 
_entity_src_gen.pdbx_host_org_ncbi_taxonomy_id     562 
_entity_src_gen.host_org_genus                     ? 
_entity_src_gen.pdbx_host_org_gene                 ? 
_entity_src_gen.pdbx_host_org_organ                ? 
_entity_src_gen.host_org_species                   ? 
_entity_src_gen.pdbx_host_org_tissue               ? 
_entity_src_gen.pdbx_host_org_tissue_fraction      ? 
_entity_src_gen.pdbx_host_org_strain               ? 
_entity_src_gen.pdbx_host_org_variant              ? 
_entity_src_gen.pdbx_host_org_cell_line            ? 
_entity_src_gen.pdbx_host_org_atcc                 ? 
_entity_src_gen.pdbx_host_org_culture_collection   ? 
_entity_src_gen.pdbx_host_org_cell                 ? 
_entity_src_gen.pdbx_host_org_organelle            ? 
_entity_src_gen.pdbx_host_org_cellular_location    ? 
_entity_src_gen.pdbx_host_org_vector_type          ? 
_entity_src_gen.pdbx_host_org_vector               ? 
_entity_src_gen.host_org_details                   ? 
_entity_src_gen.expression_system_id               ? 
_entity_src_gen.plasmid_name                       ? 
_entity_src_gen.plasmid_details                    ? 
_entity_src_gen.pdbx_description                   ? 
# 
loop_
_chem_comp.id 
_chem_comp.type 
_chem_comp.mon_nstd_flag 
_chem_comp.name 
_chem_comp.pdbx_synonyms 
_chem_comp.formula 
_chem_comp.formula_weight 
ALA 'L-peptide linking' y ALANINE                ? 'C3 H7 N O2'     89.093  
ARG 'L-peptide linking' y ARGININE               ? 'C6 H15 N4 O2 1' 175.209 
ASN 'L-peptide linking' y ASPARAGINE             ? 'C4 H8 N2 O3'    132.118 
ASP 'L-peptide linking' y 'ASPARTIC ACID'        ? 'C4 H7 N O4'     133.103 
CYS 'L-peptide linking' y CYSTEINE               ? 'C3 H7 N O2 S'   121.158 
GLN 'L-peptide linking' y GLUTAMINE              ? 'C5 H10 N2 O3'   146.144 
GLU 'L-peptide linking' y 'GLUTAMIC ACID'        ? 'C5 H9 N O4'     147.129 
GLY 'peptide linking'   y GLYCINE                ? 'C2 H5 N O2'     75.067  
HIS 'L-peptide linking' y HISTIDINE              ? 'C6 H10 N3 O2 1' 156.162 
HOH non-polymer         . WATER                  ? 'H2 O'           18.015  
ILE 'L-peptide linking' y ISOLEUCINE             ? 'C6 H13 N O2'    131.173 
KDP non-polymer         . 2-KETO-DEOXY-GALACTOSE ? 'C6 H11 O9 P'    258.120 
LEU 'L-peptide linking' y LEUCINE                ? 'C6 H13 N O2'    131.173 
LYS 'L-peptide linking' y LYSINE                 ? 'C6 H15 N2 O2 1' 147.195 
MSE 'L-peptide linking' n SELENOMETHIONINE       ? 'C5 H11 N O2 Se' 196.106 
PHE 'L-peptide linking' y PHENYLALANINE          ? 'C9 H11 N O2'    165.189 
PRO 'L-peptide linking' y PROLINE                ? 'C5 H9 N O2'     115.130 
SER 'L-peptide linking' y SERINE                 ? 'C3 H7 N O3'     105.093 
THR 'L-peptide linking' y THREONINE              ? 'C4 H9 N O3'     119.119 
TRP 'L-peptide linking' y TRYPTOPHAN             ? 'C11 H12 N2 O2'  204.225 
TYR 'L-peptide linking' y TYROSINE               ? 'C9 H11 N O3'    181.189 
VAL 'L-peptide linking' y VALINE                 ? 'C5 H11 N O2'    117.146 
# 
loop_
_pdbx_poly_seq_scheme.asym_id 
_pdbx_poly_seq_scheme.entity_id 
_pdbx_poly_seq_scheme.seq_id 
_pdbx_poly_seq_scheme.mon_id 
_pdbx_poly_seq_scheme.ndb_seq_num 
_pdbx_poly_seq_scheme.pdb_seq_num 
_pdbx_poly_seq_scheme.auth_seq_num 
_pdbx_poly_seq_scheme.pdb_mon_id 
_pdbx_poly_seq_scheme.auth_mon_id 
_pdbx_poly_seq_scheme.pdb_strand_id 
_pdbx_poly_seq_scheme.pdb_ins_code 
_pdbx_poly_seq_scheme.hetero 
A 1 1   MSE 1   1   ?   ?   ?   A . n 
A 1 2   GLN 2   2   2   GLN GLN A . n 
A 1 3   TRP 3   3   3   TRP TRP A . n 
A 1 4   GLN 4   4   4   GLN GLN A . n 
A 1 5   THR 5   5   5   THR THR A . n 
A 1 6   LYS 6   6   6   LYS LYS A . n 
A 1 7   LEU 7   7   7   LEU LEU A . n 
A 1 8   PRO 8   8   8   PRO PRO A . n 
A 1 9   LEU 9   9   9   LEU LEU A . n 
A 1 10  ILE 10  10  10  ILE ILE A . n 
A 1 11  ALA 11  11  11  ALA ALA A . n 
A 1 12  ILE 12  12  12  ILE ILE A . n 
A 1 13  LEU 13  13  13  LEU LEU A . n 
A 1 14  ARG 14  14  14  ARG ARG A . n 
A 1 15  GLY 15  15  15  GLY GLY A . n 
A 1 16  ILE 16  16  16  ILE ILE A . n 
A 1 17  THR 17  17  17  THR THR A . n 
A 1 18  PRO 18  18  18  PRO PRO A . n 
A 1 19  ASP 19  19  19  ASP ASP A . n 
A 1 20  GLU 20  20  20  GLU GLU A . n 
A 1 21  ALA 21  21  21  ALA ALA A . n 
A 1 22  LEU 22  22  22  LEU LEU A . n 
A 1 23  ALA 23  23  23  ALA ALA A . n 
A 1 24  HIS 24  24  24  HIS HIS A . n 
A 1 25  VAL 25  25  25  VAL VAL A . n 
A 1 26  GLY 26  26  26  GLY GLY A . n 
A 1 27  ALA 27  27  27  ALA ALA A . n 
A 1 28  VAL 28  28  28  VAL VAL A . n 
A 1 29  ILE 29  29  29  ILE ILE A . n 
A 1 30  ASP 30  30  30  ASP ASP A . n 
A 1 31  ALA 31  31  31  ALA ALA A . n 
A 1 32  GLY 32  32  32  GLY GLY A . n 
A 1 33  PHE 33  33  33  PHE PHE A . n 
A 1 34  ASP 34  34  34  ASP ASP A . n 
A 1 35  ALA 35  35  35  ALA ALA A . n 
A 1 36  VAL 36  36  36  VAL VAL A . n 
A 1 37  GLU 37  37  37  GLU GLU A . n 
A 1 38  ILE 38  38  38  ILE ILE A . n 
A 1 39  PRO 39  39  39  PRO PRO A . n 
A 1 40  LEU 40  40  40  LEU LEU A . n 
A 1 41  ASN 41  41  41  ASN ASN A . n 
A 1 42  SER 42  42  42  SER SER A . n 
A 1 43  PRO 43  43  43  PRO PRO A . n 
A 1 44  GLN 44  44  44  GLN GLN A . n 
A 1 45  TRP 45  45  45  TRP TRP A . n 
A 1 46  GLU 46  46  46  GLU GLU A . n 
A 1 47  GLN 47  47  47  GLN GLN A . n 
A 1 48  SER 48  48  48  SER SER A . n 
A 1 49  ILE 49  49  49  ILE ILE A . n 
A 1 50  PRO 50  50  50  PRO PRO A . n 
A 1 51  ALA 51  51  51  ALA ALA A . n 
A 1 52  ILE 52  52  52  ILE ILE A . n 
A 1 53  VAL 53  53  53  VAL VAL A . n 
A 1 54  ASP 54  54  54  ASP ASP A . n 
A 1 55  ALA 55  55  55  ALA ALA A . n 
A 1 56  TYR 56  56  56  TYR TYR A . n 
A 1 57  GLY 57  57  57  GLY GLY A . n 
A 1 58  ASP 58  58  58  ASP ASP A . n 
A 1 59  LYS 59  59  59  LYS LYS A . n 
A 1 60  ALA 60  60  60  ALA ALA A . n 
A 1 61  LEU 61  61  61  LEU LEU A . n 
A 1 62  ILE 62  62  62  ILE ILE A . n 
A 1 63  GLY 63  63  63  GLY GLY A . n 
A 1 64  ALA 64  64  64  ALA ALA A . n 
A 1 65  GLY 65  65  65  GLY GLY A . n 
A 1 66  THR 66  66  66  THR THR A . n 
A 1 67  VAL 67  67  67  VAL VAL A . n 
A 1 68  LEU 68  68  68  LEU LEU A . n 
A 1 69  LYS 69  69  69  LYS LYS A . n 
A 1 70  PRO 70  70  70  PRO PRO A . n 
A 1 71  GLU 71  71  71  GLU GLU A . n 
A 1 72  GLN 72  72  72  GLN GLN A . n 
A 1 73  VAL 73  73  73  VAL VAL A . n 
A 1 74  ASP 74  74  74  ASP ASP A . n 
A 1 75  ALA 75  75  75  ALA ALA A . n 
A 1 76  LEU 76  76  76  LEU LEU A . n 
A 1 77  ALA 77  77  77  ALA ALA A . n 
A 1 78  ARG 78  78  78  ARG ARG A . n 
A 1 79  MSE 79  79  79  MSE MSE A . n 
A 1 80  GLY 80  80  80  GLY GLY A . n 
A 1 81  CYS 81  81  81  CYS CYS A . n 
A 1 82  GLN 82  82  82  GLN GLN A . n 
A 1 83  LEU 83  83  83  LEU LEU A . n 
A 1 84  ILE 84  84  84  ILE ILE A . n 
A 1 85  VAL 85  85  85  VAL VAL A . n 
A 1 86  THR 86  86  86  THR THR A . n 
A 1 87  PRO 87  87  87  PRO PRO A . n 
A 1 88  ASN 88  88  88  ASN ASN A . n 
A 1 89  ILE 89  89  89  ILE ILE A . n 
A 1 90  HIS 90  90  90  HIS HIS A . n 
A 1 91  SER 91  91  91  SER SER A . n 
A 1 92  GLU 92  92  92  GLU GLU A . n 
A 1 93  VAL 93  93  93  VAL VAL A . n 
A 1 94  ILE 94  94  94  ILE ILE A . n 
A 1 95  ARG 95  95  95  ARG ARG A . n 
A 1 96  ARG 96  96  96  ARG ARG A . n 
A 1 97  ALA 97  97  97  ALA ALA A . n 
A 1 98  VAL 98  98  98  VAL VAL A . n 
A 1 99  GLY 99  99  99  GLY GLY A . n 
A 1 100 TYR 100 100 100 TYR TYR A . n 
A 1 101 GLY 101 101 101 GLY GLY A . n 
A 1 102 MSE 102 102 102 MSE MSE A . n 
A 1 103 THR 103 103 103 THR THR A . n 
A 1 104 VAL 104 104 104 VAL VAL A . n 
A 1 105 CYS 105 105 105 CYS CYS A . n 
A 1 106 PRO 106 106 106 PRO PRO A . n 
A 1 107 GLY 107 107 107 GLY GLY A . n 
A 1 108 CYS 108 108 108 CYS CYS A . n 
A 1 109 ALA 109 109 109 ALA ALA A . n 
A 1 110 THR 110 110 110 THR THR A . n 
A 1 111 ALA 111 111 111 ALA ALA A . n 
A 1 112 THR 112 112 112 THR THR A . n 
A 1 113 GLU 113 113 113 GLU GLU A . n 
A 1 114 ALA 114 114 114 ALA ALA A . n 
A 1 115 PHE 115 115 115 PHE PHE A . n 
A 1 116 THR 116 116 116 THR THR A . n 
A 1 117 ALA 117 117 117 ALA ALA A . n 
A 1 118 LEU 118 118 118 LEU LEU A . n 
A 1 119 GLU 119 119 119 GLU GLU A . n 
A 1 120 ALA 120 120 120 ALA ALA A . n 
A 1 121 GLY 121 121 121 GLY GLY A . n 
A 1 122 ALA 122 122 122 ALA ALA A . n 
A 1 123 GLN 123 123 123 GLN GLN A . n 
A 1 124 ALA 124 124 124 ALA ALA A . n 
A 1 125 LEU 125 125 125 LEU LEU A . n 
A 1 126 LYS 126 126 126 LYS LYS A . n 
A 1 127 ILE 127 127 127 ILE ILE A . n 
A 1 128 PHE 128 128 128 PHE PHE A . n 
A 1 129 PRO 129 129 129 PRO PRO A . n 
A 1 130 SER 130 130 130 SER SER A . n 
A 1 131 SER 131 131 131 SER SER A . n 
A 1 132 ALA 132 132 132 ALA ALA A . n 
A 1 133 PHE 133 133 133 PHE PHE A . n 
A 1 134 GLY 134 134 134 GLY GLY A . n 
A 1 135 PRO 135 135 135 PRO PRO A . n 
A 1 136 GLN 136 136 136 GLN GLN A . n 
A 1 137 TYR 137 137 137 TYR TYR A . n 
A 1 138 ILE 138 138 138 ILE ILE A . n 
A 1 139 LYS 139 139 139 LYS LYS A . n 
A 1 140 ALA 140 140 140 ALA ALA A . n 
A 1 141 LEU 141 141 141 LEU LEU A . n 
A 1 142 LYS 142 142 142 LYS LYS A . n 
A 1 143 ALA 143 143 143 ALA ALA A . n 
A 1 144 VAL 144 144 144 VAL VAL A . n 
A 1 145 LEU 145 145 145 LEU LEU A . n 
A 1 146 PRO 146 146 146 PRO PRO A . n 
A 1 147 SER 147 147 147 SER SER A . n 
A 1 148 ASP 148 148 148 ASP ASP A . n 
A 1 149 ILE 149 149 149 ILE ILE A . n 
A 1 150 ALA 150 150 150 ALA ALA A . n 
A 1 151 VAL 151 151 151 VAL VAL A . n 
A 1 152 PHE 152 152 152 PHE PHE A . n 
A 1 153 ALA 153 153 153 ALA ALA A . n 
A 1 154 VAL 154 154 154 VAL VAL A . n 
A 1 155 GLY 155 155 155 GLY GLY A . n 
A 1 156 GLY 156 156 156 GLY GLY A . n 
A 1 157 VAL 157 157 157 VAL VAL A . n 
A 1 158 THR 158 158 158 THR THR A . n 
A 1 159 PRO 159 159 159 PRO PRO A . n 
A 1 160 GLU 160 160 160 GLU GLU A . n 
A 1 161 ASN 161 161 161 ASN ASN A . n 
A 1 162 LEU 162 162 162 LEU LEU A . n 
A 1 163 ALA 163 163 163 ALA ALA A . n 
A 1 164 GLN 164 164 164 GLN GLN A . n 
A 1 165 TRP 165 165 165 TRP TRP A . n 
A 1 166 ILE 166 166 166 ILE ILE A . n 
A 1 167 ASP 167 167 167 ASP ASP A . n 
A 1 168 ALA 168 168 168 ALA ALA A . n 
A 1 169 GLY 169 169 169 GLY GLY A . n 
A 1 170 CYS 170 170 170 CYS CYS A . n 
A 1 171 ALA 171 171 171 ALA ALA A . n 
A 1 172 GLY 172 172 172 GLY GLY A . n 
A 1 173 ALA 173 173 173 ALA ALA A . n 
A 1 174 GLY 174 174 174 GLY GLY A . n 
A 1 175 LEU 175 175 175 LEU LEU A . n 
A 1 176 GLY 176 176 176 GLY GLY A . n 
A 1 177 SER 177 177 177 SER SER A . n 
A 1 178 ASP 178 178 178 ASP ASP A . n 
A 1 179 LEU 179 179 179 LEU LEU A . n 
A 1 180 TYR 180 180 180 TYR TYR A . n 
A 1 181 ARG 181 181 181 ARG ARG A . n 
A 1 182 ALA 182 182 182 ALA ALA A . n 
A 1 183 GLY 183 183 183 GLY GLY A . n 
A 1 184 GLN 184 184 184 GLN GLN A . n 
A 1 185 SER 185 185 185 SER SER A . n 
A 1 186 VAL 186 186 186 VAL VAL A . n 
A 1 187 GLU 187 187 187 GLU GLU A . n 
A 1 188 ARG 188 188 188 ARG ARG A . n 
A 1 189 THR 189 189 189 THR THR A . n 
A 1 190 ALA 190 190 190 ALA ALA A . n 
A 1 191 GLN 191 191 191 GLN GLN A . n 
A 1 192 GLN 192 192 192 GLN GLN A . n 
A 1 193 ALA 193 193 193 ALA ALA A . n 
A 1 194 ALA 194 194 194 ALA ALA A . n 
A 1 195 ALA 195 195 195 ALA ALA A . n 
A 1 196 PHE 196 196 196 PHE PHE A . n 
A 1 197 VAL 197 197 197 VAL VAL A . n 
A 1 198 LYS 198 198 198 LYS LYS A . n 
A 1 199 ALA 199 199 199 ALA ALA A . n 
A 1 200 TYR 200 200 200 TYR TYR A . n 
A 1 201 ARG 201 201 201 ARG ARG A . n 
A 1 202 GLU 202 202 202 GLU GLU A . n 
A 1 203 ALA 203 203 203 ALA ALA A . n 
A 1 204 VAL 204 204 204 VAL VAL A . n 
A 1 205 GLN 205 205 205 GLN GLN A . n 
A 1 206 LEU 206 206 206 LEU LEU A . n 
A 1 207 HIS 207 207 207 HIS HIS A . n 
A 1 208 HIS 208 208 ?   ?   ?   A . n 
A 1 209 HIS 209 209 ?   ?   ?   A . n 
A 1 210 HIS 210 210 ?   ?   ?   A . n 
A 1 211 HIS 211 211 ?   ?   ?   A . n 
A 1 212 HIS 212 212 ?   ?   ?   A . n 
# 
loop_
_pdbx_nonpoly_scheme.asym_id 
_pdbx_nonpoly_scheme.entity_id 
_pdbx_nonpoly_scheme.mon_id 
_pdbx_nonpoly_scheme.ndb_seq_num 
_pdbx_nonpoly_scheme.pdb_seq_num 
_pdbx_nonpoly_scheme.auth_seq_num 
_pdbx_nonpoly_scheme.pdb_mon_id 
_pdbx_nonpoly_scheme.auth_mon_id 
_pdbx_nonpoly_scheme.pdb_strand_id 
_pdbx_nonpoly_scheme.pdb_ins_code 
B 2 KDP 1  1207 1207 KDP KDP A . 
C 3 HOH 1  2001 2001 HOH HOH A . 
C 3 HOH 2  2002 2002 HOH HOH A . 
C 3 HOH 3  2003 2003 HOH HOH A . 
C 3 HOH 4  2004 2004 HOH HOH A . 
C 3 HOH 5  2005 2005 HOH HOH A . 
C 3 HOH 6  2006 2006 HOH HOH A . 
C 3 HOH 7  2007 2007 HOH HOH A . 
C 3 HOH 8  2008 2008 HOH HOH A . 
C 3 HOH 9  2009 2009 HOH HOH A . 
C 3 HOH 10 2010 2010 HOH HOH A . 
C 3 HOH 11 2011 2011 HOH HOH A . 
C 3 HOH 12 2012 2012 HOH HOH A . 
C 3 HOH 13 2013 2013 HOH HOH A . 
C 3 HOH 14 2014 2014 HOH HOH A . 
C 3 HOH 15 2015 2015 HOH HOH A . 
C 3 HOH 16 2016 2016 HOH HOH A . 
C 3 HOH 17 2017 2017 HOH HOH A . 
C 3 HOH 18 2018 2018 HOH HOH A . 
C 3 HOH 19 2019 2019 HOH HOH A . 
C 3 HOH 20 2020 2020 HOH HOH A . 
C 3 HOH 21 2021 2021 HOH HOH A . 
C 3 HOH 22 2022 2022 HOH HOH A . 
C 3 HOH 23 2023 2023 HOH HOH A . 
C 3 HOH 24 2024 2024 HOH HOH A . 
C 3 HOH 25 2025 2025 HOH HOH A . 
C 3 HOH 26 2026 2026 HOH HOH A . 
C 3 HOH 27 2027 2027 HOH HOH A . 
C 3 HOH 28 2028 2028 HOH HOH A . 
C 3 HOH 29 2029 2029 HOH HOH A . 
C 3 HOH 30 2030 2030 HOH HOH A . 
C 3 HOH 31 2031 2031 HOH HOH A . 
C 3 HOH 32 2032 2032 HOH HOH A . 
C 3 HOH 33 2033 2033 HOH HOH A . 
C 3 HOH 34 2034 2034 HOH HOH A . 
C 3 HOH 35 2035 2035 HOH HOH A . 
C 3 HOH 36 2036 2036 HOH HOH A . 
C 3 HOH 37 2037 2037 HOH HOH A . 
C 3 HOH 38 2038 2038 HOH HOH A . 
C 3 HOH 39 2039 2039 HOH HOH A . 
C 3 HOH 40 2040 2040 HOH HOH A . 
C 3 HOH 41 2041 2041 HOH HOH A . 
C 3 HOH 42 2042 2042 HOH HOH A . 
C 3 HOH 43 2043 2043 HOH HOH A . 
C 3 HOH 44 2044 2044 HOH HOH A . 
C 3 HOH 45 2045 2045 HOH HOH A . 
C 3 HOH 46 2046 2046 HOH HOH A . 
C 3 HOH 47 2047 2047 HOH HOH A . 
C 3 HOH 48 2048 2048 HOH HOH A . 
C 3 HOH 49 2049 2049 HOH HOH A . 
C 3 HOH 50 2050 2050 HOH HOH A . 
C 3 HOH 51 2051 2051 HOH HOH A . 
C 3 HOH 52 2052 2052 HOH HOH A . 
C 3 HOH 53 2053 2053 HOH HOH A . 
C 3 HOH 54 2054 2054 HOH HOH A . 
C 3 HOH 55 2055 2055 HOH HOH A . 
C 3 HOH 56 2056 2056 HOH HOH A . 
C 3 HOH 57 2057 2057 HOH HOH A . 
C 3 HOH 58 2058 2058 HOH HOH A . 
C 3 HOH 59 2059 2059 HOH HOH A . 
C 3 HOH 60 2060 2060 HOH HOH A . 
C 3 HOH 61 2061 2061 HOH HOH A . 
# 
loop_
_pdbx_unobs_or_zero_occ_atoms.id 
_pdbx_unobs_or_zero_occ_atoms.PDB_model_num 
_pdbx_unobs_or_zero_occ_atoms.polymer_flag 
_pdbx_unobs_or_zero_occ_atoms.occupancy_flag 
_pdbx_unobs_or_zero_occ_atoms.auth_asym_id 
_pdbx_unobs_or_zero_occ_atoms.auth_comp_id 
_pdbx_unobs_or_zero_occ_atoms.auth_seq_id 
_pdbx_unobs_or_zero_occ_atoms.PDB_ins_code 
_pdbx_unobs_or_zero_occ_atoms.auth_atom_id 
_pdbx_unobs_or_zero_occ_atoms.label_alt_id 
_pdbx_unobs_or_zero_occ_atoms.label_asym_id 
_pdbx_unobs_or_zero_occ_atoms.label_comp_id 
_pdbx_unobs_or_zero_occ_atoms.label_seq_id 
_pdbx_unobs_or_zero_occ_atoms.label_atom_id 
1 1 Y 1 A HIS 207 ? CA  ? A HIS 207 CA  
2 1 Y 1 A HIS 207 ? C   ? A HIS 207 C   
3 1 Y 1 A HIS 207 ? O   ? A HIS 207 O   
4 1 Y 1 A HIS 207 ? CB  ? A HIS 207 CB  
5 1 Y 1 A HIS 207 ? CG  ? A HIS 207 CG  
6 1 Y 1 A HIS 207 ? ND1 ? A HIS 207 ND1 
7 1 Y 1 A HIS 207 ? CD2 ? A HIS 207 CD2 
8 1 Y 1 A HIS 207 ? CE1 ? A HIS 207 CE1 
9 1 Y 1 A HIS 207 ? NE2 ? A HIS 207 NE2 
# 
loop_
_software.name 
_software.classification 
_software.version 
_software.citation_id 
_software.pdbx_ordinal 
REFMAC refinement       5.2.0019 ? 1 
MOSFLM 'data reduction' .        ? 2 
SCALA  'data scaling'   .        ? 3 
# 
_cell.entry_id           2V82 
_cell.length_a           104.600 
_cell.length_b           104.600 
_cell.length_c           74.210 
_cell.angle_alpha        90.00 
_cell.angle_beta         90.00 
_cell.angle_gamma        120.00 
_cell.Z_PDB              9 
_cell.pdbx_unique_axis   ? 
# 
_symmetry.entry_id                         2V82 
_symmetry.space_group_name_H-M             'H 3' 
_symmetry.pdbx_full_space_group_name_H-M   ? 
_symmetry.cell_setting                     ? 
_symmetry.Int_Tables_number                146 
# 
_exptl.entry_id          2V82 
_exptl.method            'X-RAY DIFFRACTION' 
_exptl.crystals_number   1 
# 
_exptl_crystal.id                    1 
_exptl_crystal.density_meas          ? 
_exptl_crystal.density_Matthews      3.52 
_exptl_crystal.density_percent_sol   64.81 
_exptl_crystal.description           NONE 
# 
_exptl_crystal_grow.crystal_id      1 
_exptl_crystal_grow.method          ? 
_exptl_crystal_grow.temp            ? 
_exptl_crystal_grow.temp_details    ? 
_exptl_crystal_grow.pH              6 
_exptl_crystal_grow.pdbx_pH_range   ? 
_exptl_crystal_grow.pdbx_details    'pH 6' 
# 
_diffrn.id                     1 
_diffrn.ambient_temp           100 
_diffrn.ambient_temp_details   ? 
_diffrn.crystal_id             1 
# 
_diffrn_detector.diffrn_id              1 
_diffrn_detector.detector               CCD 
_diffrn_detector.type                   'ADSC CCD' 
_diffrn_detector.pdbx_collection_date   ? 
_diffrn_detector.details                ? 
# 
_diffrn_radiation.diffrn_id                        1 
_diffrn_radiation.wavelength_id                    1 
_diffrn_radiation.pdbx_monochromatic_or_laue_m_l   M 
_diffrn_radiation.monochromator                    ? 
_diffrn_radiation.pdbx_diffrn_protocol             'SINGLE WAVELENGTH' 
_diffrn_radiation.pdbx_scattering_type             x-ray 
# 
_diffrn_radiation_wavelength.id           1 
_diffrn_radiation_wavelength.wavelength   0.979 
_diffrn_radiation_wavelength.wt           1.0 
# 
_diffrn_source.diffrn_id                   1 
_diffrn_source.source                      SYNCHROTRON 
_diffrn_source.type                        'ESRF BEAMLINE BM14' 
_diffrn_source.pdbx_synchrotron_site       ESRF 
_diffrn_source.pdbx_synchrotron_beamline   BM14 
_diffrn_source.pdbx_wavelength             0.979 
_diffrn_source.pdbx_wavelength_list        ? 
# 
_reflns.pdbx_diffrn_id               1 
_reflns.pdbx_ordinal                 1 
_reflns.entry_id                     2V82 
_reflns.observed_criterion_sigma_I   0.0 
_reflns.observed_criterion_sigma_F   ? 
_reflns.d_resolution_low             50.00 
_reflns.d_resolution_high            2.10 
_reflns.number_obs                   17654 
_reflns.number_all                   ? 
_reflns.percent_possible_obs         99.9 
_reflns.pdbx_Rmerge_I_obs            0.06 
_reflns.pdbx_Rsym_value              ? 
_reflns.pdbx_netI_over_sigmaI        20.00 
_reflns.B_iso_Wilson_estimate        ? 
_reflns.pdbx_redundancy              4.2 
# 
_reflns_shell.pdbx_diffrn_id         1 
_reflns_shell.pdbx_ordinal           1 
_reflns_shell.d_res_high             2.10 
_reflns_shell.d_res_low              2.20 
_reflns_shell.percent_possible_all   100.0 
_reflns_shell.Rmerge_I_obs           0.36 
_reflns_shell.pdbx_Rsym_value        ? 
_reflns_shell.meanI_over_sigI_obs    5.00 
_reflns_shell.pdbx_redundancy        4.0 
# 
_refine.pdbx_refine_id                           'X-RAY DIFFRACTION' 
_refine.entry_id                                 2V82 
_refine.pdbx_diffrn_id                           1 
_refine.pdbx_TLS_residual_ADP_flag               'LIKELY RESIDUAL' 
_refine.ls_number_reflns_obs                     16789 
_refine.ls_number_reflns_all                     ? 
_refine.pdbx_ls_sigma_I                          ? 
_refine.pdbx_ls_sigma_F                          ? 
_refine.pdbx_data_cutoff_high_absF               ? 
_refine.pdbx_data_cutoff_low_absF                ? 
_refine.pdbx_data_cutoff_high_rms_absF           ? 
_refine.ls_d_res_low                             52.27 
_refine.ls_d_res_high                            2.10 
_refine.ls_percent_reflns_obs                    99.9 
_refine.ls_R_factor_obs                          0.216 
_refine.ls_R_factor_all                          ? 
_refine.ls_R_factor_R_work                       0.215 
_refine.ls_R_factor_R_free                       0.247 
_refine.ls_R_factor_R_free_error                 ? 
_refine.ls_R_factor_R_free_error_details         ? 
_refine.ls_percent_reflns_R_free                 4.900 
_refine.ls_number_reflns_R_free                  863 
_refine.ls_number_parameters                     ? 
_refine.ls_number_restraints                     ? 
_refine.occupancy_min                            ? 
_refine.occupancy_max                            ? 
_refine.correlation_coeff_Fo_to_Fc               0.926 
_refine.correlation_coeff_Fo_to_Fc_free          0.902 
_refine.B_iso_mean                               35.49 
_refine.aniso_B[1][1]                            0.31000 
_refine.aniso_B[2][2]                            0.31000 
_refine.aniso_B[3][3]                            -0.47000 
_refine.aniso_B[1][2]                            0.16000 
_refine.aniso_B[1][3]                            0.00000 
_refine.aniso_B[2][3]                            0.00000 
_refine.solvent_model_details                    'BABINET MODEL WITH MASK' 
_refine.solvent_model_param_ksol                 ? 
_refine.solvent_model_param_bsol                 ? 
_refine.pdbx_solvent_vdw_probe_radii             1.20 
_refine.pdbx_solvent_ion_probe_radii             0.80 
_refine.pdbx_solvent_shrinkage_radii             0.80 
_refine.pdbx_ls_cross_valid_method               THROUGHOUT 
_refine.details                                  'HYDROGENS HAVE BEEN ADDED IN THE RIDING POSITIONS.' 
_refine.pdbx_starting_model                      'PDB ENTRY 2V81' 
_refine.pdbx_method_to_determine_struct          'MOLECULAR REPLACEMENT' 
_refine.pdbx_isotropic_thermal_model             ? 
_refine.pdbx_stereochemistry_target_values       'MAXIMUM LIKELIHOOD' 
_refine.pdbx_stereochem_target_val_spec_case     ? 
_refine.pdbx_R_Free_selection_details            RANDOM 
_refine.pdbx_overall_ESU_R                       0.179 
_refine.pdbx_overall_ESU_R_Free                  0.162 
_refine.overall_SU_ML                            0.125 
_refine.pdbx_overall_phase_error                 ? 
_refine.overall_SU_B                             9.321 
_refine.overall_SU_R_Cruickshank_DPI             ? 
_refine.pdbx_overall_SU_R_free_Cruickshank_DPI   ? 
_refine.pdbx_overall_SU_R_Blow_DPI               ? 
_refine.pdbx_overall_SU_R_free_Blow_DPI          ? 
# 
_refine_hist.pdbx_refine_id                   'X-RAY DIFFRACTION' 
_refine_hist.cycle_id                         LAST 
_refine_hist.pdbx_number_atoms_protein        1505 
_refine_hist.pdbx_number_atoms_nucleic_acid   0 
_refine_hist.pdbx_number_atoms_ligand         15 
_refine_hist.number_atoms_solvent             61 
_refine_hist.number_atoms_total               1581 
_refine_hist.d_res_high                       2.10 
_refine_hist.d_res_low                        52.27 
# 
loop_
_refine_ls_restr.type 
_refine_ls_restr.dev_ideal 
_refine_ls_restr.dev_ideal_target 
_refine_ls_restr.weight 
_refine_ls_restr.number 
_refine_ls_restr.pdbx_refine_id 
_refine_ls_restr.pdbx_restraint_function 
r_bond_refined_d             0.011  0.022  ? 1554 'X-RAY DIFFRACTION' ? 
r_bond_other_d               ?      ?      ? ?    'X-RAY DIFFRACTION' ? 
r_angle_refined_deg          1.265  1.974  ? 2125 'X-RAY DIFFRACTION' ? 
r_angle_other_deg            ?      ?      ? ?    'X-RAY DIFFRACTION' ? 
r_dihedral_angle_1_deg       5.618  5.000  ? 206  'X-RAY DIFFRACTION' ? 
r_dihedral_angle_2_deg       34.800 24.828 ? 58   'X-RAY DIFFRACTION' ? 
r_dihedral_angle_3_deg       14.887 15.000 ? 233  'X-RAY DIFFRACTION' ? 
r_dihedral_angle_4_deg       10.925 15.000 ? 7    'X-RAY DIFFRACTION' ? 
r_chiral_restr               0.083  0.200  ? 249  'X-RAY DIFFRACTION' ? 
r_gen_planes_refined         0.004  0.020  ? 1180 'X-RAY DIFFRACTION' ? 
r_gen_planes_other           ?      ?      ? ?    'X-RAY DIFFRACTION' ? 
r_nbd_refined                0.217  0.200  ? 778  'X-RAY DIFFRACTION' ? 
r_nbd_other                  ?      ?      ? ?    'X-RAY DIFFRACTION' ? 
r_nbtor_refined              0.303  0.200  ? 1084 'X-RAY DIFFRACTION' ? 
r_nbtor_other                ?      ?      ? ?    'X-RAY DIFFRACTION' ? 
r_xyhbond_nbd_refined        0.137  0.200  ? 77   'X-RAY DIFFRACTION' ? 
r_xyhbond_nbd_other          ?      ?      ? ?    'X-RAY DIFFRACTION' ? 
r_metal_ion_refined          ?      ?      ? ?    'X-RAY DIFFRACTION' ? 
r_metal_ion_other            ?      ?      ? ?    'X-RAY DIFFRACTION' ? 
r_symmetry_vdw_refined       0.184  0.200  ? 30   'X-RAY DIFFRACTION' ? 
r_symmetry_vdw_other         ?      ?      ? ?    'X-RAY DIFFRACTION' ? 
r_symmetry_hbond_refined     0.145  0.200  ? 12   'X-RAY DIFFRACTION' ? 
r_symmetry_hbond_other       ?      ?      ? ?    'X-RAY DIFFRACTION' ? 
r_symmetry_metal_ion_refined ?      ?      ? ?    'X-RAY DIFFRACTION' ? 
r_symmetry_metal_ion_other   ?      ?      ? ?    'X-RAY DIFFRACTION' ? 
r_mcbond_it                  0.763  1.500  ? 1042 'X-RAY DIFFRACTION' ? 
r_mcbond_other               ?      ?      ? ?    'X-RAY DIFFRACTION' ? 
r_mcangle_it                 0.998  2.000  ? 1630 'X-RAY DIFFRACTION' ? 
r_mcangle_other              ?      ?      ? ?    'X-RAY DIFFRACTION' ? 
r_scbond_it                  1.602  3.000  ? 581  'X-RAY DIFFRACTION' ? 
r_scbond_other               ?      ?      ? ?    'X-RAY DIFFRACTION' ? 
r_scangle_it                 2.463  4.500  ? 494  'X-RAY DIFFRACTION' ? 
r_scangle_other              ?      ?      ? ?    'X-RAY DIFFRACTION' ? 
r_long_range_B_refined       ?      ?      ? ?    'X-RAY DIFFRACTION' ? 
r_long_range_B_other         ?      ?      ? ?    'X-RAY DIFFRACTION' ? 
r_rigid_bond_restr           ?      ?      ? ?    'X-RAY DIFFRACTION' ? 
r_sphericity_free            ?      ?      ? ?    'X-RAY DIFFRACTION' ? 
r_sphericity_bonded          ?      ?      ? ?    'X-RAY DIFFRACTION' ? 
# 
_refine_ls_shell.pdbx_refine_id                   'X-RAY DIFFRACTION' 
_refine_ls_shell.pdbx_total_number_of_bins_used   20 
_refine_ls_shell.d_res_high                       2.10 
_refine_ls_shell.d_res_low                        2.15 
_refine_ls_shell.number_reflns_R_work             1226 
_refine_ls_shell.R_factor_R_work                  0.2440 
_refine_ls_shell.percent_reflns_obs               ? 
_refine_ls_shell.R_factor_R_free                  0.2540 
_refine_ls_shell.R_factor_R_free_error            ? 
_refine_ls_shell.percent_reflns_R_free            ? 
_refine_ls_shell.number_reflns_R_free             76 
_refine_ls_shell.number_reflns_all                ? 
_refine_ls_shell.R_factor_all                     ? 
# 
_struct.entry_id                  2V82 
_struct.title                     'KDPGal complexed to KDPGal' 
_struct.pdbx_model_details        ? 
_struct.pdbx_CASP_flag            ? 
_struct.pdbx_model_type_details   ? 
# 
_struct_keywords.entry_id        2V82 
_struct_keywords.pdbx_keywords   LYASE 
_struct_keywords.text            'LYASE, KDPGAL, ALDOLASE' 
# 
loop_
_struct_asym.id 
_struct_asym.pdbx_blank_PDB_chainid_flag 
_struct_asym.pdbx_modified 
_struct_asym.entity_id 
_struct_asym.details 
A N N 1 ? 
B N N 2 ? 
C N N 3 ? 
# 
loop_
_struct_ref.id 
_struct_ref.db_name 
_struct_ref.db_code 
_struct_ref.entity_id 
_struct_ref.pdbx_seq_one_letter_code 
_struct_ref.pdbx_align_begin 
_struct_ref.pdbx_db_accession 
_struct_ref.pdbx_db_isoform 
1 UNP DGOA_ECOLI 1 ? ? Q6BF16 ? 
2 PDB 2V82       1 ? ? 2V82   ? 
# 
loop_
_struct_ref_seq.align_id 
_struct_ref_seq.ref_id 
_struct_ref_seq.pdbx_PDB_id_code 
_struct_ref_seq.pdbx_strand_id 
_struct_ref_seq.seq_align_beg 
_struct_ref_seq.pdbx_seq_align_beg_ins_code 
_struct_ref_seq.seq_align_end 
_struct_ref_seq.pdbx_seq_align_end_ins_code 
_struct_ref_seq.pdbx_db_accession 
_struct_ref_seq.db_align_beg 
_struct_ref_seq.pdbx_db_align_beg_ins_code 
_struct_ref_seq.db_align_end 
_struct_ref_seq.pdbx_db_align_end_ins_code 
_struct_ref_seq.pdbx_auth_seq_align_beg 
_struct_ref_seq.pdbx_auth_seq_align_end 
1 1 2V82 A 1   ? 205 ? Q6BF16 1   ? 205 ? 1   205 
2 2 2V82 A 206 ? 212 ? 2V82   206 ? 212 ? 206 212 
# 
_pdbx_struct_assembly.id                   1 
_pdbx_struct_assembly.details              author_and_software_defined_assembly 
_pdbx_struct_assembly.method_details       PQS 
_pdbx_struct_assembly.oligomeric_details   trimeric 
_pdbx_struct_assembly.oligomeric_count     3 
# 
loop_
_pdbx_struct_assembly_prop.biol_id 
_pdbx_struct_assembly_prop.type 
_pdbx_struct_assembly_prop.value 
_pdbx_struct_assembly_prop.details 
1 'ABSA (A^2)' 3670  ? 
1 MORE         -37.1 ? 
1 'SSA (A^2)'  28470 ? 
# 
_pdbx_struct_assembly_gen.assembly_id       1 
_pdbx_struct_assembly_gen.oper_expression   1,2,3 
_pdbx_struct_assembly_gen.asym_id_list      A,B,C 
# 
loop_
_pdbx_struct_oper_list.id 
_pdbx_struct_oper_list.type 
_pdbx_struct_oper_list.name 
_pdbx_struct_oper_list.symmetry_operation 
_pdbx_struct_oper_list.matrix[1][1] 
_pdbx_struct_oper_list.matrix[1][2] 
_pdbx_struct_oper_list.matrix[1][3] 
_pdbx_struct_oper_list.vector[1] 
_pdbx_struct_oper_list.matrix[2][1] 
_pdbx_struct_oper_list.matrix[2][2] 
_pdbx_struct_oper_list.matrix[2][3] 
_pdbx_struct_oper_list.vector[2] 
_pdbx_struct_oper_list.matrix[3][1] 
_pdbx_struct_oper_list.matrix[3][2] 
_pdbx_struct_oper_list.matrix[3][3] 
_pdbx_struct_oper_list.vector[3] 
1 'identity operation'         1_555 x,y,z     1.0000000000 0.0000000000  0.0000000000  0.0000000000   0.0000000000  1.0000000000  0.0000000000  0.0000000000   0.0000000000  0.0000000000  1.0000000000  0.0000000000   
2 'crystal symmetry operation' 2_555 -y,x-y,z  0.8573615300 -0.3319752749 -0.3933492389 -6.1659157661  -0.5021754838 -0.3718455856 -0.7807372439 -27.0893869857 0.1129202830  0.8669044223  -0.4855159444 20.8889947618  
3 'crystal symmetry operation' 3_555 -x+y,-x,z 0.8573615300 -0.5021754838 0.1129202830  -10.6759982422 -0.3319752749 -0.3718455856 0.8669044223  -30.2287624833 -0.3933492389 -0.7807372439 -0.4855159444 -13.4331115871 
# 
loop_
_struct_conf.conf_type_id 
_struct_conf.id 
_struct_conf.pdbx_PDB_helix_id 
_struct_conf.beg_label_comp_id 
_struct_conf.beg_label_asym_id 
_struct_conf.beg_label_seq_id 
_struct_conf.pdbx_beg_PDB_ins_code 
_struct_conf.end_label_comp_id 
_struct_conf.end_label_asym_id 
_struct_conf.end_label_seq_id 
_struct_conf.pdbx_end_PDB_ins_code 
_struct_conf.beg_auth_comp_id 
_struct_conf.beg_auth_asym_id 
_struct_conf.beg_auth_seq_id 
_struct_conf.end_auth_comp_id 
_struct_conf.end_auth_asym_id 
_struct_conf.end_auth_seq_id 
_struct_conf.pdbx_PDB_helix_class 
_struct_conf.details 
_struct_conf.pdbx_PDB_helix_length 
HELX_P HELX_P1 1 THR A 17  ? GLY A 32  ? THR A 17  GLY A 32  1 ? 16 
HELX_P HELX_P2 2 GLN A 44  ? GLY A 57  ? GLN A 44  GLY A 57  1 ? 14 
HELX_P HELX_P3 3 LYS A 69  ? MSE A 79  ? LYS A 69  MSE A 79  1 ? 11 
HELX_P HELX_P4 4 HIS A 90  ? TYR A 100 ? HIS A 90  TYR A 100 1 ? 11 
HELX_P HELX_P5 5 THR A 110 ? ALA A 120 ? THR A 110 ALA A 120 1 ? 11 
HELX_P HELX_P6 6 PRO A 129 ? GLY A 134 ? PRO A 129 GLY A 134 1 ? 6  
HELX_P HELX_P7 7 GLY A 134 ? ALA A 143 ? GLY A 134 ALA A 143 1 ? 10 
HELX_P HELX_P8 8 ASN A 161 ? GLY A 169 ? ASN A 161 GLY A 169 1 ? 9  
HELX_P HELX_P9 9 SER A 185 ? LEU A 206 ? SER A 185 LEU A 206 1 ? 22 
# 
_struct_conf_type.id          HELX_P 
_struct_conf_type.criteria    ? 
_struct_conf_type.reference   ? 
# 
loop_
_struct_conn.id 
_struct_conn.conn_type_id 
_struct_conn.pdbx_leaving_atom_flag 
_struct_conn.pdbx_PDB_id 
_struct_conn.ptnr1_label_asym_id 
_struct_conn.ptnr1_label_comp_id 
_struct_conn.ptnr1_label_seq_id 
_struct_conn.ptnr1_label_atom_id 
_struct_conn.pdbx_ptnr1_label_alt_id 
_struct_conn.pdbx_ptnr1_PDB_ins_code 
_struct_conn.pdbx_ptnr1_standard_comp_id 
_struct_conn.ptnr1_symmetry 
_struct_conn.ptnr2_label_asym_id 
_struct_conn.ptnr2_label_comp_id 
_struct_conn.ptnr2_label_seq_id 
_struct_conn.ptnr2_label_atom_id 
_struct_conn.pdbx_ptnr2_label_alt_id 
_struct_conn.pdbx_ptnr2_PDB_ins_code 
_struct_conn.ptnr1_auth_asym_id 
_struct_conn.ptnr1_auth_comp_id 
_struct_conn.ptnr1_auth_seq_id 
_struct_conn.ptnr2_auth_asym_id 
_struct_conn.ptnr2_auth_comp_id 
_struct_conn.ptnr2_auth_seq_id 
_struct_conn.ptnr2_symmetry 
_struct_conn.pdbx_ptnr3_label_atom_id 
_struct_conn.pdbx_ptnr3_label_seq_id 
_struct_conn.pdbx_ptnr3_label_comp_id 
_struct_conn.pdbx_ptnr3_label_asym_id 
_struct_conn.pdbx_ptnr3_label_alt_id 
_struct_conn.pdbx_ptnr3_PDB_ins_code 
_struct_conn.details 
_struct_conn.pdbx_dist_value 
_struct_conn.pdbx_value_order 
_struct_conn.pdbx_role 
covale1 covale both ? A ARG 78  C  ? ? ? 1_555 A MSE 79  N   ? ? A ARG 78  A MSE 79   1_555 ? ? ? ? ? ? ? 1.334 ? ? 
covale2 covale both ? A MSE 79  C  ? ? ? 1_555 A GLY 80  N   ? ? A MSE 79  A GLY 80   1_555 ? ? ? ? ? ? ? 1.336 ? ? 
covale3 covale both ? A GLY 101 C  ? ? ? 1_555 A MSE 102 N   ? ? A GLY 101 A MSE 102  1_555 ? ? ? ? ? ? ? 1.332 ? ? 
covale4 covale both ? A MSE 102 C  ? ? ? 1_555 A THR 103 N   ? ? A MSE 102 A THR 103  1_555 ? ? ? ? ? ? ? 1.328 ? ? 
covale5 covale one  ? A LYS 126 NZ ? ? ? 1_555 B KDP .   CAM ? ? A LYS 126 A KDP 1207 1_555 ? ? ? ? ? ? ? 1.317 ? ? 
# 
_struct_conn_type.id          covale 
_struct_conn_type.criteria    ? 
_struct_conn_type.reference   ? 
# 
loop_
_pdbx_modification_feature.ordinal 
_pdbx_modification_feature.label_comp_id 
_pdbx_modification_feature.label_asym_id 
_pdbx_modification_feature.label_seq_id 
_pdbx_modification_feature.label_alt_id 
_pdbx_modification_feature.modified_residue_label_comp_id 
_pdbx_modification_feature.modified_residue_label_asym_id 
_pdbx_modification_feature.modified_residue_label_seq_id 
_pdbx_modification_feature.modified_residue_label_alt_id 
_pdbx_modification_feature.auth_comp_id 
_pdbx_modification_feature.auth_asym_id 
_pdbx_modification_feature.auth_seq_id 
_pdbx_modification_feature.PDB_ins_code 
_pdbx_modification_feature.symmetry 
_pdbx_modification_feature.modified_residue_auth_comp_id 
_pdbx_modification_feature.modified_residue_auth_asym_id 
_pdbx_modification_feature.modified_residue_auth_seq_id 
_pdbx_modification_feature.modified_residue_PDB_ins_code 
_pdbx_modification_feature.modified_residue_symmetry 
_pdbx_modification_feature.comp_id_linking_atom 
_pdbx_modification_feature.modified_residue_id_linking_atom 
_pdbx_modification_feature.modified_residue_id 
_pdbx_modification_feature.ref_pcm_id 
_pdbx_modification_feature.ref_comp_id 
_pdbx_modification_feature.type 
_pdbx_modification_feature.category 
1 MSE A 79  ? .   . .   . MSE A 79   ? 1_555 .   . .   . .     .   .  MET 1 MSE Selenomethionine 'Named protein modification'     
2 MSE A 102 ? .   . .   . MSE A 102  ? 1_555 .   . .   . .     .   .  MET 1 MSE Selenomethionine 'Named protein modification'     
3 KDP B .   ? LYS A 126 ? KDP A 1207 ? 1_555 LYS A 126 ? 1_555 CAM NZ LYS 1 KDP None             'Covalent chemical modification' 
# 
_struct_mon_prot_cis.pdbx_id                1 
_struct_mon_prot_cis.label_comp_id          PHE 
_struct_mon_prot_cis.label_seq_id           128 
_struct_mon_prot_cis.label_asym_id          A 
_struct_mon_prot_cis.label_alt_id           . 
_struct_mon_prot_cis.pdbx_PDB_ins_code      ? 
_struct_mon_prot_cis.auth_comp_id           PHE 
_struct_mon_prot_cis.auth_seq_id            128 
_struct_mon_prot_cis.auth_asym_id           A 
_struct_mon_prot_cis.pdbx_label_comp_id_2   PRO 
_struct_mon_prot_cis.pdbx_label_seq_id_2    129 
_struct_mon_prot_cis.pdbx_label_asym_id_2   A 
_struct_mon_prot_cis.pdbx_PDB_ins_code_2    ? 
_struct_mon_prot_cis.pdbx_auth_comp_id_2    PRO 
_struct_mon_prot_cis.pdbx_auth_seq_id_2     129 
_struct_mon_prot_cis.pdbx_auth_asym_id_2    A 
_struct_mon_prot_cis.pdbx_PDB_model_num     1 
_struct_mon_prot_cis.pdbx_omega_angle       -13.67 
# 
_struct_sheet.id               AA 
_struct_sheet.type             ? 
_struct_sheet.number_strands   9 
_struct_sheet.details          ? 
# 
loop_
_struct_sheet_order.sheet_id 
_struct_sheet_order.range_id_1 
_struct_sheet_order.range_id_2 
_struct_sheet_order.offset 
_struct_sheet_order.sense 
AA 1 2 ? parallel 
AA 2 3 ? parallel 
AA 3 4 ? parallel 
AA 4 5 ? parallel 
AA 5 6 ? parallel 
AA 6 7 ? parallel 
AA 7 8 ? parallel 
AA 8 9 ? parallel 
# 
loop_
_struct_sheet_range.sheet_id 
_struct_sheet_range.id 
_struct_sheet_range.beg_label_comp_id 
_struct_sheet_range.beg_label_asym_id 
_struct_sheet_range.beg_label_seq_id 
_struct_sheet_range.pdbx_beg_PDB_ins_code 
_struct_sheet_range.end_label_comp_id 
_struct_sheet_range.end_label_asym_id 
_struct_sheet_range.end_label_seq_id 
_struct_sheet_range.pdbx_end_PDB_ins_code 
_struct_sheet_range.beg_auth_comp_id 
_struct_sheet_range.beg_auth_asym_id 
_struct_sheet_range.beg_auth_seq_id 
_struct_sheet_range.end_auth_comp_id 
_struct_sheet_range.end_auth_asym_id 
_struct_sheet_range.end_auth_seq_id 
AA 1 THR A 103 ? CYS A 105 ? THR A 103 CYS A 105 
AA 2 LEU A 83  ? VAL A 85  ? LEU A 83  VAL A 85  
AA 3 LEU A 61  ? GLY A 65  ? LEU A 61  GLY A 65  
AA 4 ALA A 35  ? PRO A 39  ? ALA A 35  PRO A 39  
AA 5 LEU A 9   ? ILE A 12  ? LEU A 9   ILE A 12  
AA 6 GLY A 172 ? LEU A 175 ? GLY A 172 LEU A 175 
AA 7 ALA A 150 ? VAL A 154 ? ALA A 150 VAL A 154 
AA 8 ALA A 124 ? ILE A 127 ? ALA A 124 ILE A 127 
AA 9 GLY A 107 ? CYS A 108 ? GLY A 107 CYS A 108 
# 
loop_
_pdbx_struct_sheet_hbond.sheet_id 
_pdbx_struct_sheet_hbond.range_id_1 
_pdbx_struct_sheet_hbond.range_id_2 
_pdbx_struct_sheet_hbond.range_1_label_atom_id 
_pdbx_struct_sheet_hbond.range_1_label_comp_id 
_pdbx_struct_sheet_hbond.range_1_label_asym_id 
_pdbx_struct_sheet_hbond.range_1_label_seq_id 
_pdbx_struct_sheet_hbond.range_1_PDB_ins_code 
_pdbx_struct_sheet_hbond.range_1_auth_atom_id 
_pdbx_struct_sheet_hbond.range_1_auth_comp_id 
_pdbx_struct_sheet_hbond.range_1_auth_asym_id 
_pdbx_struct_sheet_hbond.range_1_auth_seq_id 
_pdbx_struct_sheet_hbond.range_2_label_atom_id 
_pdbx_struct_sheet_hbond.range_2_label_comp_id 
_pdbx_struct_sheet_hbond.range_2_label_asym_id 
_pdbx_struct_sheet_hbond.range_2_label_seq_id 
_pdbx_struct_sheet_hbond.range_2_PDB_ins_code 
_pdbx_struct_sheet_hbond.range_2_auth_atom_id 
_pdbx_struct_sheet_hbond.range_2_auth_comp_id 
_pdbx_struct_sheet_hbond.range_2_auth_asym_id 
_pdbx_struct_sheet_hbond.range_2_auth_seq_id 
AA 1 2 N CYS A 105 ? N CYS A 105 O ILE A 84  ? O ILE A 84  
AA 2 3 N VAL A 85  ? N VAL A 85  O ALA A 64  ? O ALA A 64  
AA 3 4 N GLY A 63  ? N GLY A 63  O VAL A 36  ? O VAL A 36  
AA 4 5 N GLU A 37  ? N GLU A 37  O ALA A 11  ? O ALA A 11  
AA 5 6 N ILE A 10  ? N ILE A 10  O ALA A 173 ? O ALA A 173 
AA 6 7 N GLY A 174 ? N GLY A 174 O ALA A 153 ? O ALA A 153 
AA 7 8 N PHE A 152 ? N PHE A 152 O LEU A 125 ? O LEU A 125 
AA 8 9 O LYS A 126 ? O LYS A 126 N CYS A 108 ? N CYS A 108 
# 
_struct_site.id                   AC1 
_struct_site.pdbx_evidence_code   Software 
_struct_site.pdbx_auth_asym_id    ? 
_struct_site.pdbx_auth_comp_id    ? 
_struct_site.pdbx_auth_seq_id     ? 
_struct_site.pdbx_auth_ins_code   ? 
_struct_site.pdbx_num_residues    15 
_struct_site.details              'BINDING SITE FOR RESIDUE KDP A1207' 
# 
loop_
_struct_site_gen.id 
_struct_site_gen.site_id 
_struct_site_gen.pdbx_num_res 
_struct_site_gen.label_comp_id 
_struct_site_gen.label_asym_id 
_struct_site_gen.label_seq_id 
_struct_site_gen.pdbx_auth_ins_code 
_struct_site_gen.auth_comp_id 
_struct_site_gen.auth_asym_id 
_struct_site_gen.auth_seq_id 
_struct_site_gen.label_atom_id 
_struct_site_gen.label_alt_id 
_struct_site_gen.symmetry 
_struct_site_gen.details 
1  AC1 15 ILE A 12  ? ILE A 12   . ? 1_555 ? 
2  AC1 15 ARG A 14  ? ARG A 14   . ? 1_555 ? 
3  AC1 15 THR A 66  ? THR A 66   . ? 1_555 ? 
4  AC1 15 VAL A 85  ? VAL A 85   . ? 1_555 ? 
5  AC1 15 THR A 86  ? THR A 86   . ? 1_555 ? 
6  AC1 15 PRO A 87  ? PRO A 87   . ? 1_555 ? 
7  AC1 15 LYS A 126 ? LYS A 126  . ? 1_555 ? 
8  AC1 15 PHE A 128 ? PHE A 128  . ? 1_555 ? 
9  AC1 15 VAL A 154 ? VAL A 154  . ? 1_555 ? 
10 AC1 15 GLY A 155 ? GLY A 155  . ? 1_555 ? 
11 AC1 15 GLY A 156 ? GLY A 156  . ? 1_555 ? 
12 AC1 15 GLY A 176 ? GLY A 176  . ? 1_555 ? 
13 AC1 15 SER A 177 ? SER A 177  . ? 1_555 ? 
14 AC1 15 HOH C .   ? HOH A 2047 . ? 1_555 ? 
15 AC1 15 HOH C .   ? HOH A 2061 . ? 1_555 ? 
# 
_pdbx_entry_details.entry_id                   2V82 
_pdbx_entry_details.compound_details           ? 
_pdbx_entry_details.source_details             ? 
_pdbx_entry_details.nonpolymer_details         '2 KETO DEOXY GALACTOSE (KDP): COVALENT LINKAGE WITH A LYS 126' 
_pdbx_entry_details.sequence_details           ? 
_pdbx_entry_details.has_ligand_of_interest     ? 
_pdbx_entry_details.has_protein_modification   Y 
# 
loop_
_pdbx_validate_torsion.id 
_pdbx_validate_torsion.PDB_model_num 
_pdbx_validate_torsion.auth_comp_id 
_pdbx_validate_torsion.auth_asym_id 
_pdbx_validate_torsion.auth_seq_id 
_pdbx_validate_torsion.PDB_ins_code 
_pdbx_validate_torsion.label_alt_id 
_pdbx_validate_torsion.phi 
_pdbx_validate_torsion.psi 
1 1 PRO A 8   ? ? -81.76  45.69   
2 1 LEU A 13  ? ? -108.47 71.49   
3 1 LEU A 206 ? ? -69.19  -100.08 
# 
loop_
_pdbx_struct_mod_residue.id 
_pdbx_struct_mod_residue.label_asym_id 
_pdbx_struct_mod_residue.label_comp_id 
_pdbx_struct_mod_residue.label_seq_id 
_pdbx_struct_mod_residue.auth_asym_id 
_pdbx_struct_mod_residue.auth_comp_id 
_pdbx_struct_mod_residue.auth_seq_id 
_pdbx_struct_mod_residue.PDB_ins_code 
_pdbx_struct_mod_residue.parent_comp_id 
_pdbx_struct_mod_residue.details 
1 A MSE 79  A MSE 79  ? MET SELENOMETHIONINE 
2 A MSE 102 A MSE 102 ? MET SELENOMETHIONINE 
# 
loop_
_pdbx_struct_special_symmetry.id 
_pdbx_struct_special_symmetry.PDB_model_num 
_pdbx_struct_special_symmetry.auth_asym_id 
_pdbx_struct_special_symmetry.auth_comp_id 
_pdbx_struct_special_symmetry.auth_seq_id 
_pdbx_struct_special_symmetry.PDB_ins_code 
_pdbx_struct_special_symmetry.label_asym_id 
_pdbx_struct_special_symmetry.label_comp_id 
_pdbx_struct_special_symmetry.label_seq_id 
1 1 A HOH 2029 ? C HOH . 
2 1 A HOH 2036 ? C HOH . 
# 
_pdbx_refine_tls.pdbx_refine_id   'X-RAY DIFFRACTION' 
_pdbx_refine_tls.id               1 
_pdbx_refine_tls.details          ? 
_pdbx_refine_tls.method           refined 
_pdbx_refine_tls.origin_x         -0.0801 
_pdbx_refine_tls.origin_y         -0.0823 
_pdbx_refine_tls.origin_z         -0.2938 
_pdbx_refine_tls.T[1][1]          -0.1181 
_pdbx_refine_tls.T[2][2]          -0.0968 
_pdbx_refine_tls.T[3][3]          -0.1198 
_pdbx_refine_tls.T[1][2]          -0.0143 
_pdbx_refine_tls.T[1][3]          -0.0426 
_pdbx_refine_tls.T[2][3]          -0.0253 
_pdbx_refine_tls.L[1][1]          0.8215 
_pdbx_refine_tls.L[2][2]          2.8475 
_pdbx_refine_tls.L[3][3]          2.0422 
_pdbx_refine_tls.L[1][2]          -0.2989 
_pdbx_refine_tls.L[1][3]          -0.1431 
_pdbx_refine_tls.L[2][3]          -1.4969 
_pdbx_refine_tls.S[1][1]          -0.0330 
_pdbx_refine_tls.S[1][2]          -0.0899 
_pdbx_refine_tls.S[1][3]          0.1623 
_pdbx_refine_tls.S[2][1]          0.3507 
_pdbx_refine_tls.S[2][2]          -0.0008 
_pdbx_refine_tls.S[2][3]          -0.0881 
_pdbx_refine_tls.S[3][1]          -0.1763 
_pdbx_refine_tls.S[3][2]          -0.0577 
_pdbx_refine_tls.S[3][3]          0.0338 
# 
_pdbx_refine_tls_group.pdbx_refine_id      'X-RAY DIFFRACTION' 
_pdbx_refine_tls_group.id                  1 
_pdbx_refine_tls_group.refine_tls_id       1 
_pdbx_refine_tls_group.beg_auth_asym_id    A 
_pdbx_refine_tls_group.beg_auth_seq_id     3 
_pdbx_refine_tls_group.beg_label_asym_id   ? 
_pdbx_refine_tls_group.beg_label_seq_id    ? 
_pdbx_refine_tls_group.end_auth_asym_id    A 
_pdbx_refine_tls_group.end_auth_seq_id     206 
_pdbx_refine_tls_group.end_label_asym_id   ? 
_pdbx_refine_tls_group.end_label_seq_id    ? 
_pdbx_refine_tls_group.selection           ? 
_pdbx_refine_tls_group.selection_details   ? 
# 
loop_
_pdbx_unobs_or_zero_occ_residues.id 
_pdbx_unobs_or_zero_occ_residues.PDB_model_num 
_pdbx_unobs_or_zero_occ_residues.polymer_flag 
_pdbx_unobs_or_zero_occ_residues.occupancy_flag 
_pdbx_unobs_or_zero_occ_residues.auth_asym_id 
_pdbx_unobs_or_zero_occ_residues.auth_comp_id 
_pdbx_unobs_or_zero_occ_residues.auth_seq_id 
_pdbx_unobs_or_zero_occ_residues.PDB_ins_code 
_pdbx_unobs_or_zero_occ_residues.label_asym_id 
_pdbx_unobs_or_zero_occ_residues.label_comp_id 
_pdbx_unobs_or_zero_occ_residues.label_seq_id 
1 1 Y 1 A MSE 1   ? A MSE 1   
2 1 Y 1 A HIS 208 ? A HIS 208 
3 1 Y 1 A HIS 209 ? A HIS 209 
4 1 Y 1 A HIS 210 ? A HIS 210 
5 1 Y 1 A HIS 211 ? A HIS 211 
6 1 Y 1 A HIS 212 ? A HIS 212 
# 
loop_
_chem_comp_atom.comp_id 
_chem_comp_atom.atom_id 
_chem_comp_atom.type_symbol 
_chem_comp_atom.pdbx_aromatic_flag 
_chem_comp_atom.pdbx_stereo_config 
_chem_comp_atom.pdbx_ordinal 
ALA N    N  N N 1   
ALA CA   C  N S 2   
ALA C    C  N N 3   
ALA O    O  N N 4   
ALA CB   C  N N 5   
ALA OXT  O  N N 6   
ALA H    H  N N 7   
ALA H2   H  N N 8   
ALA HA   H  N N 9   
ALA HB1  H  N N 10  
ALA HB2  H  N N 11  
ALA HB3  H  N N 12  
ALA HXT  H  N N 13  
ARG N    N  N N 14  
ARG CA   C  N S 15  
ARG C    C  N N 16  
ARG O    O  N N 17  
ARG CB   C  N N 18  
ARG CG   C  N N 19  
ARG CD   C  N N 20  
ARG NE   N  N N 21  
ARG CZ   C  N N 22  
ARG NH1  N  N N 23  
ARG NH2  N  N N 24  
ARG OXT  O  N N 25  
ARG H    H  N N 26  
ARG H2   H  N N 27  
ARG HA   H  N N 28  
ARG HB2  H  N N 29  
ARG HB3  H  N N 30  
ARG HG2  H  N N 31  
ARG HG3  H  N N 32  
ARG HD2  H  N N 33  
ARG HD3  H  N N 34  
ARG HE   H  N N 35  
ARG HH11 H  N N 36  
ARG HH12 H  N N 37  
ARG HH21 H  N N 38  
ARG HH22 H  N N 39  
ARG HXT  H  N N 40  
ASN N    N  N N 41  
ASN CA   C  N S 42  
ASN C    C  N N 43  
ASN O    O  N N 44  
ASN CB   C  N N 45  
ASN CG   C  N N 46  
ASN OD1  O  N N 47  
ASN ND2  N  N N 48  
ASN OXT  O  N N 49  
ASN H    H  N N 50  
ASN H2   H  N N 51  
ASN HA   H  N N 52  
ASN HB2  H  N N 53  
ASN HB3  H  N N 54  
ASN HD21 H  N N 55  
ASN HD22 H  N N 56  
ASN HXT  H  N N 57  
ASP N    N  N N 58  
ASP CA   C  N S 59  
ASP C    C  N N 60  
ASP O    O  N N 61  
ASP CB   C  N N 62  
ASP CG   C  N N 63  
ASP OD1  O  N N 64  
ASP OD2  O  N N 65  
ASP OXT  O  N N 66  
ASP H    H  N N 67  
ASP H2   H  N N 68  
ASP HA   H  N N 69  
ASP HB2  H  N N 70  
ASP HB3  H  N N 71  
ASP HD2  H  N N 72  
ASP HXT  H  N N 73  
CYS N    N  N N 74  
CYS CA   C  N R 75  
CYS C    C  N N 76  
CYS O    O  N N 77  
CYS CB   C  N N 78  
CYS SG   S  N N 79  
CYS OXT  O  N N 80  
CYS H    H  N N 81  
CYS H2   H  N N 82  
CYS HA   H  N N 83  
CYS HB2  H  N N 84  
CYS HB3  H  N N 85  
CYS HG   H  N N 86  
CYS HXT  H  N N 87  
GLN N    N  N N 88  
GLN CA   C  N S 89  
GLN C    C  N N 90  
GLN O    O  N N 91  
GLN CB   C  N N 92  
GLN CG   C  N N 93  
GLN CD   C  N N 94  
GLN OE1  O  N N 95  
GLN NE2  N  N N 96  
GLN OXT  O  N N 97  
GLN H    H  N N 98  
GLN H2   H  N N 99  
GLN HA   H  N N 100 
GLN HB2  H  N N 101 
GLN HB3  H  N N 102 
GLN HG2  H  N N 103 
GLN HG3  H  N N 104 
GLN HE21 H  N N 105 
GLN HE22 H  N N 106 
GLN HXT  H  N N 107 
GLU N    N  N N 108 
GLU CA   C  N S 109 
GLU C    C  N N 110 
GLU O    O  N N 111 
GLU CB   C  N N 112 
GLU CG   C  N N 113 
GLU CD   C  N N 114 
GLU OE1  O  N N 115 
GLU OE2  O  N N 116 
GLU OXT  O  N N 117 
GLU H    H  N N 118 
GLU H2   H  N N 119 
GLU HA   H  N N 120 
GLU HB2  H  N N 121 
GLU HB3  H  N N 122 
GLU HG2  H  N N 123 
GLU HG3  H  N N 124 
GLU HE2  H  N N 125 
GLU HXT  H  N N 126 
GLY N    N  N N 127 
GLY CA   C  N N 128 
GLY C    C  N N 129 
GLY O    O  N N 130 
GLY OXT  O  N N 131 
GLY H    H  N N 132 
GLY H2   H  N N 133 
GLY HA2  H  N N 134 
GLY HA3  H  N N 135 
GLY HXT  H  N N 136 
HIS N    N  N N 137 
HIS CA   C  N S 138 
HIS C    C  N N 139 
HIS O    O  N N 140 
HIS CB   C  N N 141 
HIS CG   C  Y N 142 
HIS ND1  N  Y N 143 
HIS CD2  C  Y N 144 
HIS CE1  C  Y N 145 
HIS NE2  N  Y N 146 
HIS OXT  O  N N 147 
HIS H    H  N N 148 
HIS H2   H  N N 149 
HIS HA   H  N N 150 
HIS HB2  H  N N 151 
HIS HB3  H  N N 152 
HIS HD1  H  N N 153 
HIS HD2  H  N N 154 
HIS HE1  H  N N 155 
HIS HE2  H  N N 156 
HIS HXT  H  N N 157 
HOH O    O  N N 158 
HOH H1   H  N N 159 
HOH H2   H  N N 160 
ILE N    N  N N 161 
ILE CA   C  N S 162 
ILE C    C  N N 163 
ILE O    O  N N 164 
ILE CB   C  N S 165 
ILE CG1  C  N N 166 
ILE CG2  C  N N 167 
ILE CD1  C  N N 168 
ILE OXT  O  N N 169 
ILE H    H  N N 170 
ILE H2   H  N N 171 
ILE HA   H  N N 172 
ILE HB   H  N N 173 
ILE HG12 H  N N 174 
ILE HG13 H  N N 175 
ILE HG21 H  N N 176 
ILE HG22 H  N N 177 
ILE HG23 H  N N 178 
ILE HD11 H  N N 179 
ILE HD12 H  N N 180 
ILE HD13 H  N N 181 
ILE HXT  H  N N 182 
KDP OAH  O  N N 183 
KDP PAP  P  N N 184 
KDP OAC  O  N N 185 
KDP OAG  O  N N 186 
KDP OAK  O  N N 187 
KDP CAI  C  N N 188 
KDP CAN  C  N R 189 
KDP OAD  O  N N 190 
KDP CAO  C  N R 191 
KDP OAE  O  N N 192 
KDP CAJ  C  N N 193 
KDP CAM  C  N N 194 
KDP CAL  C  N N 195 
KDP OAA  O  N N 196 
KDP OAF  O  N N 197 
KDP OXT  O  N N 198 
KDP HAH  H  N N 199 
KDP HAC  H  N N 200 
KDP HAI1 H  N N 201 
KDP HAI2 H  N N 202 
KDP HAN  H  N N 203 
KDP HAD  H  N N 204 
KDP HAO  H  N N 205 
KDP HAE  H  N N 206 
KDP HAJ1 H  N N 207 
KDP HAJ2 H  N N 208 
KDP HAA  H  N N 209 
LEU N    N  N N 210 
LEU CA   C  N S 211 
LEU C    C  N N 212 
LEU O    O  N N 213 
LEU CB   C  N N 214 
LEU CG   C  N N 215 
LEU CD1  C  N N 216 
LEU CD2  C  N N 217 
LEU OXT  O  N N 218 
LEU H    H  N N 219 
LEU H2   H  N N 220 
LEU HA   H  N N 221 
LEU HB2  H  N N 222 
LEU HB3  H  N N 223 
LEU HG   H  N N 224 
LEU HD11 H  N N 225 
LEU HD12 H  N N 226 
LEU HD13 H  N N 227 
LEU HD21 H  N N 228 
LEU HD22 H  N N 229 
LEU HD23 H  N N 230 
LEU HXT  H  N N 231 
LYS N    N  N N 232 
LYS CA   C  N S 233 
LYS C    C  N N 234 
LYS O    O  N N 235 
LYS CB   C  N N 236 
LYS CG   C  N N 237 
LYS CD   C  N N 238 
LYS CE   C  N N 239 
LYS NZ   N  N N 240 
LYS OXT  O  N N 241 
LYS H    H  N N 242 
LYS H2   H  N N 243 
LYS HA   H  N N 244 
LYS HB2  H  N N 245 
LYS HB3  H  N N 246 
LYS HG2  H  N N 247 
LYS HG3  H  N N 248 
LYS HD2  H  N N 249 
LYS HD3  H  N N 250 
LYS HE2  H  N N 251 
LYS HE3  H  N N 252 
LYS HZ1  H  N N 253 
LYS HZ2  H  N N 254 
LYS HZ3  H  N N 255 
LYS HXT  H  N N 256 
MSE N    N  N N 257 
MSE CA   C  N S 258 
MSE C    C  N N 259 
MSE O    O  N N 260 
MSE OXT  O  N N 261 
MSE CB   C  N N 262 
MSE CG   C  N N 263 
MSE SE   SE N N 264 
MSE CE   C  N N 265 
MSE H    H  N N 266 
MSE H2   H  N N 267 
MSE HA   H  N N 268 
MSE HXT  H  N N 269 
MSE HB2  H  N N 270 
MSE HB3  H  N N 271 
MSE HG2  H  N N 272 
MSE HG3  H  N N 273 
MSE HE1  H  N N 274 
MSE HE2  H  N N 275 
MSE HE3  H  N N 276 
PHE N    N  N N 277 
PHE CA   C  N S 278 
PHE C    C  N N 279 
PHE O    O  N N 280 
PHE CB   C  N N 281 
PHE CG   C  Y N 282 
PHE CD1  C  Y N 283 
PHE CD2  C  Y N 284 
PHE CE1  C  Y N 285 
PHE CE2  C  Y N 286 
PHE CZ   C  Y N 287 
PHE OXT  O  N N 288 
PHE H    H  N N 289 
PHE H2   H  N N 290 
PHE HA   H  N N 291 
PHE HB2  H  N N 292 
PHE HB3  H  N N 293 
PHE HD1  H  N N 294 
PHE HD2  H  N N 295 
PHE HE1  H  N N 296 
PHE HE2  H  N N 297 
PHE HZ   H  N N 298 
PHE HXT  H  N N 299 
PRO N    N  N N 300 
PRO CA   C  N S 301 
PRO C    C  N N 302 
PRO O    O  N N 303 
PRO CB   C  N N 304 
PRO CG   C  N N 305 
PRO CD   C  N N 306 
PRO OXT  O  N N 307 
PRO H    H  N N 308 
PRO HA   H  N N 309 
PRO HB2  H  N N 310 
PRO HB3  H  N N 311 
PRO HG2  H  N N 312 
PRO HG3  H  N N 313 
PRO HD2  H  N N 314 
PRO HD3  H  N N 315 
PRO HXT  H  N N 316 
SER N    N  N N 317 
SER CA   C  N S 318 
SER C    C  N N 319 
SER O    O  N N 320 
SER CB   C  N N 321 
SER OG   O  N N 322 
SER OXT  O  N N 323 
SER H    H  N N 324 
SER H2   H  N N 325 
SER HA   H  N N 326 
SER HB2  H  N N 327 
SER HB3  H  N N 328 
SER HG   H  N N 329 
SER HXT  H  N N 330 
THR N    N  N N 331 
THR CA   C  N S 332 
THR C    C  N N 333 
THR O    O  N N 334 
THR CB   C  N R 335 
THR OG1  O  N N 336 
THR CG2  C  N N 337 
THR OXT  O  N N 338 
THR H    H  N N 339 
THR H2   H  N N 340 
THR HA   H  N N 341 
THR HB   H  N N 342 
THR HG1  H  N N 343 
THR HG21 H  N N 344 
THR HG22 H  N N 345 
THR HG23 H  N N 346 
THR HXT  H  N N 347 
TRP N    N  N N 348 
TRP CA   C  N S 349 
TRP C    C  N N 350 
TRP O    O  N N 351 
TRP CB   C  N N 352 
TRP CG   C  Y N 353 
TRP CD1  C  Y N 354 
TRP CD2  C  Y N 355 
TRP NE1  N  Y N 356 
TRP CE2  C  Y N 357 
TRP CE3  C  Y N 358 
TRP CZ2  C  Y N 359 
TRP CZ3  C  Y N 360 
TRP CH2  C  Y N 361 
TRP OXT  O  N N 362 
TRP H    H  N N 363 
TRP H2   H  N N 364 
TRP HA   H  N N 365 
TRP HB2  H  N N 366 
TRP HB3  H  N N 367 
TRP HD1  H  N N 368 
TRP HE1  H  N N 369 
TRP HE3  H  N N 370 
TRP HZ2  H  N N 371 
TRP HZ3  H  N N 372 
TRP HH2  H  N N 373 
TRP HXT  H  N N 374 
TYR N    N  N N 375 
TYR CA   C  N S 376 
TYR C    C  N N 377 
TYR O    O  N N 378 
TYR CB   C  N N 379 
TYR CG   C  Y N 380 
TYR CD1  C  Y N 381 
TYR CD2  C  Y N 382 
TYR CE1  C  Y N 383 
TYR CE2  C  Y N 384 
TYR CZ   C  Y N 385 
TYR OH   O  N N 386 
TYR OXT  O  N N 387 
TYR H    H  N N 388 
TYR H2   H  N N 389 
TYR HA   H  N N 390 
TYR HB2  H  N N 391 
TYR HB3  H  N N 392 
TYR HD1  H  N N 393 
TYR HD2  H  N N 394 
TYR HE1  H  N N 395 
TYR HE2  H  N N 396 
TYR HH   H  N N 397 
TYR HXT  H  N N 398 
VAL N    N  N N 399 
VAL CA   C  N S 400 
VAL C    C  N N 401 
VAL O    O  N N 402 
VAL CB   C  N N 403 
VAL CG1  C  N N 404 
VAL CG2  C  N N 405 
VAL OXT  O  N N 406 
VAL H    H  N N 407 
VAL H2   H  N N 408 
VAL HA   H  N N 409 
VAL HB   H  N N 410 
VAL HG11 H  N N 411 
VAL HG12 H  N N 412 
VAL HG13 H  N N 413 
VAL HG21 H  N N 414 
VAL HG22 H  N N 415 
VAL HG23 H  N N 416 
VAL HXT  H  N N 417 
# 
loop_
_chem_comp_bond.comp_id 
_chem_comp_bond.atom_id_1 
_chem_comp_bond.atom_id_2 
_chem_comp_bond.value_order 
_chem_comp_bond.pdbx_aromatic_flag 
_chem_comp_bond.pdbx_stereo_config 
_chem_comp_bond.pdbx_ordinal 
ALA N   CA   sing N N 1   
ALA N   H    sing N N 2   
ALA N   H2   sing N N 3   
ALA CA  C    sing N N 4   
ALA CA  CB   sing N N 5   
ALA CA  HA   sing N N 6   
ALA C   O    doub N N 7   
ALA C   OXT  sing N N 8   
ALA CB  HB1  sing N N 9   
ALA CB  HB2  sing N N 10  
ALA CB  HB3  sing N N 11  
ALA OXT HXT  sing N N 12  
ARG N   CA   sing N N 13  
ARG N   H    sing N N 14  
ARG N   H2   sing N N 15  
ARG CA  C    sing N N 16  
ARG CA  CB   sing N N 17  
ARG CA  HA   sing N N 18  
ARG C   O    doub N N 19  
ARG C   OXT  sing N N 20  
ARG CB  CG   sing N N 21  
ARG CB  HB2  sing N N 22  
ARG CB  HB3  sing N N 23  
ARG CG  CD   sing N N 24  
ARG CG  HG2  sing N N 25  
ARG CG  HG3  sing N N 26  
ARG CD  NE   sing N N 27  
ARG CD  HD2  sing N N 28  
ARG CD  HD3  sing N N 29  
ARG NE  CZ   sing N N 30  
ARG NE  HE   sing N N 31  
ARG CZ  NH1  sing N N 32  
ARG CZ  NH2  doub N N 33  
ARG NH1 HH11 sing N N 34  
ARG NH1 HH12 sing N N 35  
ARG NH2 HH21 sing N N 36  
ARG NH2 HH22 sing N N 37  
ARG OXT HXT  sing N N 38  
ASN N   CA   sing N N 39  
ASN N   H    sing N N 40  
ASN N   H2   sing N N 41  
ASN CA  C    sing N N 42  
ASN CA  CB   sing N N 43  
ASN CA  HA   sing N N 44  
ASN C   O    doub N N 45  
ASN C   OXT  sing N N 46  
ASN CB  CG   sing N N 47  
ASN CB  HB2  sing N N 48  
ASN CB  HB3  sing N N 49  
ASN CG  OD1  doub N N 50  
ASN CG  ND2  sing N N 51  
ASN ND2 HD21 sing N N 52  
ASN ND2 HD22 sing N N 53  
ASN OXT HXT  sing N N 54  
ASP N   CA   sing N N 55  
ASP N   H    sing N N 56  
ASP N   H2   sing N N 57  
ASP CA  C    sing N N 58  
ASP CA  CB   sing N N 59  
ASP CA  HA   sing N N 60  
ASP C   O    doub N N 61  
ASP C   OXT  sing N N 62  
ASP CB  CG   sing N N 63  
ASP CB  HB2  sing N N 64  
ASP CB  HB3  sing N N 65  
ASP CG  OD1  doub N N 66  
ASP CG  OD2  sing N N 67  
ASP OD2 HD2  sing N N 68  
ASP OXT HXT  sing N N 69  
CYS N   CA   sing N N 70  
CYS N   H    sing N N 71  
CYS N   H2   sing N N 72  
CYS CA  C    sing N N 73  
CYS CA  CB   sing N N 74  
CYS CA  HA   sing N N 75  
CYS C   O    doub N N 76  
CYS C   OXT  sing N N 77  
CYS CB  SG   sing N N 78  
CYS CB  HB2  sing N N 79  
CYS CB  HB3  sing N N 80  
CYS SG  HG   sing N N 81  
CYS OXT HXT  sing N N 82  
GLN N   CA   sing N N 83  
GLN N   H    sing N N 84  
GLN N   H2   sing N N 85  
GLN CA  C    sing N N 86  
GLN CA  CB   sing N N 87  
GLN CA  HA   sing N N 88  
GLN C   O    doub N N 89  
GLN C   OXT  sing N N 90  
GLN CB  CG   sing N N 91  
GLN CB  HB2  sing N N 92  
GLN CB  HB3  sing N N 93  
GLN CG  CD   sing N N 94  
GLN CG  HG2  sing N N 95  
GLN CG  HG3  sing N N 96  
GLN CD  OE1  doub N N 97  
GLN CD  NE2  sing N N 98  
GLN NE2 HE21 sing N N 99  
GLN NE2 HE22 sing N N 100 
GLN OXT HXT  sing N N 101 
GLU N   CA   sing N N 102 
GLU N   H    sing N N 103 
GLU N   H2   sing N N 104 
GLU CA  C    sing N N 105 
GLU CA  CB   sing N N 106 
GLU CA  HA   sing N N 107 
GLU C   O    doub N N 108 
GLU C   OXT  sing N N 109 
GLU CB  CG   sing N N 110 
GLU CB  HB2  sing N N 111 
GLU CB  HB3  sing N N 112 
GLU CG  CD   sing N N 113 
GLU CG  HG2  sing N N 114 
GLU CG  HG3  sing N N 115 
GLU CD  OE1  doub N N 116 
GLU CD  OE2  sing N N 117 
GLU OE2 HE2  sing N N 118 
GLU OXT HXT  sing N N 119 
GLY N   CA   sing N N 120 
GLY N   H    sing N N 121 
GLY N   H2   sing N N 122 
GLY CA  C    sing N N 123 
GLY CA  HA2  sing N N 124 
GLY CA  HA3  sing N N 125 
GLY C   O    doub N N 126 
GLY C   OXT  sing N N 127 
GLY OXT HXT  sing N N 128 
HIS N   CA   sing N N 129 
HIS N   H    sing N N 130 
HIS N   H2   sing N N 131 
HIS CA  C    sing N N 132 
HIS CA  CB   sing N N 133 
HIS CA  HA   sing N N 134 
HIS C   O    doub N N 135 
HIS C   OXT  sing N N 136 
HIS CB  CG   sing N N 137 
HIS CB  HB2  sing N N 138 
HIS CB  HB3  sing N N 139 
HIS CG  ND1  sing Y N 140 
HIS CG  CD2  doub Y N 141 
HIS ND1 CE1  doub Y N 142 
HIS ND1 HD1  sing N N 143 
HIS CD2 NE2  sing Y N 144 
HIS CD2 HD2  sing N N 145 
HIS CE1 NE2  sing Y N 146 
HIS CE1 HE1  sing N N 147 
HIS NE2 HE2  sing N N 148 
HIS OXT HXT  sing N N 149 
HOH O   H1   sing N N 150 
HOH O   H2   sing N N 151 
ILE N   CA   sing N N 152 
ILE N   H    sing N N 153 
ILE N   H2   sing N N 154 
ILE CA  C    sing N N 155 
ILE CA  CB   sing N N 156 
ILE CA  HA   sing N N 157 
ILE C   O    doub N N 158 
ILE C   OXT  sing N N 159 
ILE CB  CG1  sing N N 160 
ILE CB  CG2  sing N N 161 
ILE CB  HB   sing N N 162 
ILE CG1 CD1  sing N N 163 
ILE CG1 HG12 sing N N 164 
ILE CG1 HG13 sing N N 165 
ILE CG2 HG21 sing N N 166 
ILE CG2 HG22 sing N N 167 
ILE CG2 HG23 sing N N 168 
ILE CD1 HD11 sing N N 169 
ILE CD1 HD12 sing N N 170 
ILE CD1 HD13 sing N N 171 
ILE OXT HXT  sing N N 172 
KDP OAH PAP  sing N N 173 
KDP PAP OAC  sing N N 174 
KDP PAP OAG  doub N N 175 
KDP PAP OAK  sing N N 176 
KDP OAK CAI  sing N N 177 
KDP CAI CAN  sing N N 178 
KDP CAN OAD  sing N N 179 
KDP CAN CAO  sing N N 180 
KDP CAO OAE  sing N N 181 
KDP CAO CAJ  sing N N 182 
KDP CAJ CAM  sing N N 183 
KDP CAM CAL  sing N N 184 
KDP CAM OXT  doub N N 185 
KDP CAL OAA  sing N N 186 
KDP CAL OAF  doub N N 187 
KDP OAH HAH  sing N N 188 
KDP OAC HAC  sing N N 189 
KDP CAI HAI1 sing N N 190 
KDP CAI HAI2 sing N N 191 
KDP CAN HAN  sing N N 192 
KDP OAD HAD  sing N N 193 
KDP CAO HAO  sing N N 194 
KDP OAE HAE  sing N N 195 
KDP CAJ HAJ1 sing N N 196 
KDP CAJ HAJ2 sing N N 197 
KDP OAA HAA  sing N N 198 
LEU N   CA   sing N N 199 
LEU N   H    sing N N 200 
LEU N   H2   sing N N 201 
LEU CA  C    sing N N 202 
LEU CA  CB   sing N N 203 
LEU CA  HA   sing N N 204 
LEU C   O    doub N N 205 
LEU C   OXT  sing N N 206 
LEU CB  CG   sing N N 207 
LEU CB  HB2  sing N N 208 
LEU CB  HB3  sing N N 209 
LEU CG  CD1  sing N N 210 
LEU CG  CD2  sing N N 211 
LEU CG  HG   sing N N 212 
LEU CD1 HD11 sing N N 213 
LEU CD1 HD12 sing N N 214 
LEU CD1 HD13 sing N N 215 
LEU CD2 HD21 sing N N 216 
LEU CD2 HD22 sing N N 217 
LEU CD2 HD23 sing N N 218 
LEU OXT HXT  sing N N 219 
LYS N   CA   sing N N 220 
LYS N   H    sing N N 221 
LYS N   H2   sing N N 222 
LYS CA  C    sing N N 223 
LYS CA  CB   sing N N 224 
LYS CA  HA   sing N N 225 
LYS C   O    doub N N 226 
LYS C   OXT  sing N N 227 
LYS CB  CG   sing N N 228 
LYS CB  HB2  sing N N 229 
LYS CB  HB3  sing N N 230 
LYS CG  CD   sing N N 231 
LYS CG  HG2  sing N N 232 
LYS CG  HG3  sing N N 233 
LYS CD  CE   sing N N 234 
LYS CD  HD2  sing N N 235 
LYS CD  HD3  sing N N 236 
LYS CE  NZ   sing N N 237 
LYS CE  HE2  sing N N 238 
LYS CE  HE3  sing N N 239 
LYS NZ  HZ1  sing N N 240 
LYS NZ  HZ2  sing N N 241 
LYS NZ  HZ3  sing N N 242 
LYS OXT HXT  sing N N 243 
MSE N   CA   sing N N 244 
MSE N   H    sing N N 245 
MSE N   H2   sing N N 246 
MSE CA  C    sing N N 247 
MSE CA  CB   sing N N 248 
MSE CA  HA   sing N N 249 
MSE C   O    doub N N 250 
MSE C   OXT  sing N N 251 
MSE OXT HXT  sing N N 252 
MSE CB  CG   sing N N 253 
MSE CB  HB2  sing N N 254 
MSE CB  HB3  sing N N 255 
MSE CG  SE   sing N N 256 
MSE CG  HG2  sing N N 257 
MSE CG  HG3  sing N N 258 
MSE SE  CE   sing N N 259 
MSE CE  HE1  sing N N 260 
MSE CE  HE2  sing N N 261 
MSE CE  HE3  sing N N 262 
PHE N   CA   sing N N 263 
PHE N   H    sing N N 264 
PHE N   H2   sing N N 265 
PHE CA  C    sing N N 266 
PHE CA  CB   sing N N 267 
PHE CA  HA   sing N N 268 
PHE C   O    doub N N 269 
PHE C   OXT  sing N N 270 
PHE CB  CG   sing N N 271 
PHE CB  HB2  sing N N 272 
PHE CB  HB3  sing N N 273 
PHE CG  CD1  doub Y N 274 
PHE CG  CD2  sing Y N 275 
PHE CD1 CE1  sing Y N 276 
PHE CD1 HD1  sing N N 277 
PHE CD2 CE2  doub Y N 278 
PHE CD2 HD2  sing N N 279 
PHE CE1 CZ   doub Y N 280 
PHE CE1 HE1  sing N N 281 
PHE CE2 CZ   sing Y N 282 
PHE CE2 HE2  sing N N 283 
PHE CZ  HZ   sing N N 284 
PHE OXT HXT  sing N N 285 
PRO N   CA   sing N N 286 
PRO N   CD   sing N N 287 
PRO N   H    sing N N 288 
PRO CA  C    sing N N 289 
PRO CA  CB   sing N N 290 
PRO CA  HA   sing N N 291 
PRO C   O    doub N N 292 
PRO C   OXT  sing N N 293 
PRO CB  CG   sing N N 294 
PRO CB  HB2  sing N N 295 
PRO CB  HB3  sing N N 296 
PRO CG  CD   sing N N 297 
PRO CG  HG2  sing N N 298 
PRO CG  HG3  sing N N 299 
PRO CD  HD2  sing N N 300 
PRO CD  HD3  sing N N 301 
PRO OXT HXT  sing N N 302 
SER N   CA   sing N N 303 
SER N   H    sing N N 304 
SER N   H2   sing N N 305 
SER CA  C    sing N N 306 
SER CA  CB   sing N N 307 
SER CA  HA   sing N N 308 
SER C   O    doub N N 309 
SER C   OXT  sing N N 310 
SER CB  OG   sing N N 311 
SER CB  HB2  sing N N 312 
SER CB  HB3  sing N N 313 
SER OG  HG   sing N N 314 
SER OXT HXT  sing N N 315 
THR N   CA   sing N N 316 
THR N   H    sing N N 317 
THR N   H2   sing N N 318 
THR CA  C    sing N N 319 
THR CA  CB   sing N N 320 
THR CA  HA   sing N N 321 
THR C   O    doub N N 322 
THR C   OXT  sing N N 323 
THR CB  OG1  sing N N 324 
THR CB  CG2  sing N N 325 
THR CB  HB   sing N N 326 
THR OG1 HG1  sing N N 327 
THR CG2 HG21 sing N N 328 
THR CG2 HG22 sing N N 329 
THR CG2 HG23 sing N N 330 
THR OXT HXT  sing N N 331 
TRP N   CA   sing N N 332 
TRP N   H    sing N N 333 
TRP N   H2   sing N N 334 
TRP CA  C    sing N N 335 
TRP CA  CB   sing N N 336 
TRP CA  HA   sing N N 337 
TRP C   O    doub N N 338 
TRP C   OXT  sing N N 339 
TRP CB  CG   sing N N 340 
TRP CB  HB2  sing N N 341 
TRP CB  HB3  sing N N 342 
TRP CG  CD1  doub Y N 343 
TRP CG  CD2  sing Y N 344 
TRP CD1 NE1  sing Y N 345 
TRP CD1 HD1  sing N N 346 
TRP CD2 CE2  doub Y N 347 
TRP CD2 CE3  sing Y N 348 
TRP NE1 CE2  sing Y N 349 
TRP NE1 HE1  sing N N 350 
TRP CE2 CZ2  sing Y N 351 
TRP CE3 CZ3  doub Y N 352 
TRP CE3 HE3  sing N N 353 
TRP CZ2 CH2  doub Y N 354 
TRP CZ2 HZ2  sing N N 355 
TRP CZ3 CH2  sing Y N 356 
TRP CZ3 HZ3  sing N N 357 
TRP CH2 HH2  sing N N 358 
TRP OXT HXT  sing N N 359 
TYR N   CA   sing N N 360 
TYR N   H    sing N N 361 
TYR N   H2   sing N N 362 
TYR CA  C    sing N N 363 
TYR CA  CB   sing N N 364 
TYR CA  HA   sing N N 365 
TYR C   O    doub N N 366 
TYR C   OXT  sing N N 367 
TYR CB  CG   sing N N 368 
TYR CB  HB2  sing N N 369 
TYR CB  HB3  sing N N 370 
TYR CG  CD1  doub Y N 371 
TYR CG  CD2  sing Y N 372 
TYR CD1 CE1  sing Y N 373 
TYR CD1 HD1  sing N N 374 
TYR CD2 CE2  doub Y N 375 
TYR CD2 HD2  sing N N 376 
TYR CE1 CZ   doub Y N 377 
TYR CE1 HE1  sing N N 378 
TYR CE2 CZ   sing Y N 379 
TYR CE2 HE2  sing N N 380 
TYR CZ  OH   sing N N 381 
TYR OH  HH   sing N N 382 
TYR OXT HXT  sing N N 383 
VAL N   CA   sing N N 384 
VAL N   H    sing N N 385 
VAL N   H2   sing N N 386 
VAL CA  C    sing N N 387 
VAL CA  CB   sing N N 388 
VAL CA  HA   sing N N 389 
VAL C   O    doub N N 390 
VAL C   OXT  sing N N 391 
VAL CB  CG1  sing N N 392 
VAL CB  CG2  sing N N 393 
VAL CB  HB   sing N N 394 
VAL CG1 HG11 sing N N 395 
VAL CG1 HG12 sing N N 396 
VAL CG1 HG13 sing N N 397 
VAL CG2 HG21 sing N N 398 
VAL CG2 HG22 sing N N 399 
VAL CG2 HG23 sing N N 400 
VAL OXT HXT  sing N N 401 
# 
_pdbx_initial_refinement_model.id               1 
_pdbx_initial_refinement_model.entity_id_list   ? 
_pdbx_initial_refinement_model.type             'experimental model' 
_pdbx_initial_refinement_model.source_name      PDB 
_pdbx_initial_refinement_model.accession_code   2V81 
_pdbx_initial_refinement_model.details          'PDB ENTRY 2V81' 
# 
_atom_sites.entry_id                    2V82 
_atom_sites.fract_transf_matrix[1][1]   0.00317840 
_atom_sites.fract_transf_matrix[1][2]   0.01055339 
_atom_sites.fract_transf_matrix[1][3]   -0.00062272 
_atom_sites.fract_transf_matrix[2][1]   0.00264497 
_atom_sites.fract_transf_matrix[2][2]   0.00551950 
_atom_sites.fract_transf_matrix[2][3]   0.00918688 
_atom_sites.fract_transf_matrix[3][1]   0.01281831 
_atom_sites.fract_transf_matrix[3][2]   -0.00393867 
_atom_sites.fract_transf_matrix[3][3]   -0.00132412 
_atom_sites.fract_transf_vector[1]      0.221025 
_atom_sites.fract_transf_vector[2]      0.097472 
_atom_sites.fract_transf_vector[3]      0.000731 
# 
loop_
_atom_type.symbol 
C  
N  
O  
P  
S  
SE 
# 
loop_
_atom_site.group_PDB 
_atom_site.id 
_atom_site.type_symbol 
_atom_site.label_atom_id 
_atom_site.label_alt_id 
_atom_site.label_comp_id 
_atom_site.label_asym_id 
_atom_site.label_entity_id 
_atom_site.label_seq_id 
_atom_site.pdbx_PDB_ins_code 
_atom_site.Cartn_x 
_atom_site.Cartn_y 
_atom_site.Cartn_z 
_atom_site.occupancy 
_atom_site.B_iso_or_equiv 
_atom_site.pdbx_formal_charge 
_atom_site.auth_seq_id 
_atom_site.auth_comp_id 
_atom_site.auth_asym_id 
_atom_site.auth_atom_id 
_atom_site.pdbx_PDB_model_num 
ATOM   1    N  N   . GLN A 1 2   ? 5.209   0.633   14.822  1.00 65.48 ? 2    GLN A N   1 
ATOM   2    C  CA  . GLN A 1 2   ? 4.161   1.413   14.089  1.00 65.26 ? 2    GLN A CA  1 
ATOM   3    C  C   . GLN A 1 2   ? 4.559   1.742   12.647  1.00 65.08 ? 2    GLN A C   1 
ATOM   4    O  O   . GLN A 1 2   ? 5.749   1.802   12.315  1.00 65.09 ? 2    GLN A O   1 
ATOM   5    C  CB  . GLN A 1 2   ? 3.833   2.714   14.830  1.00 65.25 ? 2    GLN A CB  1 
ATOM   6    C  CG  . GLN A 1 2   ? 2.608   2.647   15.737  1.00 65.25 ? 2    GLN A CG  1 
ATOM   7    C  CD  . GLN A 1 2   ? 1.983   4.018   15.992  1.00 65.10 ? 2    GLN A CD  1 
ATOM   8    O  OE1 . GLN A 1 2   ? 2.677   4.995   16.293  1.00 64.80 ? 2    GLN A OE1 1 
ATOM   9    N  NE2 . GLN A 1 2   ? 0.665   4.089   15.872  1.00 64.78 ? 2    GLN A NE2 1 
ATOM   10   N  N   . TRP A 1 3   ? 3.544   1.938   11.801  1.00 64.71 ? 3    TRP A N   1 
ATOM   11   C  CA  . TRP A 1 3   ? 3.712   2.543   10.479  1.00 64.14 ? 3    TRP A CA  1 
ATOM   12   C  C   . TRP A 1 3   ? 4.274   3.948   10.689  1.00 63.66 ? 3    TRP A C   1 
ATOM   13   O  O   . TRP A 1 3   ? 3.805   4.690   11.561  1.00 63.78 ? 3    TRP A O   1 
ATOM   14   C  CB  . TRP A 1 3   ? 2.366   2.615   9.764   1.00 64.14 ? 3    TRP A CB  1 
ATOM   15   C  CG  . TRP A 1 3   ? 2.437   2.792   8.257   1.00 64.59 ? 3    TRP A CG  1 
ATOM   16   C  CD1 . TRP A 1 3   ? 1.907   3.821   7.525   1.00 64.61 ? 3    TRP A CD1 1 
ATOM   17   C  CD2 . TRP A 1 3   ? 3.055   1.906   7.310   1.00 64.81 ? 3    TRP A CD2 1 
ATOM   18   N  NE1 . TRP A 1 3   ? 2.159   3.632   6.182   1.00 65.12 ? 3    TRP A NE1 1 
ATOM   19   C  CE2 . TRP A 1 3   ? 2.858   2.464   6.023   1.00 64.50 ? 3    TRP A CE2 1 
ATOM   20   C  CE3 . TRP A 1 3   ? 3.754   0.694   7.421   1.00 64.18 ? 3    TRP A CE3 1 
ATOM   21   C  CZ2 . TRP A 1 3   ? 3.336   1.856   4.865   1.00 64.48 ? 3    TRP A CZ2 1 
ATOM   22   C  CZ3 . TRP A 1 3   ? 4.229   0.092   6.263   1.00 64.30 ? 3    TRP A CZ3 1 
ATOM   23   C  CH2 . TRP A 1 3   ? 4.014   0.672   5.004   1.00 64.16 ? 3    TRP A CH2 1 
ATOM   24   N  N   . GLN A 1 4   ? 5.285   4.308   9.904   1.00 62.79 ? 4    GLN A N   1 
ATOM   25   C  CA  . GLN A 1 4   ? 6.028   5.545   10.148  1.00 61.90 ? 4    GLN A CA  1 
ATOM   26   C  C   . GLN A 1 4   ? 5.617   6.703   9.239   1.00 60.87 ? 4    GLN A C   1 
ATOM   27   O  O   . GLN A 1 4   ? 6.381   7.660   9.061   1.00 61.12 ? 4    GLN A O   1 
ATOM   28   C  CB  . GLN A 1 4   ? 7.541   5.285   10.079  1.00 62.22 ? 4    GLN A CB  1 
ATOM   29   C  CG  . GLN A 1 4   ? 8.066   4.383   11.199  1.00 62.15 ? 4    GLN A CG  1 
ATOM   30   C  CD  . GLN A 1 4   ? 9.422   3.778   10.886  1.00 62.19 ? 4    GLN A CD  1 
ATOM   31   O  OE1 . GLN A 1 4   ? 9.573   3.011   9.930   1.00 61.55 ? 4    GLN A OE1 1 
ATOM   32   N  NE2 . GLN A 1 4   ? 10.416  4.106   11.707  1.00 62.10 ? 4    GLN A NE2 1 
ATOM   33   N  N   . THR A 1 5   ? 4.412   6.619   8.671   1.00 59.48 ? 5    THR A N   1 
ATOM   34   C  CA  . THR A 1 5   ? 3.840   7.738   7.904   1.00 57.97 ? 5    THR A CA  1 
ATOM   35   C  C   . THR A 1 5   ? 2.539   8.259   8.553   1.00 56.54 ? 5    THR A C   1 
ATOM   36   O  O   . THR A 1 5   ? 1.742   7.459   9.070   1.00 56.54 ? 5    THR A O   1 
ATOM   37   C  CB  . THR A 1 5   ? 3.661   7.397   6.391   1.00 58.17 ? 5    THR A CB  1 
ATOM   38   O  OG1 . THR A 1 5   ? 2.498   6.585   6.187   1.00 59.26 ? 5    THR A OG1 1 
ATOM   39   C  CG2 . THR A 1 5   ? 4.898   6.675   5.838   1.00 57.67 ? 5    THR A CG2 1 
ATOM   40   N  N   . LYS A 1 6   ? 2.352   9.588   8.535   1.00 54.20 ? 6    LYS A N   1 
ATOM   41   C  CA  . LYS A 1 6   ? 1.232   10.275  9.214   1.00 51.91 ? 6    LYS A CA  1 
ATOM   42   C  C   . LYS A 1 6   ? -0.117  9.548   9.114   1.00 49.97 ? 6    LYS A C   1 
ATOM   43   O  O   . LYS A 1 6   ? -0.625  9.041   10.118  1.00 49.79 ? 6    LYS A O   1 
ATOM   44   C  CB  . LYS A 1 6   ? 1.081   11.726  8.725   1.00 52.48 ? 6    LYS A CB  1 
ATOM   45   C  CG  . LYS A 1 6   ? 2.227   12.679  9.083   1.00 52.91 ? 6    LYS A CG  1 
ATOM   46   C  CD  . LYS A 1 6   ? 1.933   14.098  8.546   1.00 53.47 ? 6    LYS A CD  1 
ATOM   47   C  CE  . LYS A 1 6   ? 3.124   15.048  8.694   1.00 54.17 ? 6    LYS A CE  1 
ATOM   48   N  NZ  . LYS A 1 6   ? 3.384   15.455  10.114  1.00 54.73 ? 6    LYS A NZ  1 
ATOM   49   N  N   . LEU A 1 7   ? -0.692  9.501   7.910   1.00 47.19 ? 7    LEU A N   1 
ATOM   50   C  CA  . LEU A 1 7   ? -1.910  8.714   7.663   1.00 44.42 ? 7    LEU A CA  1 
ATOM   51   C  C   . LEU A 1 7   ? -1.567  7.358   7.040   1.00 42.02 ? 7    LEU A C   1 
ATOM   52   O  O   . LEU A 1 7   ? -0.882  7.301   6.016   1.00 41.75 ? 7    LEU A O   1 
ATOM   53   C  CB  . LEU A 1 7   ? -2.929  9.475   6.795   1.00 44.40 ? 7    LEU A CB  1 
ATOM   54   C  CG  . LEU A 1 7   ? -3.964  10.358  7.508   1.00 44.90 ? 7    LEU A CG  1 
ATOM   55   C  CD1 . LEU A 1 7   ? -3.389  11.719  7.915   1.00 44.90 ? 7    LEU A CD1 1 
ATOM   56   C  CD2 . LEU A 1 7   ? -5.205  10.558  6.650   1.00 44.23 ? 7    LEU A CD2 1 
ATOM   57   N  N   . PRO A 1 8   ? -2.054  6.268   7.658   1.00 39.67 ? 8    PRO A N   1 
ATOM   58   C  CA  . PRO A 1 8   ? -1.756  4.886   7.280   1.00 38.00 ? 8    PRO A CA  1 
ATOM   59   C  C   . PRO A 1 8   ? -2.602  4.364   6.114   1.00 36.32 ? 8    PRO A C   1 
ATOM   60   O  O   . PRO A 1 8   ? -3.115  3.250   6.172   1.00 35.79 ? 8    PRO A O   1 
ATOM   61   C  CB  . PRO A 1 8   ? -2.112  4.117   8.547   1.00 38.07 ? 8    PRO A CB  1 
ATOM   62   C  CG  . PRO A 1 8   ? -3.290  4.867   9.077   1.00 38.17 ? 8    PRO A CG  1 
ATOM   63   C  CD  . PRO A 1 8   ? -2.962  6.319   8.824   1.00 39.68 ? 8    PRO A CD  1 
ATOM   64   N  N   . LEU A 1 9   ? -2.740  5.156   5.063   1.00 34.94 ? 9    LEU A N   1 
ATOM   65   C  CA  . LEU A 1 9   ? -3.460  4.707   3.881   1.00 33.61 ? 9    LEU A CA  1 
ATOM   66   C  C   . LEU A 1 9   ? -2.515  4.680   2.684   1.00 33.13 ? 9    LEU A C   1 
ATOM   67   O  O   . LEU A 1 9   ? -1.740  5.623   2.458   1.00 32.72 ? 9    LEU A O   1 
ATOM   68   C  CB  . LEU A 1 9   ? -4.682  5.597   3.610   1.00 33.65 ? 9    LEU A CB  1 
ATOM   69   C  CG  . LEU A 1 9   ? -5.747  5.711   4.724   1.00 33.36 ? 9    LEU A CG  1 
ATOM   70   C  CD1 . LEU A 1 9   ? -6.721  6.823   4.407   1.00 35.09 ? 9    LEU A CD1 1 
ATOM   71   C  CD2 . LEU A 1 9   ? -6.504  4.412   4.954   1.00 30.57 ? 9    LEU A CD2 1 
ATOM   72   N  N   . ILE A 1 10  ? -2.567  3.585   1.927   1.00 32.24 ? 10   ILE A N   1 
ATOM   73   C  CA  . ILE A 1 10  ? -1.745  3.472   0.737   1.00 31.62 ? 10   ILE A CA  1 
ATOM   74   C  C   . ILE A 1 10  ? -2.646  3.609   -0.473  1.00 31.01 ? 10   ILE A C   1 
ATOM   75   O  O   . ILE A 1 10  ? -3.619  2.867   -0.617  1.00 30.28 ? 10   ILE A O   1 
ATOM   76   C  CB  . ILE A 1 10  ? -0.970  2.148   0.659   1.00 31.53 ? 10   ILE A CB  1 
ATOM   77   C  CG1 . ILE A 1 10  ? -0.157  1.902   1.930   1.00 32.89 ? 10   ILE A CG1 1 
ATOM   78   C  CG2 . ILE A 1 10  ? -0.041  2.148   -0.563  1.00 31.75 ? 10   ILE A CG2 1 
ATOM   79   C  CD1 . ILE A 1 10  ? -0.054  0.410   2.254   1.00 36.33 ? 10   ILE A CD1 1 
ATOM   80   N  N   . ALA A 1 11  ? -2.326  4.587   -1.310  1.00 30.77 ? 11   ALA A N   1 
ATOM   81   C  CA  . ALA A 1 11  ? -2.987  4.787   -2.591  1.00 30.39 ? 11   ALA A CA  1 
ATOM   82   C  C   . ALA A 1 11  ? -2.362  3.849   -3.607  1.00 30.94 ? 11   ALA A C   1 
ATOM   83   O  O   . ALA A 1 11  ? -1.144  3.895   -3.849  1.00 30.81 ? 11   ALA A O   1 
ATOM   84   C  CB  . ALA A 1 11  ? -2.830  6.222   -3.047  1.00 30.26 ? 11   ALA A CB  1 
ATOM   85   N  N   . ILE A 1 12  ? -3.185  2.983   -4.189  1.00 30.35 ? 12   ILE A N   1 
ATOM   86   C  CA  . ILE A 1 12  ? -2.672  2.024   -5.161  1.00 30.24 ? 12   ILE A CA  1 
ATOM   87   C  C   . ILE A 1 12  ? -3.238  2.372   -6.521  1.00 29.76 ? 12   ILE A C   1 
ATOM   88   O  O   . ILE A 1 12  ? -4.447  2.286   -6.721  1.00 30.33 ? 12   ILE A O   1 
ATOM   89   C  CB  . ILE A 1 12  ? -3.017  0.592   -4.746  1.00 30.01 ? 12   ILE A CB  1 
ATOM   90   C  CG1 . ILE A 1 12  ? -2.399  0.277   -3.370  1.00 30.76 ? 12   ILE A CG1 1 
ATOM   91   C  CG2 . ILE A 1 12  ? -2.543  -0.439  -5.817  1.00 30.24 ? 12   ILE A CG2 1 
ATOM   92   C  CD1 . ILE A 1 12  ? -3.097  -0.907  -2.698  1.00 31.80 ? 12   ILE A CD1 1 
ATOM   93   N  N   . LEU A 1 13  ? -2.379  2.793   -7.445  1.00 29.76 ? 13   LEU A N   1 
ATOM   94   C  CA  . LEU A 1 13  ? -2.851  3.299   -8.741  1.00 29.67 ? 13   LEU A CA  1 
ATOM   95   C  C   . LEU A 1 13  ? -2.547  2.319   -9.894  1.00 30.24 ? 13   LEU A C   1 
ATOM   96   O  O   . LEU A 1 13  ? -1.667  2.563   -10.750 1.00 29.22 ? 13   LEU A O   1 
ATOM   97   C  CB  . LEU A 1 13  ? -2.294  4.720   -9.004  1.00 30.26 ? 13   LEU A CB  1 
ATOM   98   C  CG  . LEU A 1 13  ? -2.420  5.726   -7.837  1.00 29.66 ? 13   LEU A CG  1 
ATOM   99   C  CD1 . LEU A 1 13  ? -1.583  6.961   -8.091  1.00 28.40 ? 13   LEU A CD1 1 
ATOM   100  C  CD2 . LEU A 1 13  ? -3.870  6.104   -7.537  1.00 28.78 ? 13   LEU A CD2 1 
ATOM   101  N  N   . ARG A 1 14  ? -3.279  1.201   -9.907  1.00 29.91 ? 14   ARG A N   1 
ATOM   102  C  CA  . ARG A 1 14  ? -3.009  0.126   -10.850 1.00 30.65 ? 14   ARG A CA  1 
ATOM   103  C  C   . ARG A 1 14  ? -3.441  0.562   -12.250 1.00 30.80 ? 14   ARG A C   1 
ATOM   104  O  O   . ARG A 1 14  ? -4.582  1.011   -12.425 1.00 31.37 ? 14   ARG A O   1 
ATOM   105  C  CB  . ARG A 1 14  ? -3.739  -1.174  -10.438 1.00 30.49 ? 14   ARG A CB  1 
ATOM   106  C  CG  . ARG A 1 14  ? -3.436  -2.363  -11.385 1.00 31.51 ? 14   ARG A CG  1 
ATOM   107  C  CD  . ARG A 1 14  ? -3.924  -3.675  -10.863 1.00 31.13 ? 14   ARG A CD  1 
ATOM   108  N  NE  . ARG A 1 14  ? -3.589  -3.837  -9.448  1.00 37.25 ? 14   ARG A NE  1 
ATOM   109  C  CZ  . ARG A 1 14  ? -2.529  -4.496  -8.989  1.00 38.50 ? 14   ARG A CZ  1 
ATOM   110  N  NH1 . ARG A 1 14  ? -1.686  -5.111  -9.819  1.00 40.14 ? 14   ARG A NH1 1 
ATOM   111  N  NH2 . ARG A 1 14  ? -2.320  -4.551  -7.688  1.00 40.67 ? 14   ARG A NH2 1 
ATOM   112  N  N   . GLY A 1 15  ? -2.531  0.456   -13.231 1.00 30.73 ? 15   GLY A N   1 
ATOM   113  C  CA  . GLY A 1 15  ? -2.886  0.718   -14.631 1.00 30.27 ? 15   GLY A CA  1 
ATOM   114  C  C   . GLY A 1 15  ? -2.782  2.180   -15.029 1.00 30.58 ? 15   GLY A C   1 
ATOM   115  O  O   . GLY A 1 15  ? -3.105  2.548   -16.149 1.00 30.27 ? 15   GLY A O   1 
ATOM   116  N  N   . ILE A 1 16  ? -2.341  3.023   -14.104 1.00 30.59 ? 16   ILE A N   1 
ATOM   117  C  CA  . ILE A 1 16  ? -2.031  4.413   -14.450 1.00 31.05 ? 16   ILE A CA  1 
ATOM   118  C  C   . ILE A 1 16  ? -0.870  4.494   -15.469 1.00 31.31 ? 16   ILE A C   1 
ATOM   119  O  O   . ILE A 1 16  ? 0.057   3.664   -15.454 1.00 30.62 ? 16   ILE A O   1 
ATOM   120  C  CB  . ILE A 1 16  ? -1.747  5.244   -13.172 1.00 30.74 ? 16   ILE A CB  1 
ATOM   121  C  CG1 . ILE A 1 16  ? -1.798  6.737   -13.475 1.00 31.33 ? 16   ILE A CG1 1 
ATOM   122  C  CG2 . ILE A 1 16  ? -0.411  4.809   -12.490 1.00 31.19 ? 16   ILE A CG2 1 
ATOM   123  C  CD1 . ILE A 1 16  ? -2.253  7.592   -12.303 1.00 30.11 ? 16   ILE A CD1 1 
ATOM   124  N  N   . THR A 1 17  ? -0.954  5.471   -16.372 1.00 32.29 ? 17   THR A N   1 
ATOM   125  C  CA  . THR A 1 17  ? 0.048   5.673   -17.423 1.00 32.88 ? 17   THR A CA  1 
ATOM   126  C  C   . THR A 1 17  ? 0.981   6.834   -17.014 1.00 33.57 ? 17   THR A C   1 
ATOM   127  O  O   . THR A 1 17  ? 0.611   7.662   -16.163 1.00 33.28 ? 17   THR A O   1 
ATOM   128  C  CB  . THR A 1 17  ? -0.603  5.995   -18.778 1.00 33.16 ? 17   THR A CB  1 
ATOM   129  O  OG1 . THR A 1 17  ? -1.346  7.195   -18.657 1.00 33.82 ? 17   THR A OG1 1 
ATOM   130  C  CG2 . THR A 1 17  ? -1.558  4.891   -19.234 1.00 34.71 ? 17   THR A CG2 1 
ATOM   131  N  N   . PRO A 1 18  ? 2.203   6.882   -17.590 1.00 33.94 ? 18   PRO A N   1 
ATOM   132  C  CA  . PRO A 1 18  ? 3.134   7.977   -17.293 1.00 34.36 ? 18   PRO A CA  1 
ATOM   133  C  C   . PRO A 1 18  ? 2.569   9.392   -17.442 1.00 34.63 ? 18   PRO A C   1 
ATOM   134  O  O   . PRO A 1 18  ? 2.862   10.235  -16.592 1.00 34.07 ? 18   PRO A O   1 
ATOM   135  C  CB  . PRO A 1 18  ? 4.305   7.737   -18.259 1.00 34.06 ? 18   PRO A CB  1 
ATOM   136  C  CG  . PRO A 1 18  ? 4.270   6.271   -18.531 1.00 34.62 ? 18   PRO A CG  1 
ATOM   137  C  CD  . PRO A 1 18  ? 2.808   5.874   -18.483 1.00 34.07 ? 18   PRO A CD  1 
ATOM   138  N  N   . ASP A 1 19  ? 1.766   9.653   -18.476 1.00 35.48 ? 19   ASP A N   1 
ATOM   139  C  CA  . ASP A 1 19  ? 1.249   11.013  -18.704 1.00 37.37 ? 19   ASP A CA  1 
ATOM   140  C  C   . ASP A 1 19  ? 0.218   11.440  -17.653 1.00 37.33 ? 19   ASP A C   1 
ATOM   141  O  O   . ASP A 1 19  ? -0.063  12.633  -17.491 1.00 37.66 ? 19   ASP A O   1 
ATOM   142  C  CB  . ASP A 1 19  ? 0.691   11.199  -20.126 1.00 37.97 ? 19   ASP A CB  1 
ATOM   143  C  CG  . ASP A 1 19  ? -0.609  10.418  -20.354 1.00 40.96 ? 19   ASP A CG  1 
ATOM   144  O  OD1 . ASP A 1 19  ? -0.635  9.197   -20.088 1.00 43.00 ? 19   ASP A OD1 1 
ATOM   145  O  OD2 . ASP A 1 19  ? -1.606  11.025  -20.799 1.00 44.34 ? 19   ASP A OD2 1 
ATOM   146  N  N   . GLU A 1 20  ? -0.347  10.476  -16.931 1.00 37.34 ? 20   GLU A N   1 
ATOM   147  C  CA  . GLU A 1 20  ? -1.346  10.835  -15.928 1.00 37.13 ? 20   GLU A CA  1 
ATOM   148  C  C   . GLU A 1 20  ? -0.827  10.705  -14.486 1.00 36.30 ? 20   GLU A C   1 
ATOM   149  O  O   . GLU A 1 20  ? -1.438  11.221  -13.557 1.00 35.73 ? 20   GLU A O   1 
ATOM   150  C  CB  . GLU A 1 20  ? -2.679  10.122  -16.163 1.00 37.42 ? 20   GLU A CB  1 
ATOM   151  C  CG  . GLU A 1 20  ? -2.581  8.634   -16.304 1.00 39.63 ? 20   GLU A CG  1 
ATOM   152  C  CD  . GLU A 1 20  ? -3.857  7.983   -16.824 1.00 39.58 ? 20   GLU A CD  1 
ATOM   153  O  OE1 . GLU A 1 20  ? -4.553  8.581   -17.667 1.00 40.23 ? 20   GLU A OE1 1 
ATOM   154  O  OE2 . GLU A 1 20  ? -4.145  6.847   -16.395 1.00 40.07 ? 20   GLU A OE2 1 
ATOM   155  N  N   . ALA A 1 21  ? 0.329   10.064  -14.323 1.00 35.50 ? 21   ALA A N   1 
ATOM   156  C  CA  . ALA A 1 21  ? 0.864   9.758   -12.997 1.00 35.07 ? 21   ALA A CA  1 
ATOM   157  C  C   . ALA A 1 21  ? 0.981   10.972  -12.074 1.00 34.47 ? 21   ALA A C   1 
ATOM   158  O  O   . ALA A 1 21  ? 0.537   10.925  -10.931 1.00 34.88 ? 21   ALA A O   1 
ATOM   159  C  CB  . ALA A 1 21  ? 2.213   9.037   -13.105 1.00 34.48 ? 21   ALA A CB  1 
ATOM   160  N  N   . LEU A 1 22  ? 1.581   12.052  -12.557 1.00 34.20 ? 22   LEU A N   1 
ATOM   161  C  CA  . LEU A 1 22  ? 1.834   13.224  -11.707 1.00 34.14 ? 22   LEU A CA  1 
ATOM   162  C  C   . LEU A 1 22  ? 0.562   13.893  -11.175 1.00 33.88 ? 22   LEU A C   1 
ATOM   163  O  O   . LEU A 1 22  ? 0.509   14.312  -10.009 1.00 34.12 ? 22   LEU A O   1 
ATOM   164  C  CB  . LEU A 1 22  ? 2.664   14.266  -12.456 1.00 34.47 ? 22   LEU A CB  1 
ATOM   165  C  CG  . LEU A 1 22  ? 4.062   13.900  -12.954 1.00 35.61 ? 22   LEU A CG  1 
ATOM   166  C  CD1 . LEU A 1 22  ? 4.746   15.148  -13.536 1.00 35.61 ? 22   LEU A CD1 1 
ATOM   167  C  CD2 . LEU A 1 22  ? 4.880   13.286  -11.852 1.00 35.94 ? 22   LEU A CD2 1 
ATOM   168  N  N   . ALA A 1 23  ? -0.456  13.994  -12.029 1.00 33.22 ? 23   ALA A N   1 
ATOM   169  C  CA  . ALA A 1 23  ? -1.711  14.634  -11.654 1.00 32.85 ? 23   ALA A CA  1 
ATOM   170  C  C   . ALA A 1 23  ? -2.496  13.811  -10.637 1.00 32.33 ? 23   ALA A C   1 
ATOM   171  O  O   . ALA A 1 23  ? -3.003  14.346  -9.668  1.00 31.57 ? 23   ALA A O   1 
ATOM   172  C  CB  . ALA A 1 23  ? -2.560  14.899  -12.876 1.00 33.21 ? 23   ALA A CB  1 
ATOM   173  N  N   . HIS A 1 24  ? -2.592  12.506  -10.868 1.00 32.39 ? 24   HIS A N   1 
ATOM   174  C  CA  . HIS A 1 24  ? -3.345  11.640  -9.968  1.00 32.38 ? 24   HIS A CA  1 
ATOM   175  C  C   . HIS A 1 24  ? -2.654  11.464  -8.610  1.00 32.18 ? 24   HIS A C   1 
ATOM   176  O  O   . HIS A 1 24  ? -3.315  11.374  -7.562  1.00 32.28 ? 24   HIS A O   1 
ATOM   177  C  CB  . HIS A 1 24  ? -3.580  10.295  -10.633 1.00 32.17 ? 24   HIS A CB  1 
ATOM   178  C  CG  . HIS A 1 24  ? -4.637  10.343  -11.693 1.00 33.54 ? 24   HIS A CG  1 
ATOM   179  N  ND1 . HIS A 1 24  ? -5.939  9.961   -11.456 1.00 32.76 ? 24   HIS A ND1 1 
ATOM   180  C  CD2 . HIS A 1 24  ? -4.587  10.734  -12.989 1.00 32.63 ? 24   HIS A CD2 1 
ATOM   181  C  CE1 . HIS A 1 24  ? -6.645  10.112  -12.565 1.00 34.72 ? 24   HIS A CE1 1 
ATOM   182  N  NE2 . HIS A 1 24  ? -5.849  10.580  -13.508 1.00 32.68 ? 24   HIS A NE2 1 
ATOM   183  N  N   . VAL A 1 25  ? -1.323  11.417  -8.638  1.00 31.03 ? 25   VAL A N   1 
ATOM   184  C  CA  . VAL A 1 25  ? -0.568  11.314  -7.401  1.00 30.75 ? 25   VAL A CA  1 
ATOM   185  C  C   . VAL A 1 25  ? -0.705  12.616  -6.643  1.00 30.61 ? 25   VAL A C   1 
ATOM   186  O  O   . VAL A 1 25  ? -0.892  12.597  -5.445  1.00 31.27 ? 25   VAL A O   1 
ATOM   187  C  CB  . VAL A 1 25  ? 0.905   10.908  -7.634  1.00 29.85 ? 25   VAL A CB  1 
ATOM   188  C  CG1 . VAL A 1 25  ? 1.712   11.049  -6.362  1.00 30.64 ? 25   VAL A CG1 1 
ATOM   189  C  CG2 . VAL A 1 25  ? 0.963   9.471   -8.125  1.00 29.57 ? 25   VAL A CG2 1 
ATOM   190  N  N   . GLY A 1 26  ? -0.630  13.743  -7.346  1.00 31.34 ? 26   GLY A N   1 
ATOM   191  C  CA  . GLY A 1 26  ? -0.788  15.062  -6.715  1.00 31.05 ? 26   GLY A CA  1 
ATOM   192  C  C   . GLY A 1 26  ? -2.163  15.198  -6.088  1.00 31.47 ? 26   GLY A C   1 
ATOM   193  O  O   . GLY A 1 26  ? -2.319  15.818  -5.019  1.00 31.70 ? 26   GLY A O   1 
ATOM   194  N  N   . ALA A 1 27  ? -3.167  14.615  -6.743  1.00 31.01 ? 27   ALA A N   1 
ATOM   195  C  CA  . ALA A 1 27  ? -4.528  14.594  -6.176  1.00 31.13 ? 27   ALA A CA  1 
ATOM   196  C  C   . ALA A 1 27  ? -4.546  13.868  -4.829  1.00 31.01 ? 27   ALA A C   1 
ATOM   197  O  O   . ALA A 1 27  ? -4.997  14.440  -3.838  1.00 31.07 ? 27   ALA A O   1 
ATOM   198  C  CB  . ALA A 1 27  ? -5.533  13.970  -7.134  1.00 30.67 ? 27   ALA A CB  1 
ATOM   199  N  N   . VAL A 1 28  ? -4.037  12.636  -4.784  1.00 31.12 ? 28   VAL A N   1 
ATOM   200  C  CA  . VAL A 1 28  ? -4.131  11.837  -3.557  1.00 31.55 ? 28   VAL A CA  1 
ATOM   201  C  C   . VAL A 1 28  ? -3.349  12.489  -2.424  1.00 32.40 ? 28   VAL A C   1 
ATOM   202  O  O   . VAL A 1 28  ? -3.817  12.509  -1.295  1.00 32.29 ? 28   VAL A O   1 
ATOM   203  C  CB  . VAL A 1 28  ? -3.707  10.322  -3.699  1.00 31.72 ? 28   VAL A CB  1 
ATOM   204  C  CG1 . VAL A 1 28  ? -4.649  9.536   -4.652  1.00 30.49 ? 28   VAL A CG1 1 
ATOM   205  C  CG2 . VAL A 1 28  ? -2.230  10.155  -4.065  1.00 29.80 ? 28   VAL A CG2 1 
ATOM   206  N  N   . ILE A 1 29  ? -2.165  13.018  -2.740  1.00 33.06 ? 29   ILE A N   1 
ATOM   207  C  CA  . ILE A 1 29  ? -1.315  13.653  -1.738  1.00 34.15 ? 29   ILE A CA  1 
ATOM   208  C  C   . ILE A 1 29  ? -1.983  14.920  -1.203  1.00 34.21 ? 29   ILE A C   1 
ATOM   209  O  O   . ILE A 1 29  ? -2.018  15.139  0.010   1.00 34.17 ? 29   ILE A O   1 
ATOM   210  C  CB  . ILE A 1 29  ? 0.109   13.937  -2.284  1.00 34.10 ? 29   ILE A CB  1 
ATOM   211  C  CG1 . ILE A 1 29  ? 0.847   12.621  -2.537  1.00 35.20 ? 29   ILE A CG1 1 
ATOM   212  C  CG2 . ILE A 1 29  ? 0.918   14.767  -1.302  1.00 34.86 ? 29   ILE A CG2 1 
ATOM   213  C  CD1 . ILE A 1 29  ? 2.261   12.809  -3.049  1.00 36.10 ? 29   ILE A CD1 1 
ATOM   214  N  N   . ASP A 1 30  ? -2.536  15.729  -2.107  1.00 34.61 ? 30   ASP A N   1 
ATOM   215  C  CA  . ASP A 1 30  ? -3.263  16.950  -1.732  1.00 35.11 ? 30   ASP A CA  1 
ATOM   216  C  C   . ASP A 1 30  ? -4.422  16.703  -0.760  1.00 34.78 ? 30   ASP A C   1 
ATOM   217  O  O   . ASP A 1 30  ? -4.768  17.574  0.040   1.00 34.33 ? 30   ASP A O   1 
ATOM   218  C  CB  . ASP A 1 30  ? -3.778  17.675  -2.987  1.00 35.66 ? 30   ASP A CB  1 
ATOM   219  C  CG  . ASP A 1 30  ? -2.731  18.605  -3.607  1.00 37.74 ? 30   ASP A CG  1 
ATOM   220  O  OD1 . ASP A 1 30  ? -1.664  18.818  -2.979  1.00 39.04 ? 30   ASP A OD1 1 
ATOM   221  O  OD2 . ASP A 1 30  ? -2.980  19.136  -4.716  1.00 38.49 ? 30   ASP A OD2 1 
ATOM   222  N  N   . ALA A 1 31  ? -5.009  15.512  -0.846  1.00 34.70 ? 31   ALA A N   1 
ATOM   223  C  CA  . ALA A 1 31  ? -6.173  15.135  -0.059  1.00 35.05 ? 31   ALA A CA  1 
ATOM   224  C  C   . ALA A 1 31  ? -5.785  14.581  1.311   1.00 35.27 ? 31   ALA A C   1 
ATOM   225  O  O   . ALA A 1 31  ? -6.606  14.560  2.239   1.00 35.47 ? 31   ALA A O   1 
ATOM   226  C  CB  . ALA A 1 31  ? -7.007  14.134  -0.822  1.00 35.02 ? 31   ALA A CB  1 
ATOM   227  N  N   . GLY A 1 32  ? -4.539  14.127  1.434   1.00 35.27 ? 32   GLY A N   1 
ATOM   228  C  CA  . GLY A 1 32  ? -3.995  13.757  2.735   1.00 34.46 ? 32   GLY A CA  1 
ATOM   229  C  C   . GLY A 1 32  ? -3.180  12.482  2.755   1.00 34.41 ? 32   GLY A C   1 
ATOM   230  O  O   . GLY A 1 32  ? -2.630  12.103  3.796   1.00 34.29 ? 32   GLY A O   1 
ATOM   231  N  N   . PHE A 1 33  ? -3.109  11.797  1.619   1.00 34.33 ? 33   PHE A N   1 
ATOM   232  C  CA  . PHE A 1 33  ? -2.330  10.566  1.547   1.00 33.77 ? 33   PHE A CA  1 
ATOM   233  C  C   . PHE A 1 33  ? -0.847  10.880  1.669   1.00 34.06 ? 33   PHE A C   1 
ATOM   234  O  O   . PHE A 1 33  ? -0.376  11.916  1.181   1.00 33.24 ? 33   PHE A O   1 
ATOM   235  C  CB  . PHE A 1 33  ? -2.598  9.829   0.239   1.00 33.75 ? 33   PHE A CB  1 
ATOM   236  C  CG  . PHE A 1 33  ? -3.864  9.017   0.243   1.00 33.14 ? 33   PHE A CG  1 
ATOM   237  C  CD1 . PHE A 1 33  ? -5.112  9.635   0.250   1.00 32.48 ? 33   PHE A CD1 1 
ATOM   238  C  CD2 . PHE A 1 33  ? -3.804  7.633   0.228   1.00 31.23 ? 33   PHE A CD2 1 
ATOM   239  C  CE1 . PHE A 1 33  ? -6.282  8.871   0.249   1.00 32.34 ? 33   PHE A CE1 1 
ATOM   240  C  CE2 . PHE A 1 33  ? -4.974  6.861   0.214   1.00 31.61 ? 33   PHE A CE2 1 
ATOM   241  C  CZ  . PHE A 1 33  ? -6.207  7.481   0.221   1.00 32.09 ? 33   PHE A CZ  1 
ATOM   242  N  N   . ASP A 1 34  ? -0.113  9.993   2.331   1.00 34.17 ? 34   ASP A N   1 
ATOM   243  C  CA  . ASP A 1 34  ? 1.350   10.085  2.311   1.00 34.98 ? 34   ASP A CA  1 
ATOM   244  C  C   . ASP A 1 34  ? 2.014   8.726   2.085   1.00 34.48 ? 34   ASP A C   1 
ATOM   245  O  O   . ASP A 1 34  ? 3.140   8.486   2.508   1.00 34.93 ? 34   ASP A O   1 
ATOM   246  C  CB  . ASP A 1 34  ? 1.893   10.824  3.545   1.00 35.57 ? 34   ASP A CB  1 
ATOM   247  C  CG  . ASP A 1 34  ? 1.240   10.371  4.820   1.00 36.78 ? 34   ASP A CG  1 
ATOM   248  O  OD1 . ASP A 1 34  ? 1.161   9.142   5.002   1.00 40.51 ? 34   ASP A OD1 1 
ATOM   249  O  OD2 . ASP A 1 34  ? 0.799   11.232  5.626   1.00 38.50 ? 34   ASP A OD2 1 
ATOM   250  N  N   . ALA A 1 35  ? 1.286   7.837   1.422   1.00 34.39 ? 35   ALA A N   1 
ATOM   251  C  CA  . ALA A 1 35  ? 1.881   6.660   0.810   1.00 34.52 ? 35   ALA A CA  1 
ATOM   252  C  C   . ALA A 1 35  ? 1.128   6.341   -0.475  1.00 34.68 ? 35   ALA A C   1 
ATOM   253  O  O   . ALA A 1 35  ? -0.114  6.333   -0.530  1.00 35.10 ? 35   ALA A O   1 
ATOM   254  C  CB  . ALA A 1 35  ? 1.935   5.456   1.760   1.00 33.91 ? 35   ALA A CB  1 
ATOM   255  N  N   . VAL A 1 36  ? 1.913   6.117   -1.518  1.00 34.45 ? 36   VAL A N   1 
ATOM   256  C  CA  . VAL A 1 36  ? 1.411   5.931   -2.870  1.00 33.74 ? 36   VAL A CA  1 
ATOM   257  C  C   . VAL A 1 36  ? 2.308   4.892   -3.509  1.00 33.88 ? 36   VAL A C   1 
ATOM   258  O  O   . VAL A 1 36  ? 3.527   4.912   -3.314  1.00 33.54 ? 36   VAL A O   1 
ATOM   259  C  CB  . VAL A 1 36  ? 1.526   7.223   -3.712  1.00 33.41 ? 36   VAL A CB  1 
ATOM   260  C  CG1 . VAL A 1 36  ? 0.967   7.001   -5.129  1.00 33.59 ? 36   VAL A CG1 1 
ATOM   261  C  CG2 . VAL A 1 36  ? 0.813   8.397   -3.022  1.00 33.76 ? 36   VAL A CG2 1 
ATOM   262  N  N   . GLU A 1 37  ? 1.702   3.997   -4.284  1.00 33.61 ? 37   GLU A N   1 
ATOM   263  C  CA  . GLU A 1 37  ? 2.461   3.011   -5.022  1.00 33.47 ? 37   GLU A CA  1 
ATOM   264  C  C   . GLU A 1 37  ? 1.814   2.753   -6.367  1.00 33.18 ? 37   GLU A C   1 
ATOM   265  O  O   . GLU A 1 37  ? 0.587   2.870   -6.530  1.00 33.21 ? 37   GLU A O   1 
ATOM   266  C  CB  . GLU A 1 37  ? 2.615   1.718   -4.204  1.00 34.23 ? 37   GLU A CB  1 
ATOM   267  C  CG  . GLU A 1 37  ? 1.299   0.965   -3.909  1.00 33.70 ? 37   GLU A CG  1 
ATOM   268  C  CD  . GLU A 1 37  ? 1.058   -0.236  -4.830  1.00 36.61 ? 37   GLU A CD  1 
ATOM   269  O  OE1 . GLU A 1 37  ? 0.554   -1.278  -4.327  1.00 37.97 ? 37   GLU A OE1 1 
ATOM   270  O  OE2 . GLU A 1 37  ? 1.358   -0.157  -6.051  1.00 35.55 ? 37   GLU A OE2 1 
ATOM   271  N  N   . ILE A 1 38  ? 2.657   2.421   -7.329  1.00 32.75 ? 38   ILE A N   1 
ATOM   272  C  CA  . ILE A 1 38  ? 2.231   2.063   -8.668  1.00 33.29 ? 38   ILE A CA  1 
ATOM   273  C  C   . ILE A 1 38  ? 2.589   0.603   -8.893  1.00 32.67 ? 38   ILE A C   1 
ATOM   274  O  O   . ILE A 1 38  ? 3.769   0.240   -8.843  1.00 32.09 ? 38   ILE A O   1 
ATOM   275  C  CB  . ILE A 1 38  ? 2.892   3.007   -9.740  1.00 33.17 ? 38   ILE A CB  1 
ATOM   276  C  CG1 . ILE A 1 38  ? 2.411   4.449   -9.519  1.00 35.39 ? 38   ILE A CG1 1 
ATOM   277  C  CG2 . ILE A 1 38  ? 2.566   2.561   -11.160 1.00 33.20 ? 38   ILE A CG2 1 
ATOM   278  C  CD1 . ILE A 1 38  ? 2.935   5.472   -10.531 1.00 35.51 ? 38   ILE A CD1 1 
ATOM   279  N  N   . PRO A 1 39  ? 1.572   -0.258  -9.086  1.00 33.02 ? 39   PRO A N   1 
ATOM   280  C  CA  . PRO A 1 39  ? 1.827   -1.668  -9.437  1.00 32.59 ? 39   PRO A CA  1 
ATOM   281  C  C   . PRO A 1 39  ? 2.649   -1.842  -10.721 1.00 32.90 ? 39   PRO A C   1 
ATOM   282  O  O   . PRO A 1 39  ? 2.494   -1.075  -11.673 1.00 31.55 ? 39   PRO A O   1 
ATOM   283  C  CB  . PRO A 1 39  ? 0.417   -2.240  -9.611  1.00 32.36 ? 39   PRO A CB  1 
ATOM   284  C  CG  . PRO A 1 39  ? -0.426  -1.383  -8.668  1.00 31.87 ? 39   PRO A CG  1 
ATOM   285  C  CD  . PRO A 1 39  ? 0.126   -0.004  -8.904  1.00 32.97 ? 39   PRO A CD  1 
ATOM   286  N  N   . LEU A 1 40  ? 3.521   -2.851  -10.717 1.00 33.18 ? 40   LEU A N   1 
ATOM   287  C  CA  . LEU A 1 40  ? 4.406   -3.127  -11.832 1.00 33.69 ? 40   LEU A CA  1 
ATOM   288  C  C   . LEU A 1 40  ? 3.667   -3.740  -13.005 1.00 34.01 ? 40   LEU A C   1 
ATOM   289  O  O   . LEU A 1 40  ? 4.256   -3.891  -14.076 1.00 34.15 ? 40   LEU A O   1 
ATOM   290  C  CB  . LEU A 1 40  ? 5.577   -4.032  -11.410 1.00 33.84 ? 40   LEU A CB  1 
ATOM   291  C  CG  . LEU A 1 40  ? 6.607   -3.511  -10.403 1.00 34.27 ? 40   LEU A CG  1 
ATOM   292  C  CD1 . LEU A 1 40  ? 7.944   -4.242  -10.557 1.00 30.82 ? 40   LEU A CD1 1 
ATOM   293  C  CD2 . LEU A 1 40  ? 6.797   -1.995  -10.522 1.00 33.15 ? 40   LEU A CD2 1 
ATOM   294  N  N   . ASN A 1 41  ? 2.383   -4.081  -12.829 1.00 34.48 ? 41   ASN A N   1 
ATOM   295  C  CA  . ASN A 1 41  ? 1.569   -4.418  -14.000 1.00 35.06 ? 41   ASN A CA  1 
ATOM   296  C  C   . ASN A 1 41  ? 0.854   -3.221  -14.627 1.00 34.95 ? 41   ASN A C   1 
ATOM   297  O  O   . ASN A 1 41  ? -0.004  -3.403  -15.498 1.00 34.32 ? 41   ASN A O   1 
ATOM   298  C  CB  . ASN A 1 41  ? 0.658   -5.667  -13.843 1.00 34.89 ? 41   ASN A CB  1 
ATOM   299  C  CG  . ASN A 1 41  ? -0.381  -5.537  -12.734 1.00 36.25 ? 41   ASN A CG  1 
ATOM   300  O  OD1 . ASN A 1 41  ? -0.530  -4.490  -12.096 1.00 34.20 ? 41   ASN A OD1 1 
ATOM   301  N  ND2 . ASN A 1 41  ? -1.131  -6.629  -12.510 1.00 34.37 ? 41   ASN A ND2 1 
ATOM   302  N  N   . SER A 1 42  ? 1.258   -2.015  -14.214 1.00 34.81 ? 42   SER A N   1 
ATOM   303  C  CA  . SER A 1 42  ? 0.861   -0.758  -14.886 1.00 35.10 ? 42   SER A CA  1 
ATOM   304  C  C   . SER A 1 42  ? 1.733   -0.489  -16.119 1.00 35.50 ? 42   SER A C   1 
ATOM   305  O  O   . SER A 1 42  ? 2.948   -0.743  -16.096 1.00 35.92 ? 42   SER A O   1 
ATOM   306  C  CB  . SER A 1 42  ? 0.998   0.448   -13.948 1.00 34.84 ? 42   SER A CB  1 
ATOM   307  O  OG  . SER A 1 42  ? 0.283   0.275   -12.749 1.00 34.51 ? 42   SER A OG  1 
ATOM   308  N  N   . PRO A 1 43  ? 1.141   0.077   -17.184 1.00 35.49 ? 43   PRO A N   1 
ATOM   309  C  CA  . PRO A 1 43  ? 1.943   0.292   -18.387 1.00 35.69 ? 43   PRO A CA  1 
ATOM   310  C  C   . PRO A 1 43  ? 3.050   1.343   -18.208 1.00 35.59 ? 43   PRO A C   1 
ATOM   311  O  O   . PRO A 1 43  ? 2.800   2.450   -17.687 1.00 35.23 ? 43   PRO A O   1 
ATOM   312  C  CB  . PRO A 1 43  ? 0.906   0.757   -19.425 1.00 35.70 ? 43   PRO A CB  1 
ATOM   313  C  CG  . PRO A 1 43  ? -0.198  1.350   -18.602 1.00 36.15 ? 43   PRO A CG  1 
ATOM   314  C  CD  . PRO A 1 43  ? -0.252  0.534   -17.349 1.00 35.38 ? 43   PRO A CD  1 
ATOM   315  N  N   . GLN A 1 44  ? 4.258   0.993   -18.659 1.00 35.51 ? 44   GLN A N   1 
ATOM   316  C  CA  . GLN A 1 44  ? 5.416   1.885   -18.582 1.00 35.41 ? 44   GLN A CA  1 
ATOM   317  C  C   . GLN A 1 44  ? 5.665   2.409   -17.148 1.00 35.01 ? 44   GLN A C   1 
ATOM   318  O  O   . GLN A 1 44  ? 5.943   3.593   -16.931 1.00 34.86 ? 44   GLN A O   1 
ATOM   319  C  CB  . GLN A 1 44  ? 5.290   3.018   -19.624 1.00 35.63 ? 44   GLN A CB  1 
ATOM   320  C  CG  . GLN A 1 44  ? 5.161   2.497   -21.064 1.00 36.99 ? 44   GLN A CG  1 
ATOM   321  C  CD  . GLN A 1 44  ? 5.090   3.582   -22.109 1.00 38.82 ? 44   GLN A CD  1 
ATOM   322  O  OE1 . GLN A 1 44  ? 5.918   3.618   -23.020 1.00 42.87 ? 44   GLN A OE1 1 
ATOM   323  N  NE2 . GLN A 1 44  ? 4.096   4.468   -22.004 1.00 40.61 ? 44   GLN A NE2 1 
ATOM   324  N  N   . TRP A 1 45  ? 5.579   1.504   -16.171 1.00 34.62 ? 45   TRP A N   1 
ATOM   325  C  CA  . TRP A 1 45  ? 5.838   1.848   -14.777 1.00 34.53 ? 45   TRP A CA  1 
ATOM   326  C  C   . TRP A 1 45  ? 7.258   2.402   -14.547 1.00 34.18 ? 45   TRP A C   1 
ATOM   327  O  O   . TRP A 1 45  ? 7.474   3.197   -13.640 1.00 34.03 ? 45   TRP A O   1 
ATOM   328  C  CB  . TRP A 1 45  ? 5.576   0.649   -13.851 1.00 34.55 ? 45   TRP A CB  1 
ATOM   329  C  CG  . TRP A 1 45  ? 6.414   -0.584  -14.136 1.00 34.75 ? 45   TRP A CG  1 
ATOM   330  C  CD1 . TRP A 1 45  ? 6.028   -1.673  -14.860 1.00 34.31 ? 45   TRP A CD1 1 
ATOM   331  C  CD2 . TRP A 1 45  ? 7.758   -0.858  -13.690 1.00 35.18 ? 45   TRP A CD2 1 
ATOM   332  N  NE1 . TRP A 1 45  ? 7.036   -2.607  -14.897 1.00 34.06 ? 45   TRP A NE1 1 
ATOM   333  C  CE2 . TRP A 1 45  ? 8.115   -2.129  -14.201 1.00 34.97 ? 45   TRP A CE2 1 
ATOM   334  C  CE3 . TRP A 1 45  ? 8.693   -0.155  -12.910 1.00 36.28 ? 45   TRP A CE3 1 
ATOM   335  C  CZ2 . TRP A 1 45  ? 9.367   -2.717  -13.963 1.00 35.35 ? 45   TRP A CZ2 1 
ATOM   336  C  CZ3 . TRP A 1 45  ? 9.953   -0.739  -12.672 1.00 35.85 ? 45   TRP A CZ3 1 
ATOM   337  C  CH2 . TRP A 1 45  ? 10.271  -2.009  -13.196 1.00 36.24 ? 45   TRP A CH2 1 
ATOM   338  N  N   . GLU A 1 46  ? 8.220   1.983   -15.362 1.00 34.36 ? 46   GLU A N   1 
ATOM   339  C  CA  . GLU A 1 46  ? 9.596   2.463   -15.208 1.00 34.68 ? 46   GLU A CA  1 
ATOM   340  C  C   . GLU A 1 46  ? 9.783   3.891   -15.703 1.00 33.78 ? 46   GLU A C   1 
ATOM   341  O  O   . GLU A 1 46  ? 10.883  4.451   -15.587 1.00 32.76 ? 46   GLU A O   1 
ATOM   342  C  CB  . GLU A 1 46  ? 10.605  1.527   -15.877 1.00 35.54 ? 46   GLU A CB  1 
ATOM   343  C  CG  . GLU A 1 46  ? 10.286  1.176   -17.304 1.00 38.42 ? 46   GLU A CG  1 
ATOM   344  C  CD  . GLU A 1 46  ? 9.240   0.071   -17.380 1.00 41.77 ? 46   GLU A CD  1 
ATOM   345  O  OE1 . GLU A 1 46  ? 9.471   -1.021  -16.802 1.00 44.87 ? 46   GLU A OE1 1 
ATOM   346  O  OE2 . GLU A 1 46  ? 8.201   0.293   -18.017 1.00 39.87 ? 46   GLU A OE2 1 
ATOM   347  N  N   . GLN A 1 47  ? 8.709   4.468   -16.263 1.00 33.12 ? 47   GLN A N   1 
ATOM   348  C  CA  . GLN A 1 47  ? 8.629   5.910   -16.514 1.00 32.61 ? 47   GLN A CA  1 
ATOM   349  C  C   . GLN A 1 47  ? 7.890   6.623   -15.394 1.00 32.21 ? 47   GLN A C   1 
ATOM   350  O  O   . GLN A 1 47  ? 8.326   7.673   -14.933 1.00 32.36 ? 47   GLN A O   1 
ATOM   351  C  CB  . GLN A 1 47  ? 7.910   6.225   -17.823 1.00 32.74 ? 47   GLN A CB  1 
ATOM   352  C  CG  . GLN A 1 47  ? 8.678   5.900   -19.078 1.00 33.89 ? 47   GLN A CG  1 
ATOM   353  C  CD  . GLN A 1 47  ? 7.920   6.299   -20.321 1.00 35.30 ? 47   GLN A CD  1 
ATOM   354  O  OE1 . GLN A 1 47  ? 7.432   7.419   -20.431 1.00 36.91 ? 47   GLN A OE1 1 
ATOM   355  N  NE2 . GLN A 1 47  ? 7.829   5.387   -21.274 1.00 37.03 ? 47   GLN A NE2 1 
ATOM   356  N  N   . SER A 1 48  ? 6.747   6.079   -14.992 1.00 31.79 ? 48   SER A N   1 
ATOM   357  C  CA  . SER A 1 48  ? 5.886   6.727   -13.996 1.00 31.62 ? 48   SER A CA  1 
ATOM   358  C  C   . SER A 1 48  ? 6.545   6.786   -12.620 1.00 31.29 ? 48   SER A C   1 
ATOM   359  O  O   . SER A 1 48  ? 6.530   7.828   -11.973 1.00 31.90 ? 48   SER A O   1 
ATOM   360  C  CB  . SER A 1 48  ? 4.559   5.972   -13.873 1.00 31.33 ? 48   SER A CB  1 
ATOM   361  O  OG  . SER A 1 48  ? 3.921   5.904   -15.127 1.00 33.18 ? 48   SER A OG  1 
ATOM   362  N  N   . ILE A 1 49  ? 7.117   5.669   -12.173 1.00 31.13 ? 49   ILE A N   1 
ATOM   363  C  CA  . ILE A 1 49  ? 7.665   5.591   -10.801 1.00 31.49 ? 49   ILE A CA  1 
ATOM   364  C  C   . ILE A 1 49  ? 8.800   6.596   -10.545 1.00 31.23 ? 49   ILE A C   1 
ATOM   365  O  O   . ILE A 1 49  ? 8.695   7.421   -9.631  1.00 31.92 ? 49   ILE A O   1 
ATOM   366  C  CB  . ILE A 1 49  ? 8.063   4.134   -10.389 1.00 31.67 ? 49   ILE A CB  1 
ATOM   367  C  CG1 . ILE A 1 49  ? 6.807   3.295   -10.089 1.00 31.89 ? 49   ILE A CG1 1 
ATOM   368  C  CG2 . ILE A 1 49  ? 8.951   4.146   -9.156  1.00 30.83 ? 49   ILE A CG2 1 
ATOM   369  C  CD1 . ILE A 1 49  ? 7.014   1.805   -10.197 1.00 33.69 ? 49   ILE A CD1 1 
ATOM   370  N  N   . PRO A 1 50  ? 9.876   6.554   -11.351 1.00 31.00 ? 50   PRO A N   1 
ATOM   371  C  CA  . PRO A 1 50  ? 10.920  7.557   -11.092 1.00 30.89 ? 50   PRO A CA  1 
ATOM   372  C  C   . PRO A 1 50  ? 10.435  9.016   -11.190 1.00 31.55 ? 50   PRO A C   1 
ATOM   373  O  O   . PRO A 1 50  ? 10.971  9.882   -10.487 1.00 31.04 ? 50   PRO A O   1 
ATOM   374  C  CB  . PRO A 1 50  ? 11.979  7.264   -12.162 1.00 30.74 ? 50   PRO A CB  1 
ATOM   375  C  CG  . PRO A 1 50  ? 11.310  6.438   -13.180 1.00 31.18 ? 50   PRO A CG  1 
ATOM   376  C  CD  . PRO A 1 50  ? 10.233  5.661   -12.473 1.00 30.30 ? 50   PRO A CD  1 
ATOM   377  N  N   . ALA A 1 51  ? 9.452   9.281   -12.051 1.00 31.88 ? 51   ALA A N   1 
ATOM   378  C  CA  . ALA A 1 51  ? 8.837   10.611  -12.143 1.00 33.23 ? 51   ALA A CA  1 
ATOM   379  C  C   . ALA A 1 51  ? 8.181   11.037  -10.826 1.00 33.77 ? 51   ALA A C   1 
ATOM   380  O  O   . ALA A 1 51  ? 8.331   12.180  -10.394 1.00 34.77 ? 51   ALA A O   1 
ATOM   381  C  CB  . ALA A 1 51  ? 7.801   10.646  -13.270 1.00 32.99 ? 51   ALA A CB  1 
ATOM   382  N  N   . ILE A 1 52  ? 7.472   10.110  -10.186 1.00 33.99 ? 52   ILE A N   1 
ATOM   383  C  CA  . ILE A 1 52  ? 6.698   10.416  -8.977  1.00 33.74 ? 52   ILE A CA  1 
ATOM   384  C  C   . ILE A 1 52  ? 7.594   10.499  -7.755  1.00 33.51 ? 52   ILE A C   1 
ATOM   385  O  O   . ILE A 1 52  ? 7.338   11.303  -6.851  1.00 33.56 ? 52   ILE A O   1 
ATOM   386  C  CB  . ILE A 1 52  ? 5.570   9.400   -8.778  1.00 34.46 ? 52   ILE A CB  1 
ATOM   387  C  CG1 . ILE A 1 52  ? 4.496   9.630   -9.842  1.00 34.11 ? 52   ILE A CG1 1 
ATOM   388  C  CG2 . ILE A 1 52  ? 4.968   9.494   -7.371  1.00 35.90 ? 52   ILE A CG2 1 
ATOM   389  C  CD1 . ILE A 1 52  ? 3.666   8.393   -10.116 1.00 38.62 ? 52   ILE A CD1 1 
ATOM   390  N  N   . VAL A 1 53  ? 8.655   9.691   -7.744  1.00 32.34 ? 53   VAL A N   1 
ATOM   391  C  CA  . VAL A 1 53  ? 9.712   9.807   -6.751  1.00 31.64 ? 53   VAL A CA  1 
ATOM   392  C  C   . VAL A 1 53  ? 10.317  11.203  -6.777  1.00 31.92 ? 53   VAL A C   1 
ATOM   393  O  O   . VAL A 1 53  ? 10.627  11.802  -5.733  1.00 31.93 ? 53   VAL A O   1 
ATOM   394  C  CB  . VAL A 1 53  ? 10.841  8.786   -7.012  1.00 31.71 ? 53   VAL A CB  1 
ATOM   395  C  CG1 . VAL A 1 53  ? 12.141  9.189   -6.268  1.00 30.83 ? 53   VAL A CG1 1 
ATOM   396  C  CG2 . VAL A 1 53  ? 10.393  7.377   -6.617  1.00 31.53 ? 53   VAL A CG2 1 
ATOM   397  N  N   . ASP A 1 54  ? 10.490  11.725  -7.976  1.00 31.97 ? 54   ASP A N   1 
ATOM   398  C  CA  . ASP A 1 54  ? 11.178  12.990  -8.113  1.00 33.18 ? 54   ASP A CA  1 
ATOM   399  C  C   . ASP A 1 54  ? 10.280  14.183  -7.810  1.00 32.99 ? 54   ASP A C   1 
ATOM   400  O  O   . ASP A 1 54  ? 10.720  15.135  -7.178  1.00 32.37 ? 54   ASP A O   1 
ATOM   401  C  CB  . ASP A 1 54  ? 11.827  13.089  -9.487  1.00 33.71 ? 54   ASP A CB  1 
ATOM   402  C  CG  . ASP A 1 54  ? 13.186  12.406  -9.525  1.00 35.99 ? 54   ASP A CG  1 
ATOM   403  O  OD1 . ASP A 1 54  ? 13.982  12.581  -8.565  1.00 37.23 ? 54   ASP A OD1 1 
ATOM   404  O  OD2 . ASP A 1 54  ? 13.452  11.701  -10.520 1.00 37.42 ? 54   ASP A OD2 1 
ATOM   405  N  N   . ALA A 1 55  ? 9.021   14.108  -8.231  1.00 33.08 ? 55   ALA A N   1 
ATOM   406  C  CA  . ALA A 1 55  ? 8.043   15.150  -7.913  1.00 33.55 ? 55   ALA A CA  1 
ATOM   407  C  C   . ALA A 1 55  ? 7.540   15.108  -6.463  1.00 33.91 ? 55   ALA A C   1 
ATOM   408  O  O   . ALA A 1 55  ? 7.307   16.150  -5.858  1.00 33.76 ? 55   ALA A O   1 
ATOM   409  C  CB  . ALA A 1 55  ? 6.874   15.098  -8.893  1.00 33.44 ? 55   ALA A CB  1 
ATOM   410  N  N   . TYR A 1 56  ? 7.395   13.910  -5.902  1.00 35.03 ? 56   TYR A N   1 
ATOM   411  C  CA  . TYR A 1 56  ? 6.661   13.725  -4.643  1.00 35.86 ? 56   TYR A CA  1 
ATOM   412  C  C   . TYR A 1 56  ? 7.403   12.958  -3.546  1.00 36.41 ? 56   TYR A C   1 
ATOM   413  O  O   . TYR A 1 56  ? 6.915   12.887  -2.423  1.00 36.01 ? 56   TYR A O   1 
ATOM   414  C  CB  . TYR A 1 56  ? 5.289   13.060  -4.909  1.00 36.09 ? 56   TYR A CB  1 
ATOM   415  C  CG  . TYR A 1 56  ? 4.421   13.787  -5.934  1.00 37.35 ? 56   TYR A CG  1 
ATOM   416  C  CD1 . TYR A 1 56  ? 3.866   15.044  -5.655  1.00 37.88 ? 56   TYR A CD1 1 
ATOM   417  C  CD2 . TYR A 1 56  ? 4.166   13.220  -7.178  1.00 37.73 ? 56   TYR A CD2 1 
ATOM   418  C  CE1 . TYR A 1 56  ? 3.079   15.712  -6.601  1.00 39.21 ? 56   TYR A CE1 1 
ATOM   419  C  CE2 . TYR A 1 56  ? 3.384   13.881  -8.130  1.00 38.11 ? 56   TYR A CE2 1 
ATOM   420  C  CZ  . TYR A 1 56  ? 2.841   15.115  -7.838  1.00 38.29 ? 56   TYR A CZ  1 
ATOM   421  O  OH  . TYR A 1 56  ? 2.065   15.752  -8.788  1.00 37.82 ? 56   TYR A OH  1 
ATOM   422  N  N   . GLY A 1 57  ? 8.581   12.414  -3.864  1.00 37.33 ? 57   GLY A N   1 
ATOM   423  C  CA  . GLY A 1 57  ? 9.371   11.595  -2.924  1.00 37.99 ? 57   GLY A CA  1 
ATOM   424  C  C   . GLY A 1 57  ? 9.636   12.165  -1.539  1.00 38.90 ? 57   GLY A C   1 
ATOM   425  O  O   . GLY A 1 57  ? 9.850   11.414  -0.578  1.00 38.92 ? 57   GLY A O   1 
ATOM   426  N  N   . ASP A 1 58  ? 9.631   13.494  -1.449  1.00 39.75 ? 58   ASP A N   1 
ATOM   427  C  CA  . ASP A 1 58  ? 9.814   14.219  -0.197  1.00 40.13 ? 58   ASP A CA  1 
ATOM   428  C  C   . ASP A 1 58  ? 8.496   14.723  0.377   1.00 40.07 ? 58   ASP A C   1 
ATOM   429  O  O   . ASP A 1 58  ? 8.500   15.485  1.348   1.00 40.50 ? 58   ASP A O   1 
ATOM   430  C  CB  . ASP A 1 58  ? 10.732  15.427  -0.415  1.00 40.90 ? 58   ASP A CB  1 
ATOM   431  C  CG  . ASP A 1 58  ? 12.069  15.042  -1.012  1.00 42.60 ? 58   ASP A CG  1 
ATOM   432  O  OD1 . ASP A 1 58  ? 12.805  14.251  -0.367  1.00 44.57 ? 58   ASP A OD1 1 
ATOM   433  O  OD2 . ASP A 1 58  ? 12.379  15.539  -2.122  1.00 43.94 ? 58   ASP A OD2 1 
ATOM   434  N  N   . LYS A 1 59  ? 7.378   14.335  -0.234  1.00 39.46 ? 59   LYS A N   1 
ATOM   435  C  CA  . LYS A 1 59  ? 6.057   14.718  0.270   1.00 39.00 ? 59   LYS A CA  1 
ATOM   436  C  C   . LYS A 1 59  ? 5.259   13.491  0.715   1.00 37.93 ? 59   LYS A C   1 
ATOM   437  O  O   . LYS A 1 59  ? 4.313   13.610  1.493   1.00 37.91 ? 59   LYS A O   1 
ATOM   438  C  CB  . LYS A 1 59  ? 5.279   15.547  -0.768  1.00 39.03 ? 59   LYS A CB  1 
ATOM   439  C  CG  . LYS A 1 59  ? 4.435   16.673  -0.141  1.00 40.57 ? 59   LYS A CG  1 
ATOM   440  C  CD  . LYS A 1 59  ? 3.582   17.413  -1.177  1.00 41.51 ? 59   LYS A CD  1 
ATOM   441  C  CE  . LYS A 1 59  ? 2.237   17.896  -0.600  1.00 41.64 ? 59   LYS A CE  1 
ATOM   442  N  NZ  . LYS A 1 59  ? 2.354   19.095  0.270   1.00 42.55 ? 59   LYS A NZ  1 
ATOM   443  N  N   . ALA A 1 60  ? 5.660   12.316  0.231   1.00 36.76 ? 60   ALA A N   1 
ATOM   444  C  CA  . ALA A 1 60  ? 4.949   11.063  0.502   1.00 36.12 ? 60   ALA A CA  1 
ATOM   445  C  C   . ALA A 1 60  ? 5.856   9.856   0.369   1.00 35.34 ? 60   ALA A C   1 
ATOM   446  O  O   . ALA A 1 60  ? 6.888   9.912   -0.315  1.00 34.93 ? 60   ALA A O   1 
ATOM   447  C  CB  . ALA A 1 60  ? 3.761   10.908  -0.439  1.00 36.14 ? 60   ALA A CB  1 
ATOM   448  N  N   . LEU A 1 61  ? 5.453   8.754   0.997   1.00 34.68 ? 61   LEU A N   1 
ATOM   449  C  CA  . LEU A 1 61  ? 6.157   7.489   0.822   1.00 33.84 ? 61   LEU A CA  1 
ATOM   450  C  C   . LEU A 1 61  ? 5.821   6.966   -0.558  1.00 32.57 ? 61   LEU A C   1 
ATOM   451  O  O   . LEU A 1 61  ? 4.679   6.588   -0.828  1.00 32.47 ? 61   LEU A O   1 
ATOM   452  C  CB  . LEU A 1 61  ? 5.756   6.475   1.901   1.00 34.08 ? 61   LEU A CB  1 
ATOM   453  C  CG  . LEU A 1 61  ? 6.642   5.233   2.058   1.00 34.33 ? 61   LEU A CG  1 
ATOM   454  C  CD1 . LEU A 1 61  ? 8.044   5.600   2.504   1.00 31.93 ? 61   LEU A CD1 1 
ATOM   455  C  CD2 . LEU A 1 61  ? 6.012   4.250   3.028   1.00 34.22 ? 61   LEU A CD2 1 
ATOM   456  N  N   . ILE A 1 62  ? 6.811   6.964   -1.443  1.00 31.95 ? 62   ILE A N   1 
ATOM   457  C  CA  . ILE A 1 62  ? 6.564   6.595   -2.846  1.00 31.02 ? 62   ILE A CA  1 
ATOM   458  C  C   . ILE A 1 62  ? 7.134   5.226   -3.147  1.00 30.94 ? 62   ILE A C   1 
ATOM   459  O  O   . ILE A 1 62  ? 8.269   4.937   -2.797  1.00 30.40 ? 62   ILE A O   1 
ATOM   460  C  CB  . ILE A 1 62  ? 7.161   7.632   -3.850  1.00 30.97 ? 62   ILE A CB  1 
ATOM   461  C  CG1 . ILE A 1 62  ? 6.665   9.057   -3.561  1.00 29.40 ? 62   ILE A CG1 1 
ATOM   462  C  CG2 . ILE A 1 62  ? 6.932   7.198   -5.319  1.00 30.24 ? 62   ILE A CG2 1 
ATOM   463  C  CD1 . ILE A 1 62  ? 5.164   9.298   -3.624  1.00 23.27 ? 62   ILE A CD1 1 
ATOM   464  N  N   . GLY A 1 63  ? 6.349   4.388   -3.817  1.00 30.66 ? 63   GLY A N   1 
ATOM   465  C  CA  . GLY A 1 63  ? 6.865   3.103   -4.224  1.00 30.59 ? 63   GLY A CA  1 
ATOM   466  C  C   . GLY A 1 63  ? 6.070   2.327   -5.253  1.00 30.40 ? 63   GLY A C   1 
ATOM   467  O  O   . GLY A 1 63  ? 5.348   2.885   -6.102  1.00 29.79 ? 63   GLY A O   1 
ATOM   468  N  N   . ALA A 1 64  ? 6.217   1.019   -5.172  1.00 30.16 ? 64   ALA A N   1 
ATOM   469  C  CA  . ALA A 1 64  ? 5.715   0.138   -6.208  1.00 30.19 ? 64   ALA A CA  1 
ATOM   470  C  C   . ALA A 1 64  ? 4.942   -1.028  -5.619  1.00 30.17 ? 64   ALA A C   1 
ATOM   471  O  O   . ALA A 1 64  ? 5.197   -1.443  -4.484  1.00 29.68 ? 64   ALA A O   1 
ATOM   472  C  CB  . ALA A 1 64  ? 6.865   -0.363  -7.061  1.00 30.21 ? 64   ALA A CB  1 
ATOM   473  N  N   . GLY A 1 65  ? 4.021   -1.566  -6.412  1.00 29.61 ? 65   GLY A N   1 
ATOM   474  C  CA  . GLY A 1 65  ? 3.262   -2.740  -6.017  1.00 30.49 ? 65   GLY A CA  1 
ATOM   475  C  C   . GLY A 1 65  ? 3.493   -3.878  -6.981  1.00 31.13 ? 65   GLY A C   1 
ATOM   476  O  O   . GLY A 1 65  ? 4.200   -3.726  -7.993  1.00 30.87 ? 65   GLY A O   1 
ATOM   477  N  N   . THR A 1 66  ? 2.900   -5.028  -6.668  1.00 31.75 ? 66   THR A N   1 
ATOM   478  C  CA  . THR A 1 66  ? 2.980   -6.228  -7.515  1.00 31.64 ? 66   THR A CA  1 
ATOM   479  C  C   . THR A 1 66  ? 4.440   -6.544  -7.894  1.00 32.09 ? 66   THR A C   1 
ATOM   480  O  O   . THR A 1 66  ? 4.770   -6.870  -9.055  1.00 31.43 ? 66   THR A O   1 
ATOM   481  C  CB  . THR A 1 66  ? 2.053   -6.116  -8.761  1.00 32.59 ? 66   THR A CB  1 
ATOM   482  O  OG1 . THR A 1 66  ? 0.914   -5.308  -8.440  1.00 34.07 ? 66   THR A OG1 1 
ATOM   483  C  CG2 . THR A 1 66  ? 1.559   -7.520  -9.226  1.00 30.63 ? 66   THR A CG2 1 
ATOM   484  N  N   . VAL A 1 67  ? 5.298   -6.462  -6.876  1.00 31.42 ? 67   VAL A N   1 
ATOM   485  C  CA  . VAL A 1 67  ? 6.723   -6.685  -7.012  1.00 31.27 ? 67   VAL A CA  1 
ATOM   486  C  C   . VAL A 1 67  ? 7.003   -8.171  -6.757  1.00 31.91 ? 67   VAL A C   1 
ATOM   487  O  O   . VAL A 1 67  ? 6.955   -8.620  -5.612  1.00 31.85 ? 67   VAL A O   1 
ATOM   488  C  CB  . VAL A 1 67  ? 7.527   -5.804  -6.003  1.00 30.74 ? 67   VAL A CB  1 
ATOM   489  C  CG1 . VAL A 1 67  ? 9.024   -6.051  -6.156  1.00 30.76 ? 67   VAL A CG1 1 
ATOM   490  C  CG2 . VAL A 1 67  ? 7.188   -4.328  -6.190  1.00 29.64 ? 67   VAL A CG2 1 
ATOM   491  N  N   . LEU A 1 68  ? 7.318   -8.903  -7.825  1.00 32.02 ? 68   LEU A N   1 
ATOM   492  C  CA  . LEU A 1 68  ? 7.309   -10.372 -7.827  1.00 32.83 ? 68   LEU A CA  1 
ATOM   493  C  C   . LEU A 1 68  ? 8.682   -11.011 -7.964  1.00 33.24 ? 68   LEU A C   1 
ATOM   494  O  O   . LEU A 1 68  ? 8.840   -12.203 -7.694  1.00 32.85 ? 68   LEU A O   1 
ATOM   495  C  CB  . LEU A 1 68  ? 6.427   -10.879 -8.984  1.00 32.99 ? 68   LEU A CB  1 
ATOM   496  C  CG  . LEU A 1 68  ? 4.955   -10.453 -8.932  1.00 33.78 ? 68   LEU A CG  1 
ATOM   497  C  CD1 . LEU A 1 68  ? 4.247   -10.666 -10.282 1.00 32.30 ? 68   LEU A CD1 1 
ATOM   498  C  CD2 . LEU A 1 68  ? 4.212   -11.129 -7.740  1.00 33.25 ? 68   LEU A CD2 1 
ATOM   499  N  N   . LYS A 1 69  ? 9.665   -10.225 -8.409  1.00 33.61 ? 69   LYS A N   1 
ATOM   500  C  CA  . LYS A 1 69  ? 11.008  -10.730 -8.663  1.00 34.44 ? 69   LYS A CA  1 
ATOM   501  C  C   . LYS A 1 69  ? 12.086  -9.899  -7.963  1.00 34.22 ? 69   LYS A C   1 
ATOM   502  O  O   . LYS A 1 69  ? 12.029  -8.672  -7.976  1.00 34.07 ? 69   LYS A O   1 
ATOM   503  C  CB  . LYS A 1 69  ? 11.273  -10.750 -10.164 1.00 34.92 ? 69   LYS A CB  1 
ATOM   504  C  CG  . LYS A 1 69  ? 10.303  -11.639 -10.968 1.00 36.40 ? 69   LYS A CG  1 
ATOM   505  C  CD  . LYS A 1 69  ? 10.644  -11.618 -12.463 1.00 38.45 ? 69   LYS A CD  1 
ATOM   506  C  CE  . LYS A 1 69  ? 10.240  -10.298 -13.121 1.00 41.41 ? 69   LYS A CE  1 
ATOM   507  N  NZ  . LYS A 1 69  ? 10.847  -10.103 -14.480 1.00 41.23 ? 69   LYS A NZ  1 
ATOM   508  N  N   . PRO A 1 70  ? 13.086  -10.569 -7.359  1.00 34.85 ? 70   PRO A N   1 
ATOM   509  C  CA  . PRO A 1 70  ? 14.209  -9.875  -6.731  1.00 34.53 ? 70   PRO A CA  1 
ATOM   510  C  C   . PRO A 1 70  ? 14.802  -8.778  -7.600  1.00 34.48 ? 70   PRO A C   1 
ATOM   511  O  O   . PRO A 1 70  ? 15.020  -7.674  -7.101  1.00 34.79 ? 70   PRO A O   1 
ATOM   512  C  CB  . PRO A 1 70  ? 15.219  -11.004 -6.484  1.00 34.99 ? 70   PRO A CB  1 
ATOM   513  C  CG  . PRO A 1 70  ? 14.380  -12.189 -6.260  1.00 34.52 ? 70   PRO A CG  1 
ATOM   514  C  CD  . PRO A 1 70  ? 13.197  -12.035 -7.191  1.00 34.61 ? 70   PRO A CD  1 
ATOM   515  N  N   . GLU A 1 71  ? 15.025  -9.063  -8.884  1.00 34.82 ? 71   GLU A N   1 
ATOM   516  C  CA  . GLU A 1 71  ? 15.598  -8.086  -9.835  1.00 35.02 ? 71   GLU A CA  1 
ATOM   517  C  C   . GLU A 1 71  ? 14.774  -6.812  -10.041 1.00 34.45 ? 71   GLU A C   1 
ATOM   518  O  O   . GLU A 1 71  ? 15.318  -5.775  -10.432 1.00 34.31 ? 71   GLU A O   1 
ATOM   519  C  CB  . GLU A 1 71  ? 15.955  -8.725  -11.191 1.00 35.64 ? 71   GLU A CB  1 
ATOM   520  C  CG  . GLU A 1 71  ? 15.054  -9.883  -11.663 1.00 39.12 ? 71   GLU A CG  1 
ATOM   521  C  CD  . GLU A 1 71  ? 15.281  -11.178 -10.888 1.00 41.22 ? 71   GLU A CD  1 
ATOM   522  O  OE1 . GLU A 1 71  ? 16.418  -11.682 -10.845 1.00 43.93 ? 71   GLU A OE1 1 
ATOM   523  O  OE2 . GLU A 1 71  ? 14.314  -11.694 -10.308 1.00 44.73 ? 71   GLU A OE2 1 
ATOM   524  N  N   . GLN A 1 72  ? 13.473  -6.881  -9.777  1.00 33.26 ? 72   GLN A N   1 
ATOM   525  C  CA  . GLN A 1 72  ? 12.627  -5.683  -9.820  1.00 32.49 ? 72   GLN A CA  1 
ATOM   526  C  C   . GLN A 1 72  ? 12.923  -4.755  -8.649  1.00 31.62 ? 72   GLN A C   1 
ATOM   527  O  O   . GLN A 1 72  ? 12.974  -3.545  -8.821  1.00 31.18 ? 72   GLN A O   1 
ATOM   528  C  CB  . GLN A 1 72  ? 11.145  -6.064  -9.820  1.00 32.75 ? 72   GLN A CB  1 
ATOM   529  C  CG  . GLN A 1 72  ? 10.784  -7.006  -10.962 1.00 33.76 ? 72   GLN A CG  1 
ATOM   530  C  CD  . GLN A 1 72  ? 9.351   -7.453  -10.912 1.00 35.31 ? 72   GLN A CD  1 
ATOM   531  O  OE1 . GLN A 1 72  ? 8.804   -7.722  -9.835  1.00 32.28 ? 72   GLN A OE1 1 
ATOM   532  N  NE2 . GLN A 1 72  ? 8.725   -7.534  -12.085 1.00 35.88 ? 72   GLN A NE2 1 
ATOM   533  N  N   . VAL A 1 73  ? 13.115  -5.340  -7.466  1.00 30.74 ? 73   VAL A N   1 
ATOM   534  C  CA  . VAL A 1 73  ? 13.563  -4.599  -6.287  1.00 29.97 ? 73   VAL A CA  1 
ATOM   535  C  C   . VAL A 1 73  ? 14.841  -3.791  -6.570  1.00 30.04 ? 73   VAL A C   1 
ATOM   536  O  O   . VAL A 1 73  ? 14.892  -2.594  -6.269  1.00 29.92 ? 73   VAL A O   1 
ATOM   537  C  CB  . VAL A 1 73  ? 13.773  -5.526  -5.073  1.00 30.21 ? 73   VAL A CB  1 
ATOM   538  C  CG1 . VAL A 1 73  ? 14.115  -4.712  -3.852  1.00 28.85 ? 73   VAL A CG1 1 
ATOM   539  C  CG2 . VAL A 1 73  ? 12.503  -6.406  -4.826  1.00 28.02 ? 73   VAL A CG2 1 
ATOM   540  N  N   . ASP A 1 74  ? 15.842  -4.433  -7.177  1.00 30.00 ? 74   ASP A N   1 
ATOM   541  C  CA  . ASP A 1 74  ? 17.080  -3.755  -7.594  1.00 30.27 ? 74   ASP A CA  1 
ATOM   542  C  C   . ASP A 1 74  ? 16.797  -2.541  -8.490  1.00 29.84 ? 74   ASP A C   1 
ATOM   543  O  O   . ASP A 1 74  ? 17.322  -1.446  -8.250  1.00 30.35 ? 74   ASP A O   1 
ATOM   544  C  CB  . ASP A 1 74  ? 18.017  -4.717  -8.335  1.00 30.47 ? 74   ASP A CB  1 
ATOM   545  C  CG  . ASP A 1 74  ? 18.489  -5.888  -7.464  1.00 32.30 ? 74   ASP A CG  1 
ATOM   546  O  OD1 . ASP A 1 74  ? 18.900  -5.688  -6.296  1.00 33.01 ? 74   ASP A OD1 1 
ATOM   547  O  OD2 . ASP A 1 74  ? 18.488  -7.023  -7.980  1.00 34.22 ? 74   ASP A OD2 1 
ATOM   548  N  N   . ALA A 1 75  ? 15.977  -2.741  -9.523  1.00 29.30 ? 75   ALA A N   1 
ATOM   549  C  CA  . ALA A 1 75  ? 15.640  -1.672  -10.470 1.00 27.98 ? 75   ALA A CA  1 
ATOM   550  C  C   . ALA A 1 75  ? 14.927  -0.532  -9.766  1.00 27.63 ? 75   ALA A C   1 
ATOM   551  O  O   . ALA A 1 75  ? 15.187  0.631   -10.045 1.00 26.54 ? 75   ALA A O   1 
ATOM   552  C  CB  . ALA A 1 75  ? 14.784  -2.213  -11.598 1.00 28.48 ? 75   ALA A CB  1 
ATOM   553  N  N   . LEU A 1 76  ? 14.030  -0.882  -8.842  1.00 27.42 ? 76   LEU A N   1 
ATOM   554  C  CA  . LEU A 1 76  ? 13.188  0.103   -8.144  1.00 27.41 ? 76   LEU A CA  1 
ATOM   555  C  C   . LEU A 1 76  ? 13.990  0.934   -7.153  1.00 27.78 ? 76   LEU A C   1 
ATOM   556  O  O   . LEU A 1 76  ? 13.710  2.122   -6.991  1.00 28.38 ? 76   LEU A O   1 
ATOM   557  C  CB  . LEU A 1 76  ? 12.011  -0.589  -7.433  1.00 26.76 ? 76   LEU A CB  1 
ATOM   558  C  CG  . LEU A 1 76  ? 10.944  -1.153  -8.373  1.00 25.12 ? 76   LEU A CG  1 
ATOM   559  C  CD1 . LEU A 1 76  ? 10.090  -2.256  -7.730  1.00 23.54 ? 76   LEU A CD1 1 
ATOM   560  C  CD2 . LEU A 1 76  ? 10.071  -0.060  -8.960  1.00 23.03 ? 76   LEU A CD2 1 
ATOM   561  N  N   . ALA A 1 77  ? 14.973  0.294   -6.507  1.00 27.60 ? 77   ALA A N   1 
ATOM   562  C  CA  . ALA A 1 77  ? 15.919  0.972   -5.613  1.00 28.79 ? 77   ALA A CA  1 
ATOM   563  C  C   . ALA A 1 77  ? 16.643  2.099   -6.361  1.00 28.76 ? 77   ALA A C   1 
ATOM   564  O  O   . ALA A 1 77  ? 16.666  3.254   -5.910  1.00 29.50 ? 77   ALA A O   1 
ATOM   565  C  CB  . ALA A 1 77  ? 16.932  -0.031  -5.017  1.00 27.82 ? 77   ALA A CB  1 
ATOM   566  N  N   . ARG A 1 78  ? 17.192  1.761   -7.521  1.00 28.50 ? 78   ARG A N   1 
ATOM   567  C  CA  . ARG A 1 78  ? 17.848  2.743   -8.367  1.00 28.38 ? 78   ARG A CA  1 
ATOM   568  C  C   . ARG A 1 78  ? 16.912  3.896   -8.746  1.00 28.84 ? 78   ARG A C   1 
ATOM   569  O  O   . ARG A 1 78  ? 17.330  5.052   -8.756  1.00 27.40 ? 78   ARG A O   1 
ATOM   570  C  CB  . ARG A 1 78  ? 18.441  2.060   -9.601  1.00 28.61 ? 78   ARG A CB  1 
ATOM   571  C  CG  . ARG A 1 78  ? 18.902  3.013   -10.684 1.00 27.13 ? 78   ARG A CG  1 
ATOM   572  C  CD  . ARG A 1 78  ? 20.074  2.457   -11.465 1.00 24.20 ? 78   ARG A CD  1 
ATOM   573  N  NE  . ARG A 1 78  ? 20.680  3.513   -12.289 1.00 21.74 ? 78   ARG A NE  1 
ATOM   574  C  CZ  . ARG A 1 78  ? 21.675  4.301   -11.888 1.00 20.39 ? 78   ARG A CZ  1 
ATOM   575  N  NH1 . ARG A 1 78  ? 22.203  4.163   -10.680 1.00 19.93 ? 78   ARG A NH1 1 
ATOM   576  N  NH2 . ARG A 1 78  ? 22.158  5.221   -12.703 1.00 18.25 ? 78   ARG A NH2 1 
HETATM 577  N  N   . MSE A 1 79  ? 15.651  3.582   -9.042  1.00 29.63 ? 79   MSE A N   1 
HETATM 578  C  CA  . MSE A 1 79  ? 14.638  4.617   -9.318  1.00 31.52 ? 79   MSE A CA  1 
HETATM 579  C  C   . MSE A 1 79  ? 14.293  5.519   -8.099  1.00 31.62 ? 79   MSE A C   1 
HETATM 580  O  O   . MSE A 1 79  ? 13.617  6.533   -8.255  1.00 32.12 ? 79   MSE A O   1 
HETATM 581  C  CB  . MSE A 1 79  ? 13.351  3.985   -9.888  1.00 31.62 ? 79   MSE A CB  1 
HETATM 582  C  CG  . MSE A 1 79  ? 13.524  3.322   -11.256 1.00 31.72 ? 79   MSE A CG  1 
HETATM 583  SE SE  . MSE A 1 79  ? 12.015  2.176   -11.756 1.00 37.48 ? 79   MSE A SE  1 
HETATM 584  C  CE  . MSE A 1 79  ? 12.877  1.249   -13.239 1.00 33.88 ? 79   MSE A CE  1 
ATOM   585  N  N   . GLY A 1 80  ? 14.750  5.148   -6.899  1.00 31.77 ? 80   GLY A N   1 
ATOM   586  C  CA  . GLY A 1 80  ? 14.439  5.899   -5.688  1.00 32.02 ? 80   GLY A CA  1 
ATOM   587  C  C   . GLY A 1 80  ? 13.133  5.499   -5.006  1.00 32.30 ? 80   GLY A C   1 
ATOM   588  O  O   . GLY A 1 80  ? 12.550  6.286   -4.257  1.00 31.86 ? 80   GLY A O   1 
ATOM   589  N  N   . CYS A 1 81  ? 12.654  4.289   -5.287  1.00 32.68 ? 81   CYS A N   1 
ATOM   590  C  CA  A CYS A 1 81  ? 11.490  3.707   -4.616  0.60 32.93 ? 81   CYS A CA  1 
ATOM   591  C  CA  B CYS A 1 81  ? 11.480  3.775   -4.588  0.40 32.77 ? 81   CYS A CA  1 
ATOM   592  C  C   . CYS A 1 81  ? 11.795  3.589   -3.121  1.00 32.88 ? 81   CYS A C   1 
ATOM   593  O  O   . CYS A 1 81  ? 12.904  3.197   -2.754  1.00 32.50 ? 81   CYS A O   1 
ATOM   594  C  CB  A CYS A 1 81  ? 11.211  2.326   -5.229  0.60 33.07 ? 81   CYS A CB  1 
ATOM   595  C  CB  B CYS A 1 81  ? 10.993  2.470   -5.196  0.40 32.87 ? 81   CYS A CB  1 
ATOM   596  S  SG  A CYS A 1 81  ? 9.889   1.330   -4.526  0.60 33.08 ? 81   CYS A SG  1 
ATOM   597  S  SG  B CYS A 1 81  ? 9.923   2.769   -6.575  0.40 32.39 ? 81   CYS A SG  1 
ATOM   598  N  N   . GLN A 1 82  ? 10.826  3.925   -2.273  1.00 32.99 ? 82   GLN A N   1 
ATOM   599  C  CA  . GLN A 1 82  ? 11.034  3.874   -0.814  1.00 33.42 ? 82   GLN A CA  1 
ATOM   600  C  C   . GLN A 1 82  ? 10.149  2.795   -0.208  1.00 32.86 ? 82   GLN A C   1 
ATOM   601  O  O   . GLN A 1 82  ? 10.317  2.398   0.952   1.00 32.33 ? 82   GLN A O   1 
ATOM   602  C  CB  . GLN A 1 82  ? 10.703  5.230   -0.172  1.00 33.84 ? 82   GLN A CB  1 
ATOM   603  C  CG  . GLN A 1 82  ? 11.666  6.354   -0.521  1.00 35.54 ? 82   GLN A CG  1 
ATOM   604  C  CD  . GLN A 1 82  ? 11.031  7.735   -0.425  1.00 38.47 ? 82   GLN A CD  1 
ATOM   605  O  OE1 . GLN A 1 82  ? 9.861   7.948   -0.802  1.00 38.07 ? 82   GLN A OE1 1 
ATOM   606  N  NE2 . GLN A 1 82  ? 11.807  8.693   0.075   1.00 38.25 ? 82   GLN A NE2 1 
ATOM   607  N  N   . LEU A 1 83  ? 9.213   2.324   -1.024  1.00 32.60 ? 83   LEU A N   1 
ATOM   608  C  CA  . LEU A 1 83  ? 8.164   1.421   -0.589  1.00 32.04 ? 83   LEU A CA  1 
ATOM   609  C  C   . LEU A 1 83  ? 7.953   0.264   -1.563  1.00 32.90 ? 83   LEU A C   1 
ATOM   610  O  O   . LEU A 1 83  ? 7.781   0.477   -2.774  1.00 33.12 ? 83   LEU A O   1 
ATOM   611  C  CB  . LEU A 1 83  ? 6.860   2.218   -0.414  1.00 31.50 ? 83   LEU A CB  1 
ATOM   612  C  CG  . LEU A 1 83  ? 5.576   1.432   -0.122  1.00 31.36 ? 83   LEU A CG  1 
ATOM   613  C  CD1 . LEU A 1 83  ? 5.650   0.789   1.256   1.00 32.29 ? 83   LEU A CD1 1 
ATOM   614  C  CD2 . LEU A 1 83  ? 4.344   2.324   -0.251  1.00 28.72 ? 83   LEU A CD2 1 
ATOM   615  N  N   . ILE A 1 84  ? 7.932   -0.955  -1.026  1.00 32.93 ? 84   ILE A N   1 
ATOM   616  C  CA  . ILE A 1 84  ? 7.674   -2.158  -1.816  1.00 33.63 ? 84   ILE A CA  1 
ATOM   617  C  C   . ILE A 1 84  ? 6.410   -2.841  -1.258  1.00 33.70 ? 84   ILE A C   1 
ATOM   618  O  O   . ILE A 1 84  ? 6.371   -3.210  -0.088  1.00 33.24 ? 84   ILE A O   1 
ATOM   619  C  CB  . ILE A 1 84  ? 8.895   -3.158  -1.789  1.00 33.29 ? 84   ILE A CB  1 
ATOM   620  C  CG1 . ILE A 1 84  ? 10.156  -2.580  -2.483  1.00 34.35 ? 84   ILE A CG1 1 
ATOM   621  C  CG2 . ILE A 1 84  ? 8.509   -4.525  -2.324  1.00 34.58 ? 84   ILE A CG2 1 
ATOM   622  C  CD1 . ILE A 1 84  ? 10.103  -2.389  -3.995  1.00 33.45 ? 84   ILE A CD1 1 
ATOM   623  N  N   . VAL A 1 85  ? 5.383   -2.952  -2.099  1.00 33.71 ? 85   VAL A N   1 
ATOM   624  C  CA  . VAL A 1 85  ? 4.151   -3.684  -1.794  1.00 33.67 ? 85   VAL A CA  1 
ATOM   625  C  C   . VAL A 1 85  ? 4.043   -4.865  -2.763  1.00 33.79 ? 85   VAL A C   1 
ATOM   626  O  O   . VAL A 1 85  ? 4.408   -4.737  -3.941  1.00 33.16 ? 85   VAL A O   1 
ATOM   627  C  CB  . VAL A 1 85  ? 2.900   -2.764  -1.950  1.00 34.02 ? 85   VAL A CB  1 
ATOM   628  C  CG1 . VAL A 1 85  ? 1.623   -3.461  -1.497  1.00 33.86 ? 85   VAL A CG1 1 
ATOM   629  C  CG2 . VAL A 1 85  ? 3.089   -1.479  -1.174  1.00 33.31 ? 85   VAL A CG2 1 
ATOM   630  N  N   . THR A 1 86  ? 3.528   -5.996  -2.264  1.00 33.22 ? 86   THR A N   1 
ATOM   631  C  CA  . THR A 1 86  ? 3.446   -7.251  -3.028  1.00 33.06 ? 86   THR A CA  1 
ATOM   632  C  C   . THR A 1 86  ? 2.067   -7.896  -2.830  1.00 32.66 ? 86   THR A C   1 
ATOM   633  O  O   . THR A 1 86  ? 1.374   -7.595  -1.862  1.00 31.86 ? 86   THR A O   1 
ATOM   634  C  CB  . THR A 1 86  ? 4.549   -8.278  -2.642  1.00 32.71 ? 86   THR A CB  1 
ATOM   635  O  OG1 . THR A 1 86  ? 4.252   -8.863  -1.365  1.00 34.04 ? 86   THR A OG1 1 
ATOM   636  C  CG2 . THR A 1 86  ? 5.927   -7.633  -2.594  1.00 33.44 ? 86   THR A CG2 1 
ATOM   637  N  N   . PRO A 1 87  ? 1.648   -8.756  -3.773  1.00 33.12 ? 87   PRO A N   1 
ATOM   638  C  CA  . PRO A 1 87  ? 0.435   -9.539  -3.513  1.00 33.17 ? 87   PRO A CA  1 
ATOM   639  C  C   . PRO A 1 87  ? 0.726   -10.839 -2.767  1.00 33.40 ? 87   PRO A C   1 
ATOM   640  O  O   . PRO A 1 87  ? -0.190  -11.474 -2.240  1.00 32.64 ? 87   PRO A O   1 
ATOM   641  C  CB  . PRO A 1 87  ? -0.098  -9.845  -4.911  1.00 32.98 ? 87   PRO A CB  1 
ATOM   642  C  CG  . PRO A 1 87  ? 1.079   -9.670  -5.857  1.00 33.44 ? 87   PRO A CG  1 
ATOM   643  C  CD  . PRO A 1 87  ? 2.218   -9.023  -5.110  1.00 33.17 ? 87   PRO A CD  1 
ATOM   644  N  N   . ASN A 1 88  ? 2.002   -11.211 -2.698  1.00 34.09 ? 88   ASN A N   1 
ATOM   645  C  CA  . ASN A 1 88  ? 2.399   -12.514 -2.171  1.00 34.33 ? 88   ASN A CA  1 
ATOM   646  C  C   . ASN A 1 88  ? 3.637   -12.423 -1.271  1.00 34.57 ? 88   ASN A C   1 
ATOM   647  O  O   . ASN A 1 88  ? 4.324   -11.389 -1.233  1.00 34.40 ? 88   ASN A O   1 
ATOM   648  C  CB  . ASN A 1 88  ? 2.687   -13.449 -3.336  1.00 34.45 ? 88   ASN A CB  1 
ATOM   649  C  CG  . ASN A 1 88  ? 3.862   -12.977 -4.178  1.00 35.71 ? 88   ASN A CG  1 
ATOM   650  O  OD1 . ASN A 1 88  ? 4.117   -11.767 -4.283  1.00 36.18 ? 88   ASN A OD1 1 
ATOM   651  N  ND2 . ASN A 1 88  ? 4.588   -13.926 -4.780  1.00 32.59 ? 88   ASN A ND2 1 
ATOM   652  N  N   . ILE A 1 89  ? 3.924   -13.514 -0.559  1.00 34.32 ? 89   ILE A N   1 
ATOM   653  C  CA  . ILE A 1 89  ? 5.151   -13.604 0.235   1.00 33.86 ? 89   ILE A CA  1 
ATOM   654  C  C   . ILE A 1 89  ? 6.214   -14.366 -0.532  1.00 34.30 ? 89   ILE A C   1 
ATOM   655  O  O   . ILE A 1 89  ? 6.059   -15.549 -0.841  1.00 33.29 ? 89   ILE A O   1 
ATOM   656  C  CB  . ILE A 1 89  ? 4.917   -14.259 1.616   1.00 34.21 ? 89   ILE A CB  1 
ATOM   657  C  CG1 . ILE A 1 89  ? 3.861   -13.479 2.411   1.00 32.87 ? 89   ILE A CG1 1 
ATOM   658  C  CG2 . ILE A 1 89  ? 6.258   -14.423 2.365   1.00 32.63 ? 89   ILE A CG2 1 
ATOM   659  C  CD1 . ILE A 1 89  ? 4.133   -11.953 2.505   1.00 30.71 ? 89   ILE A CD1 1 
ATOM   660  N  N   . HIS A 1 90  ? 7.292   -13.653 -0.849  1.00 34.62 ? 90   HIS A N   1 
ATOM   661  C  CA  . HIS A 1 90  ? 8.433   -14.206 -1.555  1.00 34.66 ? 90   HIS A CA  1 
ATOM   662  C  C   . HIS A 1 90  ? 9.633   -13.692 -0.762  1.00 34.50 ? 90   HIS A C   1 
ATOM   663  O  O   . HIS A 1 90  ? 9.971   -12.500 -0.814  1.00 34.49 ? 90   HIS A O   1 
ATOM   664  C  CB  . HIS A 1 90  ? 8.424   -13.704 -3.010  1.00 35.03 ? 90   HIS A CB  1 
ATOM   665  C  CG  . HIS A 1 90  ? 9.522   -14.255 -3.867  1.00 35.71 ? 90   HIS A CG  1 
ATOM   666  N  ND1 . HIS A 1 90  ? 10.851  -14.189 -3.513  1.00 37.89 ? 90   HIS A ND1 1 
ATOM   667  C  CD2 . HIS A 1 90  ? 9.489   -14.833 -5.092  1.00 38.01 ? 90   HIS A CD2 1 
ATOM   668  C  CE1 . HIS A 1 90  ? 11.588  -14.727 -4.471  1.00 38.11 ? 90   HIS A CE1 1 
ATOM   669  N  NE2 . HIS A 1 90  ? 10.787  -15.117 -5.445  1.00 37.07 ? 90   HIS A NE2 1 
ATOM   670  N  N   . SER A 1 91  ? 10.262  -14.599 -0.016  1.00 34.06 ? 91   SER A N   1 
ATOM   671  C  CA  . SER A 1 91  ? 11.229  -14.235 1.009   1.00 33.84 ? 91   SER A CA  1 
ATOM   672  C  C   . SER A 1 91  ? 12.403  -13.344 0.538   1.00 33.93 ? 91   SER A C   1 
ATOM   673  O  O   . SER A 1 91  ? 12.783  -12.411 1.237   1.00 34.11 ? 91   SER A O   1 
ATOM   674  C  CB  . SER A 1 91  ? 11.732  -15.495 1.728   1.00 34.18 ? 91   SER A CB  1 
ATOM   675  O  OG  . SER A 1 91  ? 10.659  -16.147 2.391   1.00 33.70 ? 91   SER A OG  1 
ATOM   676  N  N   . GLU A 1 92  ? 12.947  -13.623 -0.647  1.00 34.10 ? 92   GLU A N   1 
ATOM   677  C  CA  . GLU A 1 92  ? 14.086  -12.872 -1.175  1.00 33.74 ? 92   GLU A CA  1 
ATOM   678  C  C   . GLU A 1 92  ? 13.686  -11.485 -1.672  1.00 33.61 ? 92   GLU A C   1 
ATOM   679  O  O   . GLU A 1 92  ? 14.489  -10.552 -1.625  1.00 33.32 ? 92   GLU A O   1 
ATOM   680  C  CB  . GLU A 1 92  ? 14.822  -13.659 -2.277  1.00 34.10 ? 92   GLU A CB  1 
ATOM   681  C  CG  . GLU A 1 92  ? 16.056  -12.918 -2.892  1.00 34.92 ? 92   GLU A CG  1 
ATOM   682  C  CD  . GLU A 1 92  ? 17.219  -12.674 -1.905  1.00 37.32 ? 92   GLU A CD  1 
ATOM   683  O  OE1 . GLU A 1 92  ? 17.397  -13.457 -0.949  1.00 39.64 ? 92   GLU A OE1 1 
ATOM   684  O  OE2 . GLU A 1 92  ? 17.982  -11.703 -2.088  1.00 38.32 ? 92   GLU A OE2 1 
ATOM   685  N  N   . VAL A 1 93  ? 12.455  -11.354 -2.160  1.00 33.15 ? 93   VAL A N   1 
ATOM   686  C  CA  . VAL A 1 93  ? 11.936  -10.040 -2.481  1.00 33.19 ? 93   VAL A CA  1 
ATOM   687  C  C   . VAL A 1 93  ? 11.927  -9.205  -1.206  1.00 33.45 ? 93   VAL A C   1 
ATOM   688  O  O   . VAL A 1 93  ? 12.448  -8.079  -1.185  1.00 33.46 ? 93   VAL A O   1 
ATOM   689  C  CB  . VAL A 1 93  ? 10.515  -10.086 -3.117  1.00 33.30 ? 93   VAL A CB  1 
ATOM   690  C  CG1 . VAL A 1 93  ? 9.877   -8.683  -3.137  1.00 32.14 ? 93   VAL A CG1 1 
ATOM   691  C  CG2 . VAL A 1 93  ? 10.577  -10.672 -4.522  1.00 31.41 ? 93   VAL A CG2 1 
ATOM   692  N  N   . ILE A 1 94  ? 11.334  -9.751  -0.150  1.00 33.49 ? 94   ILE A N   1 
ATOM   693  C  CA  . ILE A 1 94  ? 11.246  -9.025  1.101   1.00 33.74 ? 94   ILE A CA  1 
ATOM   694  C  C   . ILE A 1 94  ? 12.647  -8.729  1.649   1.00 33.76 ? 94   ILE A C   1 
ATOM   695  O  O   . ILE A 1 94  ? 12.939  -7.590  2.015   1.00 33.15 ? 94   ILE A O   1 
ATOM   696  C  CB  . ILE A 1 94  ? 10.417  -9.773  2.151   1.00 34.14 ? 94   ILE A CB  1 
ATOM   697  C  CG1 . ILE A 1 94  ? 8.977   -9.962  1.645   1.00 34.86 ? 94   ILE A CG1 1 
ATOM   698  C  CG2 . ILE A 1 94  ? 10.433  -8.998  3.460   1.00 33.87 ? 94   ILE A CG2 1 
ATOM   699  C  CD1 . ILE A 1 94  ? 8.231   -11.121 2.285   1.00 35.45 ? 94   ILE A CD1 1 
ATOM   700  N  N   . ARG A 1 95  ? 13.505  -9.747  1.684   1.00 33.78 ? 95   ARG A N   1 
ATOM   701  C  CA  . ARG A 1 95  ? 14.853  -9.585  2.225   1.00 34.42 ? 95   ARG A CA  1 
ATOM   702  C  C   . ARG A 1 95  ? 15.633  -8.531  1.434   1.00 33.61 ? 95   ARG A C   1 
ATOM   703  O  O   . ARG A 1 95  ? 16.346  -7.701  2.015   1.00 33.53 ? 95   ARG A O   1 
ATOM   704  C  CB  . ARG A 1 95  ? 15.619  -10.914 2.245   1.00 34.45 ? 95   ARG A CB  1 
ATOM   705  C  CG  . ARG A 1 95  ? 15.241  -11.868 3.374   1.00 36.56 ? 95   ARG A CG  1 
ATOM   706  C  CD  . ARG A 1 95  ? 16.266  -13.027 3.513   1.00 39.51 ? 95   ARG A CD  1 
ATOM   707  N  NE  . ARG A 1 95  ? 16.490  -13.697 2.229   1.00 43.69 ? 95   ARG A NE  1 
ATOM   708  C  CZ  . ARG A 1 95  ? 15.924  -14.844 1.859   1.00 44.99 ? 95   ARG A CZ  1 
ATOM   709  N  NH1 . ARG A 1 95  ? 15.109  -15.497 2.687   1.00 45.08 ? 95   ARG A NH1 1 
ATOM   710  N  NH2 . ARG A 1 95  ? 16.187  -15.345 0.655   1.00 46.06 ? 95   ARG A NH2 1 
ATOM   711  N  N   . ARG A 1 96  ? 15.491  -8.575  0.113   1.00 33.25 ? 96   ARG A N   1 
ATOM   712  C  CA  . ARG A 1 96  ? 16.210  -7.654  -0.758  1.00 33.68 ? 96   ARG A CA  1 
ATOM   713  C  C   . ARG A 1 96  ? 15.732  -6.225  -0.528  1.00 33.24 ? 96   ARG A C   1 
ATOM   714  O  O   . ARG A 1 96  ? 16.553  -5.329  -0.336  1.00 32.65 ? 96   ARG A O   1 
ATOM   715  C  CB  . ARG A 1 96  ? 16.089  -8.034  -2.241  1.00 33.49 ? 96   ARG A CB  1 
ATOM   716  C  CG  . ARG A 1 96  ? 16.922  -7.138  -3.133  1.00 34.25 ? 96   ARG A CG  1 
ATOM   717  C  CD  . ARG A 1 96  ? 17.282  -7.799  -4.434  1.00 35.97 ? 96   ARG A CD  1 
ATOM   718  N  NE  . ARG A 1 96  ? 18.040  -9.028  -4.238  1.00 37.15 ? 96   ARG A NE  1 
ATOM   719  C  CZ  . ARG A 1 96  ? 18.506  -9.784  -5.225  1.00 38.54 ? 96   ARG A CZ  1 
ATOM   720  N  NH1 . ARG A 1 96  ? 18.316  -9.433  -6.492  1.00 39.22 ? 96   ARG A NH1 1 
ATOM   721  N  NH2 . ARG A 1 96  ? 19.167  -10.894 -4.942  1.00 39.52 ? 96   ARG A NH2 1 
ATOM   722  N  N   . ALA A 1 97  ? 14.416  -6.027  -0.522  1.00 32.59 ? 97   ALA A N   1 
ATOM   723  C  CA  . ALA A 1 97  ? 13.853  -4.691  -0.278  1.00 33.23 ? 97   ALA A CA  1 
ATOM   724  C  C   . ALA A 1 97  ? 14.258  -4.138  1.097   1.00 33.68 ? 97   ALA A C   1 
ATOM   725  O  O   . ALA A 1 97  ? 14.660  -2.973  1.202   1.00 33.43 ? 97   ALA A O   1 
ATOM   726  C  CB  . ALA A 1 97  ? 12.358  -4.692  -0.441  1.00 32.49 ? 97   ALA A CB  1 
ATOM   727  N  N   . VAL A 1 98  ? 14.161  -4.979  2.136   1.00 33.82 ? 98   VAL A N   1 
ATOM   728  C  CA  . VAL A 1 98  ? 14.652  -4.624  3.468   1.00 34.13 ? 98   VAL A CA  1 
ATOM   729  C  C   . VAL A 1 98  ? 16.130  -4.226  3.391   1.00 34.56 ? 98   VAL A C   1 
ATOM   730  O  O   . VAL A 1 98  ? 16.549  -3.226  3.990   1.00 35.04 ? 98   VAL A O   1 
ATOM   731  C  CB  . VAL A 1 98  ? 14.453  -5.788  4.493   1.00 34.16 ? 98   VAL A CB  1 
ATOM   732  C  CG1 . VAL A 1 98  ? 15.135  -5.478  5.817   1.00 34.22 ? 98   VAL A CG1 1 
ATOM   733  C  CG2 . VAL A 1 98  ? 12.961  -6.076  4.714   1.00 32.76 ? 98   VAL A CG2 1 
ATOM   734  N  N   . GLY A 1 99  ? 16.906  -5.006  2.643   1.00 34.80 ? 99   GLY A N   1 
ATOM   735  C  CA  . GLY A 1 99  ? 18.342  -4.762  2.464   1.00 34.35 ? 99   GLY A CA  1 
ATOM   736  C  C   . GLY A 1 99  ? 18.693  -3.398  1.874   1.00 34.86 ? 99   GLY A C   1 
ATOM   737  O  O   . GLY A 1 99  ? 19.818  -2.927  2.030   1.00 34.66 ? 99   GLY A O   1 
ATOM   738  N  N   . TYR A 1 100 ? 17.737  -2.763  1.200   1.00 35.26 ? 100  TYR A N   1 
ATOM   739  C  CA  . TYR A 1 100 ? 17.931  -1.406  0.675   1.00 35.94 ? 100  TYR A CA  1 
ATOM   740  C  C   . TYR A 1 100 ? 17.463  -0.319  1.653   1.00 36.41 ? 100  TYR A C   1 
ATOM   741  O  O   . TYR A 1 100 ? 17.544  0.878   1.343   1.00 35.76 ? 100  TYR A O   1 
ATOM   742  C  CB  . TYR A 1 100 ? 17.213  -1.241  -0.675  1.00 35.96 ? 100  TYR A CB  1 
ATOM   743  C  CG  . TYR A 1 100 ? 17.936  -1.862  -1.856  1.00 36.24 ? 100  TYR A CG  1 
ATOM   744  C  CD1 . TYR A 1 100 ? 17.371  -2.917  -2.566  1.00 35.98 ? 100  TYR A CD1 1 
ATOM   745  C  CD2 . TYR A 1 100 ? 19.189  -1.387  -2.264  1.00 36.53 ? 100  TYR A CD2 1 
ATOM   746  C  CE1 . TYR A 1 100 ? 18.031  -3.499  -3.651  1.00 36.57 ? 100  TYR A CE1 1 
ATOM   747  C  CE2 . TYR A 1 100 ? 19.858  -1.949  -3.357  1.00 37.53 ? 100  TYR A CE2 1 
ATOM   748  C  CZ  . TYR A 1 100 ? 19.270  -3.008  -4.047  1.00 37.88 ? 100  TYR A CZ  1 
ATOM   749  O  OH  . TYR A 1 100 ? 19.923  -3.579  -5.122  1.00 37.44 ? 100  TYR A OH  1 
ATOM   750  N  N   . GLY A 1 101 ? 16.969  -0.735  2.825   1.00 36.82 ? 101  GLY A N   1 
ATOM   751  C  CA  . GLY A 1 101 ? 16.301  0.187   3.761   1.00 37.60 ? 101  GLY A CA  1 
ATOM   752  C  C   . GLY A 1 101 ? 14.944  0.709   3.264   1.00 38.37 ? 101  GLY A C   1 
ATOM   753  O  O   . GLY A 1 101 ? 14.447  1.732   3.749   1.00 37.93 ? 101  GLY A O   1 
HETATM 754  N  N   . MSE A 1 102 ? 14.351  0.015   2.294   1.00 38.78 ? 102  MSE A N   1 
HETATM 755  C  CA  . MSE A 1 102 ? 12.990  0.324   1.848   1.00 40.54 ? 102  MSE A CA  1 
HETATM 756  C  C   . MSE A 1 102 ? 11.963  -0.206  2.835   1.00 39.16 ? 102  MSE A C   1 
HETATM 757  O  O   . MSE A 1 102 ? 12.216  -1.180  3.535   1.00 39.27 ? 102  MSE A O   1 
HETATM 758  C  CB  . MSE A 1 102 ? 12.709  -0.279  0.476   1.00 40.36 ? 102  MSE A CB  1 
HETATM 759  C  CG  . MSE A 1 102 ? 13.480  0.375   -0.636  1.00 43.83 ? 102  MSE A CG  1 
HETATM 760  SE SE  . MSE A 1 102 ? 13.266  -0.502  -2.383  1.00 51.68 ? 102  MSE A SE  1 
HETATM 761  C  CE  . MSE A 1 102 ? 14.116  0.878   -3.398  1.00 47.91 ? 102  MSE A CE  1 
ATOM   762  N  N   . THR A 1 103 ? 10.810  0.452   2.884   1.00 38.56 ? 103  THR A N   1 
ATOM   763  C  CA  . THR A 1 103 ? 9.653   -0.022  3.639   1.00 37.87 ? 103  THR A CA  1 
ATOM   764  C  C   . THR A 1 103 ? 8.956   -1.099  2.809   1.00 37.56 ? 103  THR A C   1 
ATOM   765  O  O   . THR A 1 103 ? 8.610   -0.869  1.654   1.00 37.11 ? 103  THR A O   1 
ATOM   766  C  CB  . THR A 1 103 ? 8.675   1.145   3.919   1.00 37.94 ? 103  THR A CB  1 
ATOM   767  O  OG1 . THR A 1 103 ? 9.357   2.166   4.653   1.00 38.14 ? 103  THR A OG1 1 
ATOM   768  C  CG2 . THR A 1 103 ? 7.474   0.680   4.719   1.00 37.92 ? 103  THR A CG2 1 
ATOM   769  N  N   . VAL A 1 104 ? 8.770   -2.277  3.393   1.00 37.30 ? 104  VAL A N   1 
ATOM   770  C  CA  . VAL A 1 104 ? 8.123   -3.393  2.703   1.00 36.90 ? 104  VAL A CA  1 
ATOM   771  C  C   . VAL A 1 104 ? 6.807   -3.695  3.389   1.00 36.98 ? 104  VAL A C   1 
ATOM   772  O  O   . VAL A 1 104 ? 6.744   -3.771  4.626   1.00 37.08 ? 104  VAL A O   1 
ATOM   773  C  CB  . VAL A 1 104 ? 9.007   -4.677  2.689   1.00 37.07 ? 104  VAL A CB  1 
ATOM   774  C  CG1 . VAL A 1 104 ? 8.461   -5.695  1.707   1.00 37.49 ? 104  VAL A CG1 1 
ATOM   775  C  CG2 . VAL A 1 104 ? 10.428  -4.350  2.329   1.00 36.92 ? 104  VAL A CG2 1 
ATOM   776  N  N   . CYS A 1 105 ? 5.752   -3.828  2.588   1.00 36.46 ? 105  CYS A N   1 
ATOM   777  C  CA  . CYS A 1 105 ? 4.459   -4.256  3.078   1.00 36.40 ? 105  CYS A CA  1 
ATOM   778  C  C   . CYS A 1 105 ? 3.985   -5.400  2.193   1.00 35.83 ? 105  CYS A C   1 
ATOM   779  O  O   . CYS A 1 105 ? 3.188   -5.196  1.266   1.00 35.33 ? 105  CYS A O   1 
ATOM   780  C  CB  . CYS A 1 105 ? 3.443   -3.102  3.084   1.00 37.07 ? 105  CYS A CB  1 
ATOM   781  S  SG  . CYS A 1 105 ? 1.878   -3.512  3.950   1.00 39.52 ? 105  CYS A SG  1 
ATOM   782  N  N   . PRO A 1 106 ? 4.483   -6.616  2.465   1.00 34.97 ? 106  PRO A N   1 
ATOM   783  C  CA  . PRO A 1 106 ? 4.156   -7.717  1.582   1.00 34.73 ? 106  PRO A CA  1 
ATOM   784  C  C   . PRO A 1 106 ? 2.804   -8.385  1.909   1.00 34.37 ? 106  PRO A C   1 
ATOM   785  O  O   . PRO A 1 106 ? 2.328   -8.309  3.048   1.00 34.46 ? 106  PRO A O   1 
ATOM   786  C  CB  . PRO A 1 106 ? 5.324   -8.674  1.808   1.00 34.69 ? 106  PRO A CB  1 
ATOM   787  C  CG  . PRO A 1 106 ? 5.632   -8.526  3.272   1.00 34.26 ? 106  PRO A CG  1 
ATOM   788  C  CD  . PRO A 1 106 ? 5.353   -7.052  3.580   1.00 35.25 ? 106  PRO A CD  1 
ATOM   789  N  N   . GLY A 1 107 ? 2.221   -9.049  0.905   1.00 33.83 ? 107  GLY A N   1 
ATOM   790  C  CA  . GLY A 1 107 ? 0.879   -9.613  0.971   1.00 32.72 ? 107  GLY A CA  1 
ATOM   791  C  C   . GLY A 1 107 ? 0.851   -11.100 1.316   1.00 32.85 ? 107  GLY A C   1 
ATOM   792  O  O   . GLY A 1 107 ? 1.502   -11.925 0.667   1.00 31.82 ? 107  GLY A O   1 
ATOM   793  N  N   . CYS A 1 108 ? 0.088   -11.421 2.356   1.00 32.19 ? 108  CYS A N   1 
ATOM   794  C  CA  . CYS A 1 108 ? -0.099  -12.776 2.824   1.00 32.28 ? 108  CYS A CA  1 
ATOM   795  C  C   . CYS A 1 108 ? -1.591  -12.985 3.039   1.00 31.80 ? 108  CYS A C   1 
ATOM   796  O  O   . CYS A 1 108 ? -2.376  -12.029 3.031   1.00 31.69 ? 108  CYS A O   1 
ATOM   797  C  CB  . CYS A 1 108 ? 0.673   -12.974 4.115   1.00 32.19 ? 108  CYS A CB  1 
ATOM   798  S  SG  . CYS A 1 108 ? 0.208   -11.807 5.398   1.00 35.37 ? 108  CYS A SG  1 
ATOM   799  N  N   . ALA A 1 109 ? -2.003  -14.233 3.203   1.00 30.98 ? 109  ALA A N   1 
ATOM   800  C  CA  . ALA A 1 109 ? -3.421  -14.493 3.371   1.00 30.40 ? 109  ALA A CA  1 
ATOM   801  C  C   . ALA A 1 109 ? -3.695  -15.488 4.499   1.00 30.49 ? 109  ALA A C   1 
ATOM   802  O  O   . ALA A 1 109 ? -4.861  -15.723 4.864   1.00 31.24 ? 109  ALA A O   1 
ATOM   803  C  CB  . ALA A 1 109 ? -4.014  -14.967 2.065   1.00 30.47 ? 109  ALA A CB  1 
ATOM   804  N  N   . THR A 1 110 ? -2.633  -16.077 5.044   1.00 29.64 ? 110  THR A N   1 
ATOM   805  C  CA  . THR A 1 110 ? -2.767  -17.086 6.090   1.00 28.64 ? 110  THR A CA  1 
ATOM   806  C  C   . THR A 1 110 ? -1.756  -16.807 7.196   1.00 28.53 ? 110  THR A C   1 
ATOM   807  O  O   . THR A 1 110 ? -0.793  -16.067 6.985   1.00 28.18 ? 110  THR A O   1 
ATOM   808  C  CB  . THR A 1 110 ? -2.520  -18.536 5.584   1.00 28.70 ? 110  THR A CB  1 
ATOM   809  O  OG1 . THR A 1 110 ? -1.128  -18.724 5.333   1.00 29.51 ? 110  THR A OG1 1 
ATOM   810  C  CG2 . THR A 1 110 ? -3.326  -18.883 4.323   1.00 28.85 ? 110  THR A CG2 1 
ATOM   811  N  N   . ALA A 1 111 ? -1.972  -17.411 8.371   1.00 27.83 ? 111  ALA A N   1 
ATOM   812  C  CA  . ALA A 1 111 ? -0.998  -17.330 9.452   1.00 27.41 ? 111  ALA A CA  1 
ATOM   813  C  C   . ALA A 1 111 ? 0.387   -17.778 9.008   1.00 27.32 ? 111  ALA A C   1 
ATOM   814  O  O   . ALA A 1 111 ? 1.365   -17.055 9.216   1.00 27.01 ? 111  ALA A O   1 
ATOM   815  C  CB  . ALA A 1 111 ? -1.457  -18.118 10.672  1.00 27.51 ? 111  ALA A CB  1 
ATOM   816  N  N   . THR A 1 112 ? 0.461   -18.951 8.375   1.00 27.60 ? 112  THR A N   1 
ATOM   817  C  CA  . THR A 1 112 ? 1.747   -19.523 7.919   1.00 27.74 ? 112  THR A CA  1 
ATOM   818  C  C   . THR A 1 112 ? 2.524   -18.521 7.051   1.00 28.27 ? 112  THR A C   1 
ATOM   819  O  O   . THR A 1 112 ? 3.724   -18.268 7.277   1.00 28.15 ? 112  THR A O   1 
ATOM   820  C  CB  . THR A 1 112 ? 1.561   -20.878 7.166   1.00 27.06 ? 112  THR A CB  1 
ATOM   821  O  OG1 . THR A 1 112 ? 0.894   -21.815 8.021   1.00 26.51 ? 112  THR A OG1 1 
ATOM   822  C  CG2 . THR A 1 112 ? 2.929   -21.482 6.754   1.00 28.21 ? 112  THR A CG2 1 
ATOM   823  N  N   . GLU A 1 113 ? 1.819   -17.934 6.085   1.00 28.56 ? 113  GLU A N   1 
ATOM   824  C  CA  . GLU A 1 113 ? 2.422   -16.971 5.198   1.00 29.68 ? 113  GLU A CA  1 
ATOM   825  C  C   . GLU A 1 113 ? 2.858   -15.704 5.936   1.00 29.86 ? 113  GLU A C   1 
ATOM   826  O  O   . GLU A 1 113 ? 3.904   -15.140 5.606   1.00 30.74 ? 113  GLU A O   1 
ATOM   827  C  CB  . GLU A 1 113 ? 1.482   -16.627 4.061   1.00 29.79 ? 113  GLU A CB  1 
ATOM   828  C  CG  . GLU A 1 113 ? 1.153   -17.792 3.145   1.00 31.54 ? 113  GLU A CG  1 
ATOM   829  C  CD  . GLU A 1 113 ? 0.131   -17.426 2.091   1.00 31.98 ? 113  GLU A CD  1 
ATOM   830  O  OE1 . GLU A 1 113 ? -0.521  -16.363 2.226   1.00 33.00 ? 113  GLU A OE1 1 
ATOM   831  O  OE2 . GLU A 1 113 ? -0.058  -18.216 1.143   1.00 32.15 ? 113  GLU A OE2 1 
ATOM   832  N  N   . ALA A 1 114 ? 2.085   -15.265 6.933   1.00 29.49 ? 114  ALA A N   1 
ATOM   833  C  CA  . ALA A 1 114 ? 2.466   -14.064 7.699   1.00 28.52 ? 114  ALA A CA  1 
ATOM   834  C  C   . ALA A 1 114 ? 3.789   -14.251 8.434   1.00 28.48 ? 114  ALA A C   1 
ATOM   835  O  O   . ALA A 1 114 ? 4.649   -13.371 8.405   1.00 28.70 ? 114  ALA A O   1 
ATOM   836  C  CB  . ALA A 1 114 ? 1.359   -13.643 8.656   1.00 27.55 ? 114  ALA A CB  1 
ATOM   837  N  N   . PHE A 1 115 ? 3.958   -15.398 9.086   1.00 28.51 ? 115  PHE A N   1 
ATOM   838  C  CA  . PHE A 1 115 ? 5.185   -15.688 9.829   1.00 28.57 ? 115  PHE A CA  1 
ATOM   839  C  C   . PHE A 1 115 ? 6.396   -15.919 8.948   1.00 28.82 ? 115  PHE A C   1 
ATOM   840  O  O   . PHE A 1 115 ? 7.524   -15.648 9.358   1.00 30.05 ? 115  PHE A O   1 
ATOM   841  C  CB  . PHE A 1 115 ? 4.988   -16.858 10.788  1.00 28.06 ? 115  PHE A CB  1 
ATOM   842  C  CG  . PHE A 1 115 ? 4.167   -16.509 11.998  1.00 28.14 ? 115  PHE A CG  1 
ATOM   843  C  CD1 . PHE A 1 115 ? 4.708   -15.744 13.017  1.00 27.12 ? 115  PHE A CD1 1 
ATOM   844  C  CD2 . PHE A 1 115 ? 2.847   -16.930 12.104  1.00 26.15 ? 115  PHE A CD2 1 
ATOM   845  C  CE1 . PHE A 1 115 ? 3.957   -15.406 14.139  1.00 26.70 ? 115  PHE A CE1 1 
ATOM   846  C  CE2 . PHE A 1 115 ? 2.093   -16.597 13.225  1.00 27.61 ? 115  PHE A CE2 1 
ATOM   847  C  CZ  . PHE A 1 115 ? 2.647   -15.832 14.238  1.00 26.29 ? 115  PHE A CZ  1 
ATOM   848  N  N   . THR A 1 116 ? 6.173   -16.428 7.745   1.00 29.33 ? 116  THR A N   1 
ATOM   849  C  CA  . THR A 1 116 ? 7.236   -16.450 6.736   1.00 29.97 ? 116  THR A CA  1 
ATOM   850  C  C   . THR A 1 116 ? 7.696   -15.038 6.365   1.00 29.71 ? 116  THR A C   1 
ATOM   851  O  O   . THR A 1 116 ? 8.899   -14.798 6.197   1.00 29.79 ? 116  THR A O   1 
ATOM   852  C  CB  . THR A 1 116 ? 6.802   -17.191 5.464   1.00 29.72 ? 116  THR A CB  1 
ATOM   853  O  OG1 . THR A 1 116 ? 6.562   -18.568 5.783   1.00 31.41 ? 116  THR A OG1 1 
ATOM   854  C  CG2 . THR A 1 116 ? 7.899   -17.115 4.387   1.00 30.60 ? 116  THR A CG2 1 
ATOM   855  N  N   . ALA A 1 117 ? 6.741   -14.119 6.216   1.00 29.58 ? 117  ALA A N   1 
ATOM   856  C  CA  . ALA A 1 117 ? 7.073   -12.747 5.825   1.00 30.33 ? 117  ALA A CA  1 
ATOM   857  C  C   . ALA A 1 117 ? 7.826   -12.031 6.941   1.00 30.31 ? 117  ALA A C   1 
ATOM   858  O  O   . ALA A 1 117 ? 8.801   -11.326 6.683   1.00 30.69 ? 117  ALA A O   1 
ATOM   859  C  CB  . ALA A 1 117 ? 5.821   -11.959 5.399   1.00 30.09 ? 117  ALA A CB  1 
ATOM   860  N  N   . LEU A 1 118 ? 7.407   -12.248 8.187   1.00 30.95 ? 118  LEU A N   1 
ATOM   861  C  CA  . LEU A 1 118 ? 8.116   -11.700 9.336   1.00 31.47 ? 118  LEU A CA  1 
ATOM   862  C  C   . LEU A 1 118 ? 9.563   -12.205 9.400   1.00 32.30 ? 118  LEU A C   1 
ATOM   863  O  O   . LEU A 1 118 ? 10.493  -11.434 9.669   1.00 32.42 ? 118  LEU A O   1 
ATOM   864  C  CB  . LEU A 1 118 ? 7.369   -12.013 10.637  1.00 31.30 ? 118  LEU A CB  1 
ATOM   865  C  CG  . LEU A 1 118 ? 5.961   -11.400 10.716  1.00 31.22 ? 118  LEU A CG  1 
ATOM   866  C  CD1 . LEU A 1 118 ? 5.338   -11.619 12.093  1.00 31.81 ? 118  LEU A CD1 1 
ATOM   867  C  CD2 . LEU A 1 118 ? 6.002   -9.921  10.387  1.00 30.76 ? 118  LEU A CD2 1 
ATOM   868  N  N   . GLU A 1 119 ? 9.749   -13.492 9.130   1.00 33.52 ? 119  GLU A N   1 
ATOM   869  C  CA  . GLU A 1 119 ? 11.081  -14.107 9.174   1.00 34.92 ? 119  GLU A CA  1 
ATOM   870  C  C   . GLU A 1 119 ? 12.005  -13.602 8.062   1.00 34.46 ? 119  GLU A C   1 
ATOM   871  O  O   . GLU A 1 119 ? 13.237  -13.691 8.161   1.00 34.39 ? 119  GLU A O   1 
ATOM   872  C  CB  . GLU A 1 119 ? 10.969  -15.636 9.154   1.00 35.51 ? 119  GLU A CB  1 
ATOM   873  C  CG  . GLU A 1 119 ? 10.694  -16.224 10.539  1.00 38.60 ? 119  GLU A CG  1 
ATOM   874  C  CD  . GLU A 1 119 ? 11.702  -15.757 11.573  1.00 41.85 ? 119  GLU A CD  1 
ATOM   875  O  OE1 . GLU A 1 119 ? 12.901  -16.066 11.407  1.00 42.40 ? 119  GLU A OE1 1 
ATOM   876  O  OE2 . GLU A 1 119 ? 11.293  -15.074 12.545  1.00 44.21 ? 119  GLU A OE2 1 
ATOM   877  N  N   . ALA A 1 120 ? 11.393  -13.063 7.016   1.00 34.38 ? 120  ALA A N   1 
ATOM   878  C  CA  . ALA A 1 120 ? 12.119  -12.429 5.924   1.00 34.24 ? 120  ALA A CA  1 
ATOM   879  C  C   . ALA A 1 120 ? 12.461  -10.960 6.237   1.00 34.41 ? 120  ALA A C   1 
ATOM   880  O  O   . ALA A 1 120 ? 13.136  -10.283 5.434   1.00 34.23 ? 120  ALA A O   1 
ATOM   881  C  CB  . ALA A 1 120 ? 11.313  -12.538 4.633   1.00 33.95 ? 120  ALA A CB  1 
ATOM   882  N  N   . GLY A 1 121 ? 11.974  -10.476 7.383   1.00 33.78 ? 121  GLY A N   1 
ATOM   883  C  CA  . GLY A 1 121 ? 12.255  -9.127  7.855   1.00 34.09 ? 121  GLY A CA  1 
ATOM   884  C  C   . GLY A 1 121 ? 11.142  -8.098  7.682   1.00 34.50 ? 121  GLY A C   1 
ATOM   885  O  O   . GLY A 1 121 ? 11.329  -6.922  7.999   1.00 34.31 ? 121  GLY A O   1 
ATOM   886  N  N   . ALA A 1 122 ? 9.983   -8.522  7.187   1.00 34.70 ? 122  ALA A N   1 
ATOM   887  C  CA  . ALA A 1 122 ? 8.839   -7.626  7.064   1.00 35.07 ? 122  ALA A CA  1 
ATOM   888  C  C   . ALA A 1 122 ? 8.428   -7.039  8.417   1.00 35.48 ? 122  ALA A C   1 
ATOM   889  O  O   . ALA A 1 122 ? 8.352   -7.742  9.422   1.00 35.21 ? 122  ALA A O   1 
ATOM   890  C  CB  . ALA A 1 122 ? 7.672   -8.331  6.396   1.00 35.33 ? 122  ALA A CB  1 
ATOM   891  N  N   . GLN A 1 123 ? 8.174   -5.732  8.420   1.00 36.22 ? 123  GLN A N   1 
ATOM   892  C  CA  . GLN A 1 123 ? 7.846   -4.977  9.629   1.00 36.17 ? 123  GLN A CA  1 
ATOM   893  C  C   . GLN A 1 123 ? 6.351   -4.615  9.637   1.00 35.60 ? 123  GLN A C   1 
ATOM   894  O  O   . GLN A 1 123 ? 5.817   -4.080  10.623  1.00 35.84 ? 123  GLN A O   1 
ATOM   895  C  CB  . GLN A 1 123 ? 8.690   -3.696  9.661   1.00 37.17 ? 123  GLN A CB  1 
ATOM   896  C  CG  . GLN A 1 123 ? 9.963   -3.727  8.762   1.00 39.87 ? 123  GLN A CG  1 
ATOM   897  C  CD  . GLN A 1 123 ? 9.699   -3.395  7.283   1.00 45.13 ? 123  GLN A CD  1 
ATOM   898  O  OE1 . GLN A 1 123 ? 8.608   -3.661  6.741   1.00 45.93 ? 123  GLN A OE1 1 
ATOM   899  N  NE2 . GLN A 1 123 ? 10.715  -2.837  6.617   1.00 46.06 ? 123  GLN A NE2 1 
ATOM   900  N  N   . ALA A 1 124 ? 5.702   -4.896  8.514   1.00 34.22 ? 124  ALA A N   1 
ATOM   901  C  CA  . ALA A 1 124 ? 4.294   -4.635  8.298   1.00 33.30 ? 124  ALA A CA  1 
ATOM   902  C  C   . ALA A 1 124 ? 3.738   -5.765  7.417   1.00 32.86 ? 124  ALA A C   1 
ATOM   903  O  O   . ALA A 1 124 ? 4.493   -6.377  6.660   1.00 32.95 ? 124  ALA A O   1 
ATOM   904  C  CB  . ALA A 1 124 ? 4.123   -3.293  7.589   1.00 32.56 ? 124  ALA A CB  1 
ATOM   905  N  N   . LEU A 1 125 ? 2.428   -6.013  7.487   1.00 32.38 ? 125  LEU A N   1 
ATOM   906  C  CA  . LEU A 1 125 ? 1.792   -7.037  6.632   1.00 31.95 ? 125  LEU A CA  1 
ATOM   907  C  C   . LEU A 1 125 ? 0.573   -6.515  5.897   1.00 32.02 ? 125  LEU A C   1 
ATOM   908  O  O   . LEU A 1 125 ? -0.178  -5.706  6.427   1.00 31.44 ? 125  LEU A O   1 
ATOM   909  C  CB  . LEU A 1 125 ? 1.394   -8.268  7.438   1.00 31.69 ? 125  LEU A CB  1 
ATOM   910  C  CG  . LEU A 1 125 ? 2.513   -8.992  8.183   1.00 32.59 ? 125  LEU A CG  1 
ATOM   911  C  CD1 . LEU A 1 125 ? 1.910   -10.079 9.077   1.00 32.47 ? 125  LEU A CD1 1 
ATOM   912  C  CD2 . LEU A 1 125 ? 3.573   -9.530  7.218   1.00 31.12 ? 125  LEU A CD2 1 
ATOM   913  N  N   . LYS A 1 126 ? 0.401   -6.977  4.659   1.00 33.04 ? 126  LYS A N   1 
ATOM   914  C  CA  . LYS A 1 126 ? -0.786  -6.688  3.864   1.00 34.06 ? 126  LYS A CA  1 
ATOM   915  C  C   . LYS A 1 126 ? -1.594  -7.984  3.882   1.00 34.64 ? 126  LYS A C   1 
ATOM   916  O  O   . LYS A 1 126 ? -1.061  -9.038  3.578   1.00 35.20 ? 126  LYS A O   1 
ATOM   917  C  CB  . LYS A 1 126 ? -0.362  -6.273  2.427   1.00 33.98 ? 126  LYS A CB  1 
ATOM   918  C  CG  . LYS A 1 126 ? -1.446  -6.253  1.318   1.00 34.92 ? 126  LYS A CG  1 
ATOM   919  C  CD  . LYS A 1 126 ? -0.819  -6.367  -0.092  1.00 35.10 ? 126  LYS A CD  1 
ATOM   920  C  CE  . LYS A 1 126 ? -1.808  -6.356  -1.306  1.00 37.26 ? 126  LYS A CE  1 
ATOM   921  N  NZ  . LYS A 1 126 ? -1.032  -5.983  -2.580  1.00 38.31 ? 126  LYS A NZ  1 
ATOM   922  N  N   . ILE A 1 127 ? -2.866  -7.926  4.264   1.00 35.09 ? 127  ILE A N   1 
ATOM   923  C  CA  . ILE A 1 127 ? -3.725  -9.099  4.116   1.00 35.00 ? 127  ILE A CA  1 
ATOM   924  C  C   . ILE A 1 127 ? -4.459  -8.926  2.793   1.00 36.11 ? 127  ILE A C   1 
ATOM   925  O  O   . ILE A 1 127 ? -5.232  -7.980  2.601   1.00 36.54 ? 127  ILE A O   1 
ATOM   926  C  CB  . ILE A 1 127 ? -4.697  -9.326  5.330   1.00 35.05 ? 127  ILE A CB  1 
ATOM   927  C  CG1 . ILE A 1 127 ? -3.944  -9.283  6.675   1.00 33.72 ? 127  ILE A CG1 1 
ATOM   928  C  CG2 . ILE A 1 127 ? -5.477  -10.640 5.188   1.00 32.74 ? 127  ILE A CG2 1 
ATOM   929  C  CD1 . ILE A 1 127 ? -2.799  -10.299 6.838   1.00 32.51 ? 127  ILE A CD1 1 
ATOM   930  N  N   . PHE A 1 128 ? -4.184  -9.816  1.860   1.00 36.27 ? 128  PHE A N   1 
ATOM   931  C  CA  . PHE A 1 128 ? -4.732  -9.672  0.534   1.00 37.62 ? 128  PHE A CA  1 
ATOM   932  C  C   . PHE A 1 128 ? -5.247  -10.987 -0.054  1.00 37.84 ? 128  PHE A C   1 
ATOM   933  O  O   . PHE A 1 128 ? -4.556  -12.002 0.008   1.00 36.95 ? 128  PHE A O   1 
ATOM   934  C  CB  . PHE A 1 128 ? -3.692  -9.034  -0.398  1.00 37.81 ? 128  PHE A CB  1 
ATOM   935  C  CG  . PHE A 1 128 ? -4.033  -9.161  -1.831  1.00 39.07 ? 128  PHE A CG  1 
ATOM   936  C  CD1 . PHE A 1 128 ? -4.996  -8.328  -2.403  1.00 40.29 ? 128  PHE A CD1 1 
ATOM   937  C  CD2 . PHE A 1 128 ? -3.414  -10.133 -2.620  1.00 38.81 ? 128  PHE A CD2 1 
ATOM   938  C  CE1 . PHE A 1 128 ? -5.341  -8.476  -3.743  1.00 41.79 ? 128  PHE A CE1 1 
ATOM   939  C  CE2 . PHE A 1 128 ? -3.754  -10.282 -3.963  1.00 38.80 ? 128  PHE A CE2 1 
ATOM   940  C  CZ  . PHE A 1 128 ? -4.700  -9.456  -4.530  1.00 40.05 ? 128  PHE A CZ  1 
ATOM   941  N  N   . PRO A 1 129 ? -6.470  -10.966 -0.620  1.00 38.74 ? 129  PRO A N   1 
ATOM   942  C  CA  . PRO A 1 129 ? -7.498  -9.922  -0.513  1.00 39.63 ? 129  PRO A CA  1 
ATOM   943  C  C   . PRO A 1 129 ? -8.326  -10.041 0.770   1.00 40.46 ? 129  PRO A C   1 
ATOM   944  O  O   . PRO A 1 129 ? -8.863  -11.107 1.078   1.00 40.77 ? 129  PRO A O   1 
ATOM   945  C  CB  . PRO A 1 129 ? -8.383  -10.160 -1.750  1.00 39.49 ? 129  PRO A CB  1 
ATOM   946  C  CG  . PRO A 1 129 ? -7.699  -11.267 -2.548  1.00 39.55 ? 129  PRO A CG  1 
ATOM   947  C  CD  . PRO A 1 129 ? -6.877  -12.021 -1.554  1.00 39.27 ? 129  PRO A CD  1 
ATOM   948  N  N   . SER A 1 130 ? -8.419  -8.943  1.511   1.00 41.05 ? 130  SER A N   1 
ATOM   949  C  CA  . SER A 1 130 ? -9.075  -8.930  2.825   1.00 41.57 ? 130  SER A CA  1 
ATOM   950  C  C   . SER A 1 130 ? -10.577 -9.212  2.763   1.00 42.16 ? 130  SER A C   1 
ATOM   951  O  O   . SER A 1 130 ? -11.150 -9.729  3.717   1.00 42.04 ? 130  SER A O   1 
ATOM   952  C  CB  . SER A 1 130 ? -8.853  -7.571  3.478   1.00 41.27 ? 130  SER A CB  1 
ATOM   953  O  OG  . SER A 1 130 ? -7.485  -7.353  3.743   1.00 41.93 ? 130  SER A OG  1 
ATOM   954  N  N   . SER A 1 131 ? -11.202 -8.843  1.642   1.00 43.19 ? 131  SER A N   1 
ATOM   955  C  CA  . SER A 1 131 ? -12.663 -8.918  1.445   1.00 44.03 ? 131  SER A CA  1 
ATOM   956  C  C   . SER A 1 131 ? -13.276 -10.299 1.622   1.00 44.03 ? 131  SER A C   1 
ATOM   957  O  O   . SER A 1 131 ? -14.393 -10.437 2.122   1.00 44.11 ? 131  SER A O   1 
ATOM   958  C  CB  . SER A 1 131 ? -13.025 -8.413  0.047   1.00 44.17 ? 131  SER A CB  1 
ATOM   959  O  OG  . SER A 1 131 ? -13.025 -7.002  0.014   1.00 45.81 ? 131  SER A OG  1 
ATOM   960  N  N   . ALA A 1 132 ? -12.553 -11.313 1.162   1.00 44.48 ? 132  ALA A N   1 
ATOM   961  C  CA  . ALA A 1 132 ? -12.977 -12.700 1.284   1.00 44.14 ? 132  ALA A CA  1 
ATOM   962  C  C   . ALA A 1 132 ? -12.970 -13.133 2.741   1.00 43.84 ? 132  ALA A C   1 
ATOM   963  O  O   . ALA A 1 132 ? -13.827 -13.915 3.164   1.00 44.45 ? 132  ALA A O   1 
ATOM   964  C  CB  . ALA A 1 132 ? -12.053 -13.600 0.462   1.00 44.50 ? 132  ALA A CB  1 
ATOM   965  N  N   . PHE A 1 133 ? -12.007 -12.611 3.504   1.00 42.83 ? 133  PHE A N   1 
ATOM   966  C  CA  . PHE A 1 133 ? -11.791 -13.049 4.880   1.00 42.06 ? 133  PHE A CA  1 
ATOM   967  C  C   . PHE A 1 133 ? -12.612 -12.241 5.874   1.00 41.50 ? 133  PHE A C   1 
ATOM   968  O  O   . PHE A 1 133 ? -13.243 -12.810 6.762   1.00 42.17 ? 133  PHE A O   1 
ATOM   969  C  CB  . PHE A 1 133 ? -10.307 -12.979 5.255   1.00 42.19 ? 133  PHE A CB  1 
ATOM   970  C  CG  . PHE A 1 133 ? -9.391  -13.691 4.293   1.00 42.17 ? 133  PHE A CG  1 
ATOM   971  C  CD1 . PHE A 1 133 ? -9.404  -15.080 4.192   1.00 42.55 ? 133  PHE A CD1 1 
ATOM   972  C  CD2 . PHE A 1 133 ? -8.507  -12.973 3.499   1.00 42.03 ? 133  PHE A CD2 1 
ATOM   973  C  CE1 . PHE A 1 133 ? -8.562  -15.738 3.310   1.00 42.64 ? 133  PHE A CE1 1 
ATOM   974  C  CE2 . PHE A 1 133 ? -7.658  -13.623 2.608   1.00 43.00 ? 133  PHE A CE2 1 
ATOM   975  C  CZ  . PHE A 1 133 ? -7.694  -15.009 2.508   1.00 42.79 ? 133  PHE A CZ  1 
ATOM   976  N  N   . GLY A 1 134 ? -12.607 -10.920 5.728   1.00 40.47 ? 134  GLY A N   1 
ATOM   977  C  CA  . GLY A 1 134 ? -13.337 -10.049 6.642   1.00 39.19 ? 134  GLY A CA  1 
ATOM   978  C  C   . GLY A 1 134 ? -12.497 -9.517  7.795   1.00 38.33 ? 134  GLY A C   1 
ATOM   979  O  O   . GLY A 1 134 ? -11.415 -10.032 8.069   1.00 37.64 ? 134  GLY A O   1 
ATOM   980  N  N   . PRO A 1 135 ? -13.006 -8.480  8.488   1.00 37.66 ? 135  PRO A N   1 
ATOM   981  C  CA  . PRO A 1 135 ? -12.332 -7.849  9.627   1.00 37.27 ? 135  PRO A CA  1 
ATOM   982  C  C   . PRO A 1 135 ? -11.963 -8.847  10.710  1.00 36.96 ? 135  PRO A C   1 
ATOM   983  O  O   . PRO A 1 135 ? -10.889 -8.743  11.293  1.00 36.22 ? 135  PRO A O   1 
ATOM   984  C  CB  . PRO A 1 135 ? -13.386 -6.867  10.149  1.00 36.86 ? 135  PRO A CB  1 
ATOM   985  C  CG  . PRO A 1 135 ? -14.197 -6.552  8.951   1.00 37.63 ? 135  PRO A CG  1 
ATOM   986  C  CD  . PRO A 1 135 ? -14.299 -7.836  8.201   1.00 37.68 ? 135  PRO A CD  1 
ATOM   987  N  N   . GLN A 1 136 ? -12.855 -9.812  10.950  1.00 37.30 ? 136  GLN A N   1 
ATOM   988  C  CA  . GLN A 1 136 ? -12.687 -10.826 11.992  1.00 37.58 ? 136  GLN A CA  1 
ATOM   989  C  C   . GLN A 1 136 ? -11.466 -11.704 11.735  1.00 36.90 ? 136  GLN A C   1 
ATOM   990  O  O   . GLN A 1 136 ? -10.844 -12.194 12.677  1.00 36.63 ? 136  GLN A O   1 
ATOM   991  C  CB  . GLN A 1 136 ? -13.951 -11.692 12.117  1.00 38.10 ? 136  GLN A CB  1 
ATOM   992  C  CG  . GLN A 1 136 ? -13.884 -12.779 13.191  1.00 39.98 ? 136  GLN A CG  1 
ATOM   993  C  CD  . GLN A 1 136 ? -13.808 -12.212 14.607  1.00 43.26 ? 136  GLN A CD  1 
ATOM   994  O  OE1 . GLN A 1 136 ? -14.559 -11.282 14.969  1.00 43.62 ? 136  GLN A OE1 1 
ATOM   995  N  NE2 . GLN A 1 136 ? -12.901 -12.774 15.422  1.00 42.23 ? 136  GLN A NE2 1 
ATOM   996  N  N   . TYR A 1 137 ? -11.124 -11.886 10.459  1.00 36.60 ? 137  TYR A N   1 
ATOM   997  C  CA  . TYR A 1 137 ? -9.949  -12.670 10.091  1.00 36.20 ? 137  TYR A CA  1 
ATOM   998  C  C   . TYR A 1 137 ? -8.701  -12.024 10.666  1.00 35.79 ? 137  TYR A C   1 
ATOM   999  O  O   . TYR A 1 137 ? -7.884  -12.684 11.301  1.00 36.15 ? 137  TYR A O   1 
ATOM   1000 C  CB  . TYR A 1 137 ? -9.828  -12.765 8.580   1.00 36.04 ? 137  TYR A CB  1 
ATOM   1001 C  CG  . TYR A 1 137 ? -8.854  -13.811 8.099   1.00 36.03 ? 137  TYR A CG  1 
ATOM   1002 C  CD1 . TYR A 1 137 ? -9.123  -15.170 8.259   1.00 37.23 ? 137  TYR A CD1 1 
ATOM   1003 C  CD2 . TYR A 1 137 ? -7.681  -13.445 7.443   1.00 35.82 ? 137  TYR A CD2 1 
ATOM   1004 C  CE1 . TYR A 1 137 ? -8.231  -16.139 7.785   1.00 37.50 ? 137  TYR A CE1 1 
ATOM   1005 C  CE2 . TYR A 1 137 ? -6.788  -14.396 6.980   1.00 36.17 ? 137  TYR A CE2 1 
ATOM   1006 C  CZ  . TYR A 1 137 ? -7.060  -15.739 7.158   1.00 35.79 ? 137  TYR A CZ  1 
ATOM   1007 O  OH  . TYR A 1 137 ? -6.183  -16.681 6.687   1.00 33.59 ? 137  TYR A OH  1 
ATOM   1008 N  N   . ILE A 1 138 ? -8.575  -10.728 10.430  1.00 35.33 ? 138  ILE A N   1 
ATOM   1009 C  CA  . ILE A 1 138 ? -7.465  -9.939  10.941  1.00 35.05 ? 138  ILE A CA  1 
ATOM   1010 C  C   . ILE A 1 138 ? -7.448  -9.964  12.475  1.00 34.18 ? 138  ILE A C   1 
ATOM   1011 O  O   . ILE A 1 138 ? -6.405  -10.204 13.065  1.00 34.16 ? 138  ILE A O   1 
ATOM   1012 C  CB  . ILE A 1 138 ? -7.495  -8.498  10.337  1.00 35.38 ? 138  ILE A CB  1 
ATOM   1013 C  CG1 . ILE A 1 138 ? -6.987  -8.551  8.893   1.00 37.14 ? 138  ILE A CG1 1 
ATOM   1014 C  CG2 . ILE A 1 138 ? -6.653  -7.513  11.140  1.00 35.41 ? 138  ILE A CG2 1 
ATOM   1015 C  CD1 . ILE A 1 138 ? -7.748  -7.678  7.935   1.00 40.58 ? 138  ILE A CD1 1 
ATOM   1016 N  N   . LYS A 1 139 ? -8.598  -9.739  13.107  1.00 33.35 ? 139  LYS A N   1 
ATOM   1017 C  CA  . LYS A 1 139 ? -8.720  -9.822  14.567  1.00 32.56 ? 139  LYS A CA  1 
ATOM   1018 C  C   . LYS A 1 139 ? -8.159  -11.159 15.064  1.00 31.88 ? 139  LYS A C   1 
ATOM   1019 O  O   . LYS A 1 139 ? -7.426  -11.219 16.061  1.00 31.60 ? 139  LYS A O   1 
ATOM   1020 C  CB  . LYS A 1 139 ? -10.187 -9.667  14.967  1.00 32.56 ? 139  LYS A CB  1 
ATOM   1021 C  CG  . LYS A 1 139 ? -10.454 -9.241  16.398  1.00 34.45 ? 139  LYS A CG  1 
ATOM   1022 C  CD  . LYS A 1 139 ? -11.905 -8.730  16.528  1.00 35.11 ? 139  LYS A CD  1 
ATOM   1023 C  CE  . LYS A 1 139 ? -12.587 -9.216  17.815  1.00 36.53 ? 139  LYS A CE  1 
ATOM   1024 N  NZ  . LYS A 1 139 ? -14.078 -8.971  17.787  1.00 34.99 ? 139  LYS A NZ  1 
ATOM   1025 N  N   . ALA A 1 140 ? -8.504  -12.236 14.361  1.00 30.78 ? 140  ALA A N   1 
ATOM   1026 C  CA  . ALA A 1 140 ? -7.998  -13.556 14.721  1.00 30.31 ? 140  ALA A CA  1 
ATOM   1027 C  C   . ALA A 1 140 ? -6.481  -13.659 14.477  1.00 29.61 ? 140  ALA A C   1 
ATOM   1028 O  O   . ALA A 1 140 ? -5.755  -14.244 15.281  1.00 28.73 ? 140  ALA A O   1 
ATOM   1029 C  CB  . ALA A 1 140 ? -8.765  -14.647 13.975  1.00 30.45 ? 140  ALA A CB  1 
ATOM   1030 N  N   . LEU A 1 141 ? -5.993  -13.047 13.401  1.00 29.32 ? 141  LEU A N   1 
ATOM   1031 C  CA  . LEU A 1 141 ? -4.561  -13.083 13.127  1.00 29.30 ? 141  LEU A CA  1 
ATOM   1032 C  C   . LEU A 1 141 ? -3.773  -12.280 14.148  1.00 29.88 ? 141  LEU A C   1 
ATOM   1033 O  O   . LEU A 1 141 ? -2.699  -12.716 14.608  1.00 29.75 ? 141  LEU A O   1 
ATOM   1034 C  CB  . LEU A 1 141 ? -4.241  -12.643 11.702  1.00 29.63 ? 141  LEU A CB  1 
ATOM   1035 C  CG  . LEU A 1 141 ? -4.485  -13.690 10.614  1.00 28.33 ? 141  LEU A CG  1 
ATOM   1036 C  CD1 . LEU A 1 141 ? -4.241  -13.076 9.272   1.00 26.18 ? 141  LEU A CD1 1 
ATOM   1037 C  CD2 . LEU A 1 141 ? -3.556  -14.893 10.812  1.00 30.10 ? 141  LEU A CD2 1 
ATOM   1038 N  N   . LYS A 1 142 ? -4.341  -11.144 14.552  1.00 29.46 ? 142  LYS A N   1 
ATOM   1039 C  CA  . LYS A 1 142 ? -3.722  -10.273 15.554  1.00 29.62 ? 142  LYS A CA  1 
ATOM   1040 C  C   . LYS A 1 142 ? -3.556  -10.945 16.920  1.00 29.29 ? 142  LYS A C   1 
ATOM   1041 O  O   . LYS A 1 142 ? -2.751  -10.506 17.746  1.00 29.45 ? 142  LYS A O   1 
ATOM   1042 C  CB  . LYS A 1 142 ? -4.517  -8.970  15.689  1.00 29.90 ? 142  LYS A CB  1 
ATOM   1043 C  CG  . LYS A 1 142 ? -4.641  -8.156  14.383  1.00 31.71 ? 142  LYS A CG  1 
ATOM   1044 C  CD  . LYS A 1 142 ? -3.417  -7.304  14.081  1.00 32.68 ? 142  LYS A CD  1 
ATOM   1045 C  CE  . LYS A 1 142 ? -3.129  -6.324  15.218  1.00 34.33 ? 142  LYS A CE  1 
ATOM   1046 N  NZ  . LYS A 1 142 ? -1.910  -5.510  14.928  1.00 35.23 ? 142  LYS A NZ  1 
ATOM   1047 N  N   . ALA A 1 143 ? -4.311  -12.005 17.180  1.00 28.47 ? 143  ALA A N   1 
ATOM   1048 C  CA  . ALA A 1 143 ? -4.150  -12.683 18.454  1.00 27.52 ? 143  ALA A CA  1 
ATOM   1049 C  C   . ALA A 1 143 ? -2.884  -13.564 18.474  1.00 27.61 ? 143  ALA A C   1 
ATOM   1050 O  O   . ALA A 1 143 ? -2.429  -13.964 19.549  1.00 27.29 ? 143  ALA A O   1 
ATOM   1051 C  CB  . ALA A 1 143 ? -5.393  -13.467 18.810  1.00 27.42 ? 143  ALA A CB  1 
ATOM   1052 N  N   . VAL A 1 144 ? -2.315  -13.851 17.297  1.00 27.47 ? 144  VAL A N   1 
ATOM   1053 C  CA  . VAL A 1 144 ? -1.047  -14.588 17.228  1.00 28.10 ? 144  VAL A CA  1 
ATOM   1054 C  C   . VAL A 1 144 ? 0.184   -13.771 16.758  1.00 29.01 ? 144  VAL A C   1 
ATOM   1055 O  O   . VAL A 1 144 ? 1.319   -14.109 17.102  1.00 28.72 ? 144  VAL A O   1 
ATOM   1056 C  CB  . VAL A 1 144 ? -1.163  -15.927 16.437  1.00 27.99 ? 144  VAL A CB  1 
ATOM   1057 C  CG1 . VAL A 1 144 ? -2.192  -16.848 17.086  1.00 27.70 ? 144  VAL A CG1 1 
ATOM   1058 C  CG2 . VAL A 1 144 ? -1.491  -15.697 14.978  1.00 26.31 ? 144  VAL A CG2 1 
ATOM   1059 N  N   . LEU A 1 145 ? -0.041  -12.705 15.994  1.00 29.16 ? 145  LEU A N   1 
ATOM   1060 C  CA  . LEU A 1 145 ? 1.054   -11.876 15.493  1.00 29.88 ? 145  LEU A CA  1 
ATOM   1061 C  C   . LEU A 1 145 ? 1.726   -11.078 16.612  1.00 30.75 ? 145  LEU A C   1 
ATOM   1062 O  O   . LEU A 1 145 ? 1.071   -10.706 17.584  1.00 30.30 ? 145  LEU A O   1 
ATOM   1063 C  CB  . LEU A 1 145 ? 0.557   -10.938 14.390  1.00 29.47 ? 145  LEU A CB  1 
ATOM   1064 C  CG  . LEU A 1 145 ? 0.057   -11.583 13.090  1.00 29.57 ? 145  LEU A CG  1 
ATOM   1065 C  CD1 . LEU A 1 145 ? -0.659  -10.546 12.209  1.00 28.45 ? 145  LEU A CD1 1 
ATOM   1066 C  CD2 . LEU A 1 145 ? 1.191   -12.290 12.298  1.00 28.12 ? 145  LEU A CD2 1 
ATOM   1067 N  N   . PRO A 1 146 ? 3.044   -10.812 16.479  1.00 31.86 ? 146  PRO A N   1 
ATOM   1068 C  CA  . PRO A 1 146 ? 3.748   -9.929  17.426  1.00 32.61 ? 146  PRO A CA  1 
ATOM   1069 C  C   . PRO A 1 146 ? 3.022   -8.586  17.500  1.00 33.33 ? 146  PRO A C   1 
ATOM   1070 O  O   . PRO A 1 146 ? 2.534   -8.099  16.476  1.00 33.50 ? 146  PRO A O   1 
ATOM   1071 C  CB  . PRO A 1 146 ? 5.122   -9.731  16.781  1.00 32.78 ? 146  PRO A CB  1 
ATOM   1072 C  CG  . PRO A 1 146 ? 5.296   -10.878 15.853  1.00 32.41 ? 146  PRO A CG  1 
ATOM   1073 C  CD  . PRO A 1 146 ? 3.928   -11.310 15.408  1.00 31.89 ? 146  PRO A CD  1 
ATOM   1074 N  N   . SER A 1 147 ? 2.950   -8.005  18.695  1.00 34.50 ? 147  SER A N   1 
ATOM   1075 C  CA  . SER A 1 147 ? 2.117   -6.811  18.940  1.00 35.64 ? 147  SER A CA  1 
ATOM   1076 C  C   . SER A 1 147 ? 2.416   -5.603  18.037  1.00 36.15 ? 147  SER A C   1 
ATOM   1077 O  O   . SER A 1 147 ? 1.497   -4.880  17.645  1.00 36.02 ? 147  SER A O   1 
ATOM   1078 C  CB  . SER A 1 147 ? 2.134   -6.415  20.429  1.00 35.92 ? 147  SER A CB  1 
ATOM   1079 O  OG  . SER A 1 147 ? 3.451   -6.331  20.962  1.00 37.07 ? 147  SER A OG  1 
ATOM   1080 N  N   . ASP A 1 148 ? 3.693   -5.410  17.706  1.00 36.95 ? 148  ASP A N   1 
ATOM   1081 C  CA  . ASP A 1 148 ? 4.145   -4.233  16.937  1.00 37.65 ? 148  ASP A CA  1 
ATOM   1082 C  C   . ASP A 1 148 ? 4.110   -4.377  15.420  1.00 37.40 ? 148  ASP A C   1 
ATOM   1083 O  O   . ASP A 1 148 ? 4.601   -3.503  14.699  1.00 37.92 ? 148  ASP A O   1 
ATOM   1084 C  CB  . ASP A 1 148 ? 5.551   -3.806  17.370  1.00 38.30 ? 148  ASP A CB  1 
ATOM   1085 C  CG  . ASP A 1 148 ? 6.502   -4.966  17.494  1.00 40.10 ? 148  ASP A CG  1 
ATOM   1086 O  OD1 . ASP A 1 148 ? 6.537   -5.840  16.599  1.00 43.17 ? 148  ASP A OD1 1 
ATOM   1087 O  OD2 . ASP A 1 148 ? 7.221   -5.006  18.512  1.00 44.43 ? 148  ASP A OD2 1 
ATOM   1088 N  N   . ILE A 1 149 ? 3.548   -5.473  14.922  1.00 36.96 ? 149  ILE A N   1 
ATOM   1089 C  CA  . ILE A 1 149 ? 3.424   -5.636  13.489  1.00 36.21 ? 149  ILE A CA  1 
ATOM   1090 C  C   . ILE A 1 149 ? 2.159   -4.917  13.022  1.00 36.23 ? 149  ILE A C   1 
ATOM   1091 O  O   . ILE A 1 149 ? 1.064   -5.206  13.504  1.00 36.21 ? 149  ILE A O   1 
ATOM   1092 C  CB  . ILE A 1 149 ? 3.458   -7.138  13.059  1.00 36.16 ? 149  ILE A CB  1 
ATOM   1093 C  CG1 . ILE A 1 149 ? 4.839   -7.752  13.360  1.00 35.16 ? 149  ILE A CG1 1 
ATOM   1094 C  CG2 . ILE A 1 149 ? 3.107   -7.295  11.586  1.00 35.56 ? 149  ILE A CG2 1 
ATOM   1095 C  CD1 . ILE A 1 149 ? 6.031   -6.988  12.763  1.00 33.04 ? 149  ILE A CD1 1 
ATOM   1096 N  N   . ALA A 1 150 ? 2.334   -3.966  12.103  1.00 35.90 ? 150  ALA A N   1 
ATOM   1097 C  CA  . ALA A 1 150 ? 1.229   -3.223  11.502  1.00 35.45 ? 150  ALA A CA  1 
ATOM   1098 C  C   . ALA A 1 150 ? 0.557   -4.040  10.411  1.00 35.33 ? 150  ALA A C   1 
ATOM   1099 O  O   . ALA A 1 150 ? 1.210   -4.493  9.461   1.00 35.48 ? 150  ALA A O   1 
ATOM   1100 C  CB  . ALA A 1 150 ? 1.721   -1.899  10.940  1.00 35.34 ? 150  ALA A CB  1 
ATOM   1101 N  N   . VAL A 1 151 ? -0.755  -4.225  10.542  1.00 34.98 ? 151  VAL A N   1 
ATOM   1102 C  CA  . VAL A 1 151 ? -1.513  -4.986  9.554   1.00 34.58 ? 151  VAL A CA  1 
ATOM   1103 C  C   . VAL A 1 151 ? -2.402  -4.081  8.689   1.00 34.72 ? 151  VAL A C   1 
ATOM   1104 O  O   . VAL A 1 151 ? -3.171  -3.247  9.192   1.00 35.33 ? 151  VAL A O   1 
ATOM   1105 C  CB  . VAL A 1 151 ? -2.312  -6.152  10.187  1.00 34.57 ? 151  VAL A CB  1 
ATOM   1106 C  CG1 . VAL A 1 151 ? -3.054  -6.931  9.106   1.00 33.96 ? 151  VAL A CG1 1 
ATOM   1107 C  CG2 . VAL A 1 151 ? -1.371  -7.105  10.924  1.00 34.05 ? 151  VAL A CG2 1 
ATOM   1108 N  N   . PHE A 1 152 ? -2.269  -4.246  7.384   1.00 34.30 ? 152  PHE A N   1 
ATOM   1109 C  CA  . PHE A 1 152 ? -3.004  -3.453  6.409   1.00 34.73 ? 152  PHE A CA  1 
ATOM   1110 C  C   . PHE A 1 152 ? -4.011  -4.311  5.669   1.00 34.49 ? 152  PHE A C   1 
ATOM   1111 O  O   . PHE A 1 152 ? -3.641  -5.300  5.052   1.00 34.75 ? 152  PHE A O   1 
ATOM   1112 C  CB  . PHE A 1 152 ? -2.038  -2.807  5.403   1.00 33.89 ? 152  PHE A CB  1 
ATOM   1113 C  CG  . PHE A 1 152 ? -1.271  -1.641  5.964   1.00 34.81 ? 152  PHE A CG  1 
ATOM   1114 C  CD1 . PHE A 1 152 ? -1.638  -0.332  5.644   1.00 32.93 ? 152  PHE A CD1 1 
ATOM   1115 C  CD2 . PHE A 1 152 ? -0.187  -1.845  6.821   1.00 33.89 ? 152  PHE A CD2 1 
ATOM   1116 C  CE1 . PHE A 1 152 ? -0.934  0.751   6.159   1.00 33.90 ? 152  PHE A CE1 1 
ATOM   1117 C  CE2 . PHE A 1 152 ? 0.520   -0.772  7.343   1.00 33.54 ? 152  PHE A CE2 1 
ATOM   1118 C  CZ  . PHE A 1 152 ? 0.143   0.534   7.012   1.00 34.53 ? 152  PHE A CZ  1 
ATOM   1119 N  N   . ALA A 1 153 ? -5.280  -3.925  5.726   1.00 34.64 ? 153  ALA A N   1 
ATOM   1120 C  CA  . ALA A 1 153 ? -6.300  -4.542  4.874   1.00 34.92 ? 153  ALA A CA  1 
ATOM   1121 C  C   . ALA A 1 153 ? -6.161  -4.026  3.437   1.00 35.21 ? 153  ALA A C   1 
ATOM   1122 O  O   . ALA A 1 153 ? -6.040  -2.824  3.214   1.00 35.43 ? 153  ALA A O   1 
ATOM   1123 C  CB  . ALA A 1 153 ? -7.697  -4.248  5.422   1.00 34.57 ? 153  ALA A CB  1 
ATOM   1124 N  N   . VAL A 1 154 ? -6.131  -4.936  2.472   1.00 35.42 ? 154  VAL A N   1 
ATOM   1125 C  CA  . VAL A 1 154 ? -6.133  -4.575  1.047   1.00 35.97 ? 154  VAL A CA  1 
ATOM   1126 C  C   . VAL A 1 154 ? -7.047  -5.553  0.318   1.00 36.67 ? 154  VAL A C   1 
ATOM   1127 O  O   . VAL A 1 154 ? -6.860  -6.770  0.400   1.00 36.69 ? 154  VAL A O   1 
ATOM   1128 C  CB  . VAL A 1 154 ? -4.742  -4.658  0.387   1.00 35.46 ? 154  VAL A CB  1 
ATOM   1129 C  CG1 . VAL A 1 154 ? -4.869  -4.388  -1.126  1.00 36.82 ? 154  VAL A CG1 1 
ATOM   1130 C  CG2 . VAL A 1 154 ? -3.767  -3.680  1.007   1.00 35.54 ? 154  VAL A CG2 1 
ATOM   1131 N  N   . GLY A 1 155 ? -8.053  -5.011  -0.358  1.00 37.25 ? 155  GLY A N   1 
ATOM   1132 C  CA  . GLY A 1 155 ? -8.959  -5.807  -1.177  1.00 37.72 ? 155  GLY A CA  1 
ATOM   1133 C  C   . GLY A 1 155 ? -10.370 -5.602  -0.715  1.00 38.06 ? 155  GLY A C   1 
ATOM   1134 O  O   . GLY A 1 155 ? -10.739 -6.074  0.352   1.00 37.87 ? 155  GLY A O   1 
ATOM   1135 N  N   . GLY A 1 156 ? -11.156 -4.876  -1.511  1.00 38.71 ? 156  GLY A N   1 
ATOM   1136 C  CA  . GLY A 1 156 ? -12.545 -4.555  -1.151  1.00 39.59 ? 156  GLY A CA  1 
ATOM   1137 C  C   . GLY A 1 156 ? -12.739 -3.675  0.089   1.00 40.11 ? 156  GLY A C   1 
ATOM   1138 O  O   . GLY A 1 156 ? -13.748 -3.809  0.802   1.00 40.66 ? 156  GLY A O   1 
ATOM   1139 N  N   . VAL A 1 157 ? -11.778 -2.788  0.350   1.00 40.19 ? 157  VAL A N   1 
ATOM   1140 C  CA  . VAL A 1 157 ? -11.911 -1.755  1.385   1.00 40.06 ? 157  VAL A CA  1 
ATOM   1141 C  C   . VAL A 1 157 ? -12.522 -0.489  0.774   1.00 40.41 ? 157  VAL A C   1 
ATOM   1142 O  O   . VAL A 1 157 ? -12.055 0.004   -0.264  1.00 40.43 ? 157  VAL A O   1 
ATOM   1143 C  CB  . VAL A 1 157 ? -10.553 -1.413  2.055   1.00 40.18 ? 157  VAL A CB  1 
ATOM   1144 C  CG1 . VAL A 1 157 ? -10.749 -0.422  3.218   1.00 40.44 ? 157  VAL A CG1 1 
ATOM   1145 C  CG2 . VAL A 1 157 ? -9.847  -2.685  2.542   1.00 38.48 ? 157  VAL A CG2 1 
ATOM   1146 N  N   . THR A 1 158 ? -13.567 0.022   1.429   1.00 40.43 ? 158  THR A N   1 
ATOM   1147 C  CA  . THR A 1 158 ? -14.310 1.206   0.976   1.00 40.94 ? 158  THR A CA  1 
ATOM   1148 C  C   . THR A 1 158 ? -14.333 2.266   2.072   1.00 40.90 ? 158  THR A C   1 
ATOM   1149 O  O   . THR A 1 158 ? -14.102 1.941   3.248   1.00 40.76 ? 158  THR A O   1 
ATOM   1150 C  CB  . THR A 1 158 ? -15.788 0.869   0.664   1.00 40.52 ? 158  THR A CB  1 
ATOM   1151 O  OG1 . THR A 1 158 ? -16.478 0.571   1.888   1.00 40.88 ? 158  THR A OG1 1 
ATOM   1152 C  CG2 . THR A 1 158 ? -15.898 -0.306  -0.296  1.00 41.13 ? 158  THR A CG2 1 
ATOM   1153 N  N   . PRO A 1 159 ? -14.644 3.534   1.705   1.00 40.96 ? 159  PRO A N   1 
ATOM   1154 C  CA  . PRO A 1 159 ? -14.698 4.568   2.727   1.00 40.70 ? 159  PRO A CA  1 
ATOM   1155 C  C   . PRO A 1 159 ? -15.783 4.252   3.748   1.00 40.72 ? 159  PRO A C   1 
ATOM   1156 O  O   . PRO A 1 159 ? -15.722 4.718   4.881   1.00 40.64 ? 159  PRO A O   1 
ATOM   1157 C  CB  . PRO A 1 159 ? -15.047 5.834   1.927   1.00 40.65 ? 159  PRO A CB  1 
ATOM   1158 C  CG  . PRO A 1 159 ? -14.606 5.533   0.528   1.00 40.24 ? 159  PRO A CG  1 
ATOM   1159 C  CD  . PRO A 1 159 ? -14.961 4.088   0.373   1.00 40.96 ? 159  PRO A CD  1 
ATOM   1160 N  N   . GLU A 1 160 ? -16.756 3.447   3.337   1.00 40.89 ? 160  GLU A N   1 
ATOM   1161 C  CA  . GLU A 1 160 ? -17.869 3.063   4.200   1.00 41.30 ? 160  GLU A CA  1 
ATOM   1162 C  C   . GLU A 1 160 ? -17.476 1.964   5.197   1.00 41.34 ? 160  GLU A C   1 
ATOM   1163 O  O   . GLU A 1 160 ? -17.889 2.009   6.353   1.00 41.06 ? 160  GLU A O   1 
ATOM   1164 C  CB  . GLU A 1 160 ? -19.086 2.640   3.364   1.00 41.39 ? 160  GLU A CB  1 
ATOM   1165 C  CG  . GLU A 1 160 ? -19.772 3.787   2.598   1.00 42.06 ? 160  GLU A CG  1 
ATOM   1166 C  CD  . GLU A 1 160 ? -18.944 4.319   1.435   1.00 42.65 ? 160  GLU A CD  1 
ATOM   1167 O  OE1 . GLU A 1 160 ? -18.410 3.512   0.642   1.00 43.80 ? 160  GLU A OE1 1 
ATOM   1168 O  OE2 . GLU A 1 160 ? -18.817 5.555   1.317   1.00 44.08 ? 160  GLU A OE2 1 
ATOM   1169 N  N   . ASN A 1 161 ? -16.671 0.997   4.757   1.00 41.43 ? 161  ASN A N   1 
ATOM   1170 C  CA  . ASN A 1 161 ? -16.283 -0.125  5.631   1.00 41.88 ? 161  ASN A CA  1 
ATOM   1171 C  C   . ASN A 1 161 ? -14.919 0.033   6.324   1.00 41.66 ? 161  ASN A C   1 
ATOM   1172 O  O   . ASN A 1 161 ? -14.541 -0.795  7.163   1.00 41.40 ? 161  ASN A O   1 
ATOM   1173 C  CB  . ASN A 1 161 ? -16.353 -1.470  4.873   1.00 41.88 ? 161  ASN A CB  1 
ATOM   1174 C  CG  . ASN A 1 161 ? -15.271 -1.617  3.815   1.00 42.93 ? 161  ASN A CG  1 
ATOM   1175 O  OD1 . ASN A 1 161 ? -14.287 -0.876  3.797   1.00 43.03 ? 161  ASN A OD1 1 
ATOM   1176 N  ND2 . ASN A 1 161 ? -15.456 -2.579  2.913   1.00 43.67 ? 161  ASN A ND2 1 
ATOM   1177 N  N   . LEU A 1 162 ? -14.186 1.089   5.966   1.00 41.26 ? 162  LEU A N   1 
ATOM   1178 C  CA  . LEU A 1 162 ? -12.859 1.324   6.529   1.00 40.66 ? 162  LEU A CA  1 
ATOM   1179 C  C   . LEU A 1 162 ? -12.871 1.247   8.055   1.00 40.36 ? 162  LEU A C   1 
ATOM   1180 O  O   . LEU A 1 162 ? -11.985 0.638   8.656   1.00 39.97 ? 162  LEU A O   1 
ATOM   1181 C  CB  . LEU A 1 162 ? -12.305 2.667   6.057   1.00 40.66 ? 162  LEU A CB  1 
ATOM   1182 C  CG  . LEU A 1 162 ? -10.955 3.099   6.630   1.00 40.55 ? 162  LEU A CG  1 
ATOM   1183 C  CD1 . LEU A 1 162 ? -9.858  2.063   6.337   1.00 40.73 ? 162  LEU A CD1 1 
ATOM   1184 C  CD2 . LEU A 1 162 ? -10.585 4.470   6.088   1.00 40.50 ? 162  LEU A CD2 1 
ATOM   1185 N  N   . ALA A 1 163 ? -13.892 1.854   8.662   1.00 40.03 ? 163  ALA A N   1 
ATOM   1186 C  CA  . ALA A 1 163 ? -14.084 1.821   10.110  1.00 40.15 ? 163  ALA A CA  1 
ATOM   1187 C  C   . ALA A 1 163 ? -13.931 0.409   10.676  1.00 40.02 ? 163  ALA A C   1 
ATOM   1188 O  O   . ALA A 1 163 ? -13.211 0.208   11.655  1.00 40.18 ? 163  ALA A O   1 
ATOM   1189 C  CB  . ALA A 1 163 ? -15.446 2.407   10.489  1.00 39.82 ? 163  ALA A CB  1 
ATOM   1190 N  N   . GLN A 1 164 ? -14.570 -0.567  10.035  1.00 39.86 ? 164  GLN A N   1 
ATOM   1191 C  CA  . GLN A 1 164 ? -14.602 -1.924  10.571  1.00 40.04 ? 164  GLN A CA  1 
ATOM   1192 C  C   . GLN A 1 164 ? -13.247 -2.624  10.504  1.00 39.23 ? 164  GLN A C   1 
ATOM   1193 O  O   . GLN A 1 164 ? -12.962 -3.484  11.337  1.00 39.17 ? 164  GLN A O   1 
ATOM   1194 C  CB  . GLN A 1 164 ? -15.718 -2.771  9.931   1.00 40.48 ? 164  GLN A CB  1 
ATOM   1195 C  CG  . GLN A 1 164 ? -15.478 -3.246  8.497   1.00 41.74 ? 164  GLN A CG  1 
ATOM   1196 C  CD  . GLN A 1 164 ? -16.633 -4.099  7.950   1.00 43.89 ? 164  GLN A CD  1 
ATOM   1197 O  OE1 . GLN A 1 164 ? -16.785 -4.256  6.730   1.00 47.08 ? 164  GLN A OE1 1 
ATOM   1198 N  NE2 . GLN A 1 164 ? -17.442 -4.650  8.844   1.00 43.43 ? 164  GLN A NE2 1 
ATOM   1199 N  N   . TRP A 1 165 ? -12.416 -2.239  9.534   1.00 38.08 ? 165  TRP A N   1 
ATOM   1200 C  CA  . TRP A 1 165 ? -11.057 -2.753  9.435   1.00 37.49 ? 165  TRP A CA  1 
ATOM   1201 C  C   . TRP A 1 165 ? -10.184 -2.183  10.557  1.00 37.15 ? 165  TRP A C   1 
ATOM   1202 O  O   . TRP A 1 165 ? -9.429  -2.917  11.207  1.00 36.95 ? 165  TRP A O   1 
ATOM   1203 C  CB  . TRP A 1 165 ? -10.463 -2.460  8.054   1.00 37.21 ? 165  TRP A CB  1 
ATOM   1204 C  CG  . TRP A 1 165 ? -11.297 -3.039  6.940   1.00 37.07 ? 165  TRP A CG  1 
ATOM   1205 C  CD1 . TRP A 1 165 ? -12.227 -2.377  6.180   1.00 36.87 ? 165  TRP A CD1 1 
ATOM   1206 C  CD2 . TRP A 1 165 ? -11.318 -4.402  6.498   1.00 35.17 ? 165  TRP A CD2 1 
ATOM   1207 N  NE1 . TRP A 1 165 ? -12.804 -3.239  5.278   1.00 37.07 ? 165  TRP A NE1 1 
ATOM   1208 C  CE2 . TRP A 1 165 ? -12.268 -4.488  5.454   1.00 35.81 ? 165  TRP A CE2 1 
ATOM   1209 C  CE3 . TRP A 1 165 ? -10.630 -5.559  6.884   1.00 34.68 ? 165  TRP A CE3 1 
ATOM   1210 C  CZ2 . TRP A 1 165 ? -12.540 -5.684  4.786   1.00 36.28 ? 165  TRP A CZ2 1 
ATOM   1211 C  CZ3 . TRP A 1 165 ? -10.894 -6.745  6.215   1.00 35.26 ? 165  TRP A CZ3 1 
ATOM   1212 C  CH2 . TRP A 1 165 ? -11.845 -6.800  5.180   1.00 35.87 ? 165  TRP A CH2 1 
ATOM   1213 N  N   . ILE A 1 166 ? -10.309 -0.880  10.783  1.00 36.52 ? 166  ILE A N   1 
ATOM   1214 C  CA  . ILE A 1 166 ? -9.581  -0.200  11.850  1.00 36.71 ? 166  ILE A CA  1 
ATOM   1215 C  C   . ILE A 1 166 ? -9.980  -0.731  13.235  1.00 36.75 ? 166  ILE A C   1 
ATOM   1216 O  O   . ILE A 1 166 ? -9.116  -0.901  14.097  1.00 36.72 ? 166  ILE A O   1 
ATOM   1217 C  CB  . ILE A 1 166 ? -9.775  1.343   11.785  1.00 36.88 ? 166  ILE A CB  1 
ATOM   1218 C  CG1 . ILE A 1 166 ? -9.350  1.902   10.410  1.00 36.14 ? 166  ILE A CG1 1 
ATOM   1219 C  CG2 . ILE A 1 166 ? -9.037  2.049   12.943  1.00 36.70 ? 166  ILE A CG2 1 
ATOM   1220 C  CD1 . ILE A 1 166 ? -7.871  1.718   10.050  1.00 35.01 ? 166  ILE A CD1 1 
ATOM   1221 N  N   . ASP A 1 167 ? -11.279 -0.999  13.427  1.00 36.90 ? 167  ASP A N   1 
ATOM   1222 C  CA  . ASP A 1 167 ? -11.833 -1.556  14.682  1.00 36.85 ? 167  ASP A CA  1 
ATOM   1223 C  C   . ASP A 1 167 ? -11.267 -2.955  14.949  1.00 36.50 ? 167  ASP A C   1 
ATOM   1224 O  O   . ASP A 1 167 ? -10.919 -3.298  16.087  1.00 36.05 ? 167  ASP A O   1 
ATOM   1225 C  CB  . ASP A 1 167 ? -13.369 -1.623  14.588  1.00 37.42 ? 167  ASP A CB  1 
ATOM   1226 C  CG  . ASP A 1 167 ? -14.053 -1.870  15.941  1.00 39.14 ? 167  ASP A CG  1 
ATOM   1227 O  OD1 . ASP A 1 167 ? -13.544 -2.632  16.799  1.00 40.30 ? 167  ASP A OD1 1 
ATOM   1228 O  OD2 . ASP A 1 167 ? -15.141 -1.301  16.141  1.00 41.16 ? 167  ASP A OD2 1 
ATOM   1229 N  N   . ALA A 1 168 ? -11.169 -3.744  13.879  1.00 35.90 ? 168  ALA A N   1 
ATOM   1230 C  CA  . ALA A 1 168 ? -10.669 -5.113  13.926  1.00 35.94 ? 168  ALA A CA  1 
ATOM   1231 C  C   . ALA A 1 168 ? -9.171  -5.225  14.240  1.00 35.94 ? 168  ALA A C   1 
ATOM   1232 O  O   . ALA A 1 168 ? -8.691  -6.303  14.617  1.00 36.33 ? 168  ALA A O   1 
ATOM   1233 C  CB  . ALA A 1 168 ? -10.968 -5.806  12.622  1.00 35.75 ? 168  ALA A CB  1 
ATOM   1234 N  N   . GLY A 1 169 ? -8.431  -4.130  14.072  1.00 35.66 ? 169  GLY A N   1 
ATOM   1235 C  CA  . GLY A 1 169 ? -7.025  -4.111  14.469  1.00 34.98 ? 169  GLY A CA  1 
ATOM   1236 C  C   . GLY A 1 169 ? -6.057  -3.721  13.379  1.00 34.49 ? 169  GLY A C   1 
ATOM   1237 O  O   . GLY A 1 169 ? -4.845  -3.719  13.597  1.00 34.18 ? 169  GLY A O   1 
ATOM   1238 N  N   . CYS A 1 170 ? -6.583  -3.373  12.206  1.00 34.17 ? 170  CYS A N   1 
ATOM   1239 C  CA  . CYS A 1 170 ? -5.737  -2.911  11.108  1.00 33.79 ? 170  CYS A CA  1 
ATOM   1240 C  C   . CYS A 1 170 ? -5.127  -1.567  11.460  1.00 33.42 ? 170  CYS A C   1 
ATOM   1241 O  O   . CYS A 1 170 ? -5.810  -0.674  11.958  1.00 33.51 ? 170  CYS A O   1 
ATOM   1242 C  CB  . CYS A 1 170 ? -6.528  -2.789  9.811   1.00 33.65 ? 170  CYS A CB  1 
ATOM   1243 S  SG  . CYS A 1 170 ? -6.968  -4.356  9.096   1.00 34.88 ? 170  CYS A SG  1 
ATOM   1244 N  N   . ALA A 1 171 ? -3.832  -1.434  11.210  1.00 33.64 ? 171  ALA A N   1 
ATOM   1245 C  CA  . ALA A 1 171 ? -3.163  -0.151  11.397  1.00 33.51 ? 171  ALA A CA  1 
ATOM   1246 C  C   . ALA A 1 171 ? -3.557  0.791   10.265  1.00 33.43 ? 171  ALA A C   1 
ATOM   1247 O  O   . ALA A 1 171 ? -3.563  2.016   10.448  1.00 33.45 ? 171  ALA A O   1 
ATOM   1248 C  CB  . ALA A 1 171 ? -1.661  -0.333  11.450  1.00 33.58 ? 171  ALA A CB  1 
ATOM   1249 N  N   . GLY A 1 172 ? -3.890  0.213   9.106   1.00 32.74 ? 172  GLY A N   1 
ATOM   1250 C  CA  . GLY A 1 172 ? -4.387  0.984   7.960   1.00 32.44 ? 172  GLY A CA  1 
ATOM   1251 C  C   . GLY A 1 172 ? -4.839  0.130   6.780   1.00 32.15 ? 172  GLY A C   1 
ATOM   1252 O  O   . GLY A 1 172 ? -5.132  -1.061  6.931   1.00 31.95 ? 172  GLY A O   1 
ATOM   1253 N  N   . ALA A 1 173 ? -4.904  0.737   5.597   1.00 31.83 ? 173  ALA A N   1 
ATOM   1254 C  CA  . ALA A 1 173 ? -5.412  0.025   4.421   1.00 31.44 ? 173  ALA A CA  1 
ATOM   1255 C  C   . ALA A 1 173 ? -4.757  0.478   3.128   1.00 31.43 ? 173  ALA A C   1 
ATOM   1256 O  O   . ALA A 1 173 ? -4.359  1.635   2.981   1.00 31.58 ? 173  ALA A O   1 
ATOM   1257 C  CB  . ALA A 1 173 ? -6.926  0.152   4.321   1.00 31.27 ? 173  ALA A CB  1 
ATOM   1258 N  N   . GLY A 1 174 ? -4.646  -0.456  2.198   1.00 31.16 ? 174  GLY A N   1 
ATOM   1259 C  CA  . GLY A 1 174 ? -4.232  -0.166  0.833   1.00 31.73 ? 174  GLY A CA  1 
ATOM   1260 C  C   . GLY A 1 174 ? -5.484  -0.122  -0.016  1.00 32.05 ? 174  GLY A C   1 
ATOM   1261 O  O   . GLY A 1 174 ? -6.293  -1.047  0.009   1.00 31.77 ? 174  GLY A O   1 
ATOM   1262 N  N   . LEU A 1 175 ? -5.644  0.962   -0.763  1.00 32.64 ? 175  LEU A N   1 
ATOM   1263 C  CA  . LEU A 1 175 ? -6.851  1.189   -1.556  1.00 32.97 ? 175  LEU A CA  1 
ATOM   1264 C  C   . LEU A 1 175 ? -6.581  1.198   -3.057  1.00 33.55 ? 175  LEU A C   1 
ATOM   1265 O  O   . LEU A 1 175 ? -5.805  2.009   -3.567  1.00 33.58 ? 175  LEU A O   1 
ATOM   1266 C  CB  . LEU A 1 175 ? -7.522  2.482   -1.107  1.00 33.30 ? 175  LEU A CB  1 
ATOM   1267 C  CG  . LEU A 1 175 ? -7.474  2.603   0.416   1.00 32.26 ? 175  LEU A CG  1 
ATOM   1268 C  CD1 . LEU A 1 175 ? -7.560  4.034   0.837   1.00 34.02 ? 175  LEU A CD1 1 
ATOM   1269 C  CD2 . LEU A 1 175 ? -8.549  1.716   1.062   1.00 32.12 ? 175  LEU A CD2 1 
ATOM   1270 N  N   . GLY A 1 176 ? -7.233  0.279   -3.755  1.00 33.89 ? 176  GLY A N   1 
ATOM   1271 C  CA  . GLY A 1 176 ? -6.965  0.064   -5.173  1.00 34.91 ? 176  GLY A CA  1 
ATOM   1272 C  C   . GLY A 1 176 ? -8.101  0.578   -6.032  1.00 35.18 ? 176  GLY A C   1 
ATOM   1273 O  O   . GLY A 1 176 ? -8.307  1.789   -6.134  1.00 34.56 ? 176  GLY A O   1 
ATOM   1274 N  N   . SER A 1 177 ? -8.842  -0.356  -6.624  1.00 36.03 ? 177  SER A N   1 
ATOM   1275 C  CA  . SER A 1 177 ? -9.932  -0.055  -7.557  1.00 37.83 ? 177  SER A CA  1 
ATOM   1276 C  C   . SER A 1 177 ? -10.988 0.913   -7.007  1.00 37.97 ? 177  SER A C   1 
ATOM   1277 O  O   . SER A 1 177 ? -11.614 1.631   -7.771  1.00 38.64 ? 177  SER A O   1 
ATOM   1278 C  CB  . SER A 1 177 ? -10.621 -1.347  -7.996  1.00 38.07 ? 177  SER A CB  1 
ATOM   1279 O  OG  . SER A 1 177 ? -10.871 -2.176  -6.868  1.00 40.08 ? 177  SER A OG  1 
ATOM   1280 N  N   . ASP A 1 178 ? -11.172 0.942   -5.685  1.00 38.39 ? 178  ASP A N   1 
ATOM   1281 C  CA  . ASP A 1 178 ? -12.203 1.786   -5.060  1.00 37.90 ? 178  ASP A CA  1 
ATOM   1282 C  C   . ASP A 1 178 ? -11.711 3.221   -4.952  1.00 36.95 ? 178  ASP A C   1 
ATOM   1283 O  O   . ASP A 1 178 ? -12.490 4.156   -4.726  1.00 36.89 ? 178  ASP A O   1 
ATOM   1284 C  CB  . ASP A 1 178 ? -12.575 1.251   -3.676  1.00 38.59 ? 178  ASP A CB  1 
ATOM   1285 C  CG  . ASP A 1 178 ? -13.725 0.240   -3.714  1.00 41.76 ? 178  ASP A CG  1 
ATOM   1286 O  OD1 . ASP A 1 178 ? -14.851 0.643   -4.109  1.00 43.55 ? 178  ASP A OD1 1 
ATOM   1287 O  OD2 . ASP A 1 178 ? -13.507 -0.943  -3.326  1.00 43.57 ? 178  ASP A OD2 1 
ATOM   1288 N  N   . LEU A 1 179 ? -10.406 3.384   -5.109  1.00 35.36 ? 179  LEU A N   1 
ATOM   1289 C  CA  . LEU A 1 179 ? -9.794  4.702   -5.149  1.00 34.38 ? 179  LEU A CA  1 
ATOM   1290 C  C   . LEU A 1 179 ? -9.448  5.140   -6.586  1.00 33.60 ? 179  LEU A C   1 
ATOM   1291 O  O   . LEU A 1 179 ? -9.733  6.271   -6.993  1.00 33.00 ? 179  LEU A O   1 
ATOM   1292 C  CB  . LEU A 1 179 ? -8.536  4.706   -4.287  1.00 33.89 ? 179  LEU A CB  1 
ATOM   1293 C  CG  . LEU A 1 179 ? -7.613  5.927   -4.399  1.00 33.75 ? 179  LEU A CG  1 
ATOM   1294 C  CD1 . LEU A 1 179 ? -8.256  7.180   -3.818  1.00 32.94 ? 179  LEU A CD1 1 
ATOM   1295 C  CD2 . LEU A 1 179 ? -6.288  5.639   -3.722  1.00 33.30 ? 179  LEU A CD2 1 
ATOM   1296 N  N   . TYR A 1 180 ? -8.787  4.244   -7.321  1.00 32.80 ? 180  TYR A N   1 
ATOM   1297 C  CA  . TYR A 1 180 ? -8.357  4.509   -8.692  1.00 31.99 ? 180  TYR A CA  1 
ATOM   1298 C  C   . TYR A 1 180 ? -8.580  3.275   -9.557  1.00 31.95 ? 180  TYR A C   1 
ATOM   1299 O  O   . TYR A 1 180 ? -8.119  2.186   -9.234  1.00 31.66 ? 180  TYR A O   1 
ATOM   1300 C  CB  . TYR A 1 180 ? -6.883  4.937   -8.750  1.00 31.97 ? 180  TYR A CB  1 
ATOM   1301 C  CG  . TYR A 1 180 ? -6.383  5.140   -10.180 1.00 31.95 ? 180  TYR A CG  1 
ATOM   1302 C  CD1 . TYR A 1 180 ? -6.524  6.369   -10.820 1.00 32.14 ? 180  TYR A CD1 1 
ATOM   1303 C  CD2 . TYR A 1 180 ? -5.816  4.088   -10.900 1.00 32.36 ? 180  TYR A CD2 1 
ATOM   1304 C  CE1 . TYR A 1 180 ? -6.089  6.553   -12.135 1.00 31.47 ? 180  TYR A CE1 1 
ATOM   1305 C  CE2 . TYR A 1 180 ? -5.391  4.255   -12.228 1.00 32.10 ? 180  TYR A CE2 1 
ATOM   1306 C  CZ  . TYR A 1 180 ? -5.525  5.487   -12.830 1.00 31.06 ? 180  TYR A CZ  1 
ATOM   1307 O  OH  . TYR A 1 180 ? -5.115  5.659   -14.133 1.00 29.30 ? 180  TYR A OH  1 
ATOM   1308 N  N   . ARG A 1 181 ? -9.326  3.464   -10.642 1.00 31.69 ? 181  ARG A N   1 
ATOM   1309 C  CA  . ARG A 1 181 ? -9.386  2.514   -11.734 1.00 31.19 ? 181  ARG A CA  1 
ATOM   1310 C  C   . ARG A 1 181 ? -8.803  3.168   -12.993 1.00 31.54 ? 181  ARG A C   1 
ATOM   1311 O  O   . ARG A 1 181 ? -9.054  4.368   -13.250 1.00 31.37 ? 181  ARG A O   1 
ATOM   1312 C  CB  . ARG A 1 181 ? -10.833 2.051   -11.961 1.00 31.58 ? 181  ARG A CB  1 
ATOM   1313 C  CG  . ARG A 1 181 ? -11.785 3.096   -12.507 1.00 31.78 ? 181  ARG A CG  1 
ATOM   1314 C  CD  . ARG A 1 181 ? -11.764 3.052   -14.042 1.00 34.59 ? 181  ARG A CD  1 
ATOM   1315 N  NE  . ARG A 1 181 ? -12.847 3.824   -14.650 1.00 33.17 ? 181  ARG A NE  1 
ATOM   1316 C  CZ  . ARG A 1 181 ? -12.884 4.191   -15.928 1.00 32.98 ? 181  ARG A CZ  1 
ATOM   1317 N  NH1 . ARG A 1 181 ? -11.881 3.874   -16.750 1.00 31.27 ? 181  ARG A NH1 1 
ATOM   1318 N  NH2 . ARG A 1 181 ? -13.919 4.889   -16.380 1.00 30.61 ? 181  ARG A NH2 1 
ATOM   1319 N  N   . ALA A 1 182 ? -8.046  2.390   -13.779 1.00 30.62 ? 182  ALA A N   1 
ATOM   1320 C  CA  . ALA A 1 182 ? -7.351  2.914   -14.956 1.00 31.22 ? 182  ALA A CA  1 
ATOM   1321 C  C   . ALA A 1 182 ? -8.308  3.645   -15.885 1.00 31.51 ? 182  ALA A C   1 
ATOM   1322 O  O   . ALA A 1 182 ? -9.271  3.047   -16.390 1.00 31.92 ? 182  ALA A O   1 
ATOM   1323 C  CB  . ALA A 1 182 ? -6.648  1.796   -15.704 1.00 31.22 ? 182  ALA A CB  1 
ATOM   1324 N  N   . GLY A 1 183 ? -8.047  4.937   -16.097 1.00 30.92 ? 183  GLY A N   1 
ATOM   1325 C  CA  . GLY A 1 183 ? -8.843  5.731   -17.014 1.00 30.68 ? 183  GLY A CA  1 
ATOM   1326 C  C   . GLY A 1 183 ? -9.904  6.626   -16.404 1.00 30.56 ? 183  GLY A C   1 
ATOM   1327 O  O   . GLY A 1 183 ? -10.625 7.295   -17.139 1.00 30.77 ? 183  GLY A O   1 
ATOM   1328 N  N   . GLN A 1 184 ? -10.020 6.640   -15.072 1.00 30.06 ? 184  GLN A N   1 
ATOM   1329 C  CA  . GLN A 1 184 ? -10.899 7.594   -14.398 1.00 30.09 ? 184  GLN A CA  1 
ATOM   1330 C  C   . GLN A 1 184 ? -10.250 8.996   -14.366 1.00 30.35 ? 184  GLN A C   1 
ATOM   1331 O  O   . GLN A 1 184 ? -9.035  9.133   -14.513 1.00 30.61 ? 184  GLN A O   1 
ATOM   1332 C  CB  . GLN A 1 184 ? -11.200 7.130   -12.966 1.00 29.91 ? 184  GLN A CB  1 
ATOM   1333 C  CG  . GLN A 1 184 ? -10.100 7.499   -11.973 1.00 27.84 ? 184  GLN A CG  1 
ATOM   1334 C  CD  . GLN A 1 184 ? -10.356 6.922   -10.606 1.00 27.26 ? 184  GLN A CD  1 
ATOM   1335 O  OE1 . GLN A 1 184 ? -10.989 5.880   -10.479 1.00 26.48 ? 184  GLN A OE1 1 
ATOM   1336 N  NE2 . GLN A 1 184 ? -9.858  7.582   -9.584  1.00 23.26 ? 184  GLN A NE2 1 
ATOM   1337 N  N   . SER A 1 185 ? -11.061 10.025  -14.145 1.00 30.90 ? 185  SER A N   1 
ATOM   1338 C  CA  . SER A 1 185 ? -10.581 11.416  -14.144 1.00 30.78 ? 185  SER A CA  1 
ATOM   1339 C  C   . SER A 1 185 ? -9.792  11.738  -12.889 1.00 31.12 ? 185  SER A C   1 
ATOM   1340 O  O   . SER A 1 185 ? -9.990  11.086  -11.854 1.00 31.14 ? 185  SER A O   1 
ATOM   1341 C  CB  . SER A 1 185 ? -11.772 12.394  -14.251 1.00 31.39 ? 185  SER A CB  1 
ATOM   1342 O  OG  . SER A 1 185 ? -12.476 12.533  -13.017 1.00 29.08 ? 185  SER A OG  1 
ATOM   1343 N  N   . VAL A 1 186 ? -8.911  12.745  -12.987 1.00 31.13 ? 186  VAL A N   1 
ATOM   1344 C  CA  . VAL A 1 186 ? -8.196  13.304  -11.830 1.00 31.17 ? 186  VAL A CA  1 
ATOM   1345 C  C   . VAL A 1 186 ? -9.176  13.766  -10.772 1.00 31.17 ? 186  VAL A C   1 
ATOM   1346 O  O   . VAL A 1 186 ? -8.931  13.619  -9.572  1.00 31.34 ? 186  VAL A O   1 
ATOM   1347 C  CB  . VAL A 1 186 ? -7.275  14.507  -12.214 1.00 31.57 ? 186  VAL A CB  1 
ATOM   1348 C  CG1 . VAL A 1 186 ? -6.501  15.003  -10.996 1.00 31.26 ? 186  VAL A CG1 1 
ATOM   1349 C  CG2 . VAL A 1 186 ? -6.292  14.113  -13.314 1.00 31.72 ? 186  VAL A CG2 1 
ATOM   1350 N  N   . GLU A 1 187 ? -10.304 14.313  -11.214 1.00 31.35 ? 187  GLU A N   1 
ATOM   1351 C  CA  . GLU A 1 187 ? -11.334 14.757  -10.283 1.00 31.57 ? 187  GLU A CA  1 
ATOM   1352 C  C   . GLU A 1 187 ? -11.921 13.587  -9.478  1.00 31.53 ? 187  GLU A C   1 
ATOM   1353 O  O   . GLU A 1 187 ? -12.184 13.728  -8.287  1.00 31.48 ? 187  GLU A O   1 
ATOM   1354 C  CB  . GLU A 1 187 ? -12.412 15.589  -10.995 1.00 31.50 ? 187  GLU A CB  1 
ATOM   1355 C  CG  . GLU A 1 187 ? -11.944 17.024  -11.420 1.00 32.48 ? 187  GLU A CG  1 
ATOM   1356 C  CD  . GLU A 1 187 ? -10.991 17.033  -12.643 1.00 35.74 ? 187  GLU A CD  1 
ATOM   1357 O  OE1 . GLU A 1 187 ? -10.825 15.974  -13.299 1.00 36.09 ? 187  GLU A OE1 1 
ATOM   1358 O  OE2 . GLU A 1 187 ? -10.414 18.101  -12.961 1.00 35.58 ? 187  GLU A OE2 1 
ATOM   1359 N  N   . ARG A 1 188 ? -12.100 12.432  -10.118 1.00 31.34 ? 188  ARG A N   1 
ATOM   1360 C  CA  . ARG A 1 188 ? -12.565 11.232  -9.408  1.00 31.62 ? 188  ARG A CA  1 
ATOM   1361 C  C   . ARG A 1 188 ? -11.554 10.735  -8.362  1.00 31.15 ? 188  ARG A C   1 
ATOM   1362 O  O   . ARG A 1 188 ? -11.934 10.282  -7.291  1.00 31.64 ? 188  ARG A O   1 
ATOM   1363 C  CB  . ARG A 1 188 ? -12.931 10.099  -10.376 1.00 31.25 ? 188  ARG A CB  1 
ATOM   1364 C  CG  . ARG A 1 188 ? -13.352 8.773   -9.690  1.00 32.81 ? 188  ARG A CG  1 
ATOM   1365 C  CD  . ARG A 1 188 ? -14.620 8.898   -8.837  1.00 34.96 ? 188  ARG A CD  1 
ATOM   1366 N  NE  . ARG A 1 188 ? -15.019 7.612   -8.252  1.00 38.26 ? 188  ARG A NE  1 
ATOM   1367 C  CZ  . ARG A 1 188 ? -16.116 7.425   -7.514  1.00 40.18 ? 188  ARG A CZ  1 
ATOM   1368 N  NH1 . ARG A 1 188 ? -16.929 8.436   -7.248  1.00 40.95 ? 188  ARG A NH1 1 
ATOM   1369 N  NH2 . ARG A 1 188 ? -16.407 6.223   -7.032  1.00 41.40 ? 188  ARG A NH2 1 
ATOM   1370 N  N   . THR A 1 189 ? -10.276 10.827  -8.690  1.00 31.65 ? 189  THR A N   1 
ATOM   1371 C  CA  . THR A 1 189 ? -9.195  10.473  -7.770  1.00 31.57 ? 189  THR A CA  1 
ATOM   1372 C  C   . THR A 1 189 ? -9.194  11.379  -6.539  1.00 31.29 ? 189  THR A C   1 
ATOM   1373 O  O   . THR A 1 189 ? -9.047  10.902  -5.422  1.00 31.00 ? 189  THR A O   1 
ATOM   1374 C  CB  . THR A 1 189 ? -7.829  10.534  -8.486  1.00 31.65 ? 189  THR A CB  1 
ATOM   1375 O  OG1 . THR A 1 189 ? -7.836  9.618   -9.593  1.00 31.93 ? 189  THR A OG1 1 
ATOM   1376 C  CG2 . THR A 1 189 ? -6.694  10.166  -7.544  1.00 31.77 ? 189  THR A CG2 1 
ATOM   1377 N  N   . ALA A 1 190 ? -9.352  12.682  -6.758  1.00 31.59 ? 190  ALA A N   1 
ATOM   1378 C  CA  . ALA A 1 190 ? -9.437  13.648  -5.660  1.00 32.35 ? 190  ALA A CA  1 
ATOM   1379 C  C   . ALA A 1 190 ? -10.684 13.407  -4.794  1.00 32.34 ? 190  ALA A C   1 
ATOM   1380 O  O   . ALA A 1 190 ? -10.615 13.556  -3.565  1.00 32.88 ? 190  ALA A O   1 
ATOM   1381 C  CB  . ALA A 1 190 ? -9.390  15.100  -6.186  1.00 31.50 ? 190  ALA A CB  1 
ATOM   1382 N  N   . GLN A 1 191 ? -11.801 13.031  -5.433  1.00 32.28 ? 191  GLN A N   1 
ATOM   1383 C  CA  . GLN A 1 191 ? -13.066 12.709  -4.730  1.00 33.10 ? 191  GLN A CA  1 
ATOM   1384 C  C   . GLN A 1 191 ? -12.921 11.459  -3.853  1.00 32.56 ? 191  GLN A C   1 
ATOM   1385 O  O   . GLN A 1 191 ? -13.250 11.480  -2.662  1.00 32.48 ? 191  GLN A O   1 
ATOM   1386 C  CB  . GLN A 1 191 ? -14.214 12.487  -5.722  1.00 32.61 ? 191  GLN A CB  1 
ATOM   1387 C  CG  . GLN A 1 191 ? -15.615 12.506  -5.093  1.00 35.91 ? 191  GLN A CG  1 
ATOM   1388 C  CD  . GLN A 1 191 ? -16.719 11.868  -5.972  1.00 37.38 ? 191  GLN A CD  1 
ATOM   1389 O  OE1 . GLN A 1 191 ? -16.436 11.229  -7.002  1.00 39.89 ? 191  GLN A OE1 1 
ATOM   1390 N  NE2 . GLN A 1 191 ? -17.975 12.030  -5.550  1.00 36.77 ? 191  GLN A NE2 1 
ATOM   1391 N  N   . GLN A 1 192 ? -12.444 10.366  -4.440  1.00 32.23 ? 192  GLN A N   1 
ATOM   1392 C  CA  . GLN A 1 192 ? -12.297 9.133   -3.662  1.00 32.74 ? 192  GLN A CA  1 
ATOM   1393 C  C   . GLN A 1 192 ? -11.269 9.262   -2.543  1.00 31.98 ? 192  GLN A C   1 
ATOM   1394 O  O   . GLN A 1 192 ? -11.490 8.742   -1.457  1.00 32.39 ? 192  GLN A O   1 
ATOM   1395 C  CB  . GLN A 1 192 ? -11.985 7.923   -4.549  1.00 32.76 ? 192  GLN A CB  1 
ATOM   1396 C  CG  . GLN A 1 192 ? -13.178 7.415   -5.362  1.00 35.12 ? 192  GLN A CG  1 
ATOM   1397 C  CD  . GLN A 1 192 ? -14.417 7.092   -4.520  1.00 36.74 ? 192  GLN A CD  1 
ATOM   1398 O  OE1 . GLN A 1 192 ? -15.242 7.963   -4.247  1.00 38.62 ? 192  GLN A OE1 1 
ATOM   1399 N  NE2 . GLN A 1 192 ? -14.562 5.832   -4.134  1.00 36.97 ? 192  GLN A NE2 1 
ATOM   1400 N  N   . ALA A 1 193 ? -10.168 9.974   -2.805  1.00 31.41 ? 193  ALA A N   1 
ATOM   1401 C  CA  . ALA A 1 193 ? -9.097  10.162  -1.817  1.00 31.13 ? 193  ALA A CA  1 
ATOM   1402 C  C   . ALA A 1 193 ? -9.569  11.014  -0.651  1.00 30.75 ? 193  ALA A C   1 
ATOM   1403 O  O   . ALA A 1 193 ? -9.221  10.740  0.494   1.00 31.15 ? 193  ALA A O   1 
ATOM   1404 C  CB  . ALA A 1 193 ? -7.844  10.783  -2.472  1.00 31.12 ? 193  ALA A CB  1 
ATOM   1405 N  N   . ALA A 1 194 ? -10.368 12.042  -0.955  1.00 30.44 ? 194  ALA A N   1 
ATOM   1406 C  CA  . ALA A 1 194 ? -11.037 12.858  0.067   1.00 30.03 ? 194  ALA A CA  1 
ATOM   1407 C  C   . ALA A 1 194 ? -11.947 11.992  0.924   1.00 29.71 ? 194  ALA A C   1 
ATOM   1408 O  O   . ALA A 1 194 ? -11.927 12.100  2.151   1.00 30.12 ? 194  ALA A O   1 
ATOM   1409 C  CB  . ALA A 1 194 ? -11.848 13.988  -0.569  1.00 29.86 ? 194  ALA A CB  1 
ATOM   1410 N  N   . ALA A 1 195 ? -12.729 11.126  0.280   1.00 29.11 ? 195  ALA A N   1 
ATOM   1411 C  CA  . ALA A 1 195 ? -13.643 10.230  1.005   1.00 28.76 ? 195  ALA A CA  1 
ATOM   1412 C  C   . ALA A 1 195 ? -12.910 9.301   1.967   1.00 28.22 ? 195  ALA A C   1 
ATOM   1413 O  O   . ALA A 1 195 ? -13.334 9.130   3.104   1.00 28.57 ? 195  ALA A O   1 
ATOM   1414 C  CB  . ALA A 1 195 ? -14.500 9.425   0.022   1.00 28.63 ? 195  ALA A CB  1 
ATOM   1415 N  N   . PHE A 1 196 ? -11.816 8.692   1.509   1.00 28.47 ? 196  PHE A N   1 
ATOM   1416 C  CA  . PHE A 1 196 ? -11.042 7.778   2.354   1.00 28.58 ? 196  PHE A CA  1 
ATOM   1417 C  C   . PHE A 1 196 ? -10.372 8.475   3.525   1.00 28.85 ? 196  PHE A C   1 
ATOM   1418 O  O   . PHE A 1 196 ? -10.369 7.941   4.631   1.00 29.44 ? 196  PHE A O   1 
ATOM   1419 C  CB  . PHE A 1 196 ? -9.995  7.002   1.557   1.00 28.43 ? 196  PHE A CB  1 
ATOM   1420 C  CG  . PHE A 1 196 ? -10.550 5.829   0.802   1.00 28.56 ? 196  PHE A CG  1 
ATOM   1421 C  CD1 . PHE A 1 196 ? -11.050 4.723   1.478   1.00 28.61 ? 196  PHE A CD1 1 
ATOM   1422 C  CD2 . PHE A 1 196 ? -10.556 5.821   -0.591  1.00 28.23 ? 196  PHE A CD2 1 
ATOM   1423 C  CE1 . PHE A 1 196 ? -11.560 3.626   0.779   1.00 29.76 ? 196  PHE A CE1 1 
ATOM   1424 C  CE2 . PHE A 1 196 ? -11.066 4.732   -1.308  1.00 28.99 ? 196  PHE A CE2 1 
ATOM   1425 C  CZ  . PHE A 1 196 ? -11.570 3.629   -0.627  1.00 29.90 ? 196  PHE A CZ  1 
ATOM   1426 N  N   . VAL A 1 197 ? -9.787  9.646   3.283   1.00 29.08 ? 197  VAL A N   1 
ATOM   1427 C  CA  . VAL A 1 197 ? -9.147  10.419  4.351   1.00 29.52 ? 197  VAL A CA  1 
ATOM   1428 C  C   . VAL A 1 197 ? -10.180 10.808  5.413   1.00 29.46 ? 197  VAL A C   1 
ATOM   1429 O  O   . VAL A 1 197 ? -9.920  10.688  6.605   1.00 29.22 ? 197  VAL A O   1 
ATOM   1430 C  CB  . VAL A 1 197 ? -8.419  11.689  3.810   1.00 29.32 ? 197  VAL A CB  1 
ATOM   1431 C  CG1 . VAL A 1 197 ? -8.139  12.685  4.937   1.00 29.50 ? 197  VAL A CG1 1 
ATOM   1432 C  CG2 . VAL A 1 197 ? -7.128  11.318  3.088   1.00 28.90 ? 197  VAL A CG2 1 
ATOM   1433 N  N   . LYS A 1 198 ? -11.342 11.277  4.952   1.00 29.98 ? 198  LYS A N   1 
ATOM   1434 C  CA  . LYS A 1 198 ? -12.482 11.616  5.810   1.00 30.87 ? 198  LYS A CA  1 
ATOM   1435 C  C   . LYS A 1 198 ? -12.929 10.409  6.626   1.00 31.23 ? 198  LYS A C   1 
ATOM   1436 O  O   . LYS A 1 198 ? -13.044 10.499  7.847   1.00 31.68 ? 198  LYS A O   1 
ATOM   1437 C  CB  . LYS A 1 198 ? -13.629 12.153  4.945   1.00 31.26 ? 198  LYS A CB  1 
ATOM   1438 C  CG  . LYS A 1 198 ? -14.926 12.526  5.661   1.00 31.57 ? 198  LYS A CG  1 
ATOM   1439 C  CD  . LYS A 1 198 ? -15.737 13.455  4.759   1.00 32.23 ? 198  LYS A CD  1 
ATOM   1440 C  CE  . LYS A 1 198 ? -17.181 12.976  4.565   1.00 34.48 ? 198  LYS A CE  1 
ATOM   1441 N  NZ  . LYS A 1 198 ? -18.138 13.432  5.627   1.00 33.89 ? 198  LYS A NZ  1 
ATOM   1442 N  N   . ALA A 1 199 ? -13.155 9.287   5.945   1.00 31.51 ? 199  ALA A N   1 
ATOM   1443 C  CA  . ALA A 1 199 ? -13.542 8.025   6.595   1.00 31.74 ? 199  ALA A CA  1 
ATOM   1444 C  C   . ALA A 1 199 ? -12.528 7.556   7.633   1.00 32.08 ? 199  ALA A C   1 
ATOM   1445 O  O   . ALA A 1 199 ? -12.925 7.101   8.709   1.00 31.61 ? 199  ALA A O   1 
ATOM   1446 C  CB  . ALA A 1 199 ? -13.784 6.921   5.557   1.00 31.55 ? 199  ALA A CB  1 
ATOM   1447 N  N   . TYR A 1 200 ? -11.234 7.662   7.310   1.00 32.35 ? 200  TYR A N   1 
ATOM   1448 C  CA  . TYR A 1 200 ? -10.185 7.307   8.269   1.00 32.53 ? 200  TYR A CA  1 
ATOM   1449 C  C   . TYR A 1 200 ? -10.222 8.187   9.523   1.00 33.11 ? 200  TYR A C   1 
ATOM   1450 O  O   . TYR A 1 200 ? -10.169 7.676   10.642  1.00 33.08 ? 200  TYR A O   1 
ATOM   1451 C  CB  . TYR A 1 200 ? -8.780  7.380   7.666   1.00 31.86 ? 200  TYR A CB  1 
ATOM   1452 C  CG  . TYR A 1 200 ? -7.743  7.040   8.713   1.00 31.43 ? 200  TYR A CG  1 
ATOM   1453 C  CD1 . TYR A 1 200 ? -7.450  5.715   9.017   1.00 31.97 ? 200  TYR A CD1 1 
ATOM   1454 C  CD2 . TYR A 1 200 ? -7.100  8.043   9.445   1.00 30.49 ? 200  TYR A CD2 1 
ATOM   1455 C  CE1 . TYR A 1 200 ? -6.533  5.394   10.021  1.00 30.80 ? 200  TYR A CE1 1 
ATOM   1456 C  CE2 . TYR A 1 200 ? -6.187  7.734   10.437  1.00 30.65 ? 200  TYR A CE2 1 
ATOM   1457 C  CZ  . TYR A 1 200 ? -5.909  6.412   10.717  1.00 30.82 ? 200  TYR A CZ  1 
ATOM   1458 O  OH  . TYR A 1 200 ? -5.000  6.098   11.703  1.00 32.39 ? 200  TYR A OH  1 
ATOM   1459 N  N   . ARG A 1 201 ? -10.258 9.504   9.318   1.00 34.08 ? 201  ARG A N   1 
ATOM   1460 C  CA  . ARG A 1 201 ? -10.257 10.471  10.429  1.00 35.21 ? 201  ARG A CA  1 
ATOM   1461 C  C   . ARG A 1 201 ? -11.463 10.271  11.336  1.00 35.82 ? 201  ARG A C   1 
ATOM   1462 O  O   . ARG A 1 201 ? -11.341 10.330  12.568  1.00 36.37 ? 201  ARG A O   1 
ATOM   1463 C  CB  . ARG A 1 201 ? -10.209 11.911  9.907   1.00 35.28 ? 201  ARG A CB  1 
ATOM   1464 C  CG  . ARG A 1 201 ? -8.851  12.318  9.371   1.00 35.97 ? 201  ARG A CG  1 
ATOM   1465 C  CD  . ARG A 1 201 ? -8.888  13.704  8.770   1.00 37.89 ? 201  ARG A CD  1 
ATOM   1466 N  NE  . ARG A 1 201 ? -7.573  14.104  8.273   1.00 39.90 ? 201  ARG A NE  1 
ATOM   1467 C  CZ  . ARG A 1 201 ? -7.369  15.056  7.363   1.00 40.33 ? 201  ARG A CZ  1 
ATOM   1468 N  NH1 . ARG A 1 201 ? -8.402  15.705  6.830   1.00 40.34 ? 201  ARG A NH1 1 
ATOM   1469 N  NH2 . ARG A 1 201 ? -6.132  15.338  6.965   1.00 40.13 ? 201  ARG A NH2 1 
ATOM   1470 N  N   . GLU A 1 202 ? -12.622 10.016  10.731  1.00 36.51 ? 202  GLU A N   1 
ATOM   1471 C  CA  . GLU A 1 202 ? -13.838 9.748   11.504  1.00 37.29 ? 202  GLU A CA  1 
ATOM   1472 C  C   . GLU A 1 202 ? -13.740 8.416   12.244  1.00 37.47 ? 202  GLU A C   1 
ATOM   1473 O  O   . GLU A 1 202 ? -14.280 8.277   13.344  1.00 37.26 ? 202  GLU A O   1 
ATOM   1474 C  CB  . GLU A 1 202 ? -15.084 9.787   10.618  1.00 37.27 ? 202  GLU A CB  1 
ATOM   1475 C  CG  . GLU A 1 202 ? -15.452 11.186  10.124  1.00 38.33 ? 202  GLU A CG  1 
ATOM   1476 C  CD  . GLU A 1 202 ? -16.508 11.176  9.030   1.00 38.90 ? 202  GLU A CD  1 
ATOM   1477 O  OE1 . GLU A 1 202 ? -16.754 10.098  8.443   1.00 41.06 ? 202  GLU A OE1 1 
ATOM   1478 O  OE2 . GLU A 1 202 ? -17.077 12.253  8.744   1.00 39.10 ? 202  GLU A OE2 1 
ATOM   1479 N  N   . ALA A 1 203 ? -13.039 7.453   11.642  1.00 37.68 ? 203  ALA A N   1 
ATOM   1480 C  CA  . ALA A 1 203 ? -12.857 6.129   12.245  1.00 38.34 ? 203  ALA A CA  1 
ATOM   1481 C  C   . ALA A 1 203 ? -12.037 6.174   13.537  1.00 38.76 ? 203  ALA A C   1 
ATOM   1482 O  O   . ALA A 1 203 ? -12.388 5.509   14.518  1.00 38.65 ? 203  ALA A O   1 
ATOM   1483 C  CB  . ALA A 1 203 ? -12.243 5.150   11.249  1.00 38.38 ? 203  ALA A CB  1 
ATOM   1484 N  N   . VAL A 1 204 ? -10.956 6.958   13.527  1.00 39.32 ? 204  VAL A N   1 
ATOM   1485 C  CA  . VAL A 1 204 ? -10.120 7.159   14.713  1.00 39.95 ? 204  VAL A CA  1 
ATOM   1486 C  C   . VAL A 1 204 ? -10.933 7.867   15.790  1.00 40.44 ? 204  VAL A C   1 
ATOM   1487 O  O   . VAL A 1 204 ? -10.975 7.427   16.936  1.00 40.49 ? 204  VAL A O   1 
ATOM   1488 C  CB  . VAL A 1 204 ? -8.857  7.999   14.406  1.00 39.92 ? 204  VAL A CB  1 
ATOM   1489 C  CG1 . VAL A 1 204 ? -8.003  8.156   15.663  1.00 40.00 ? 204  VAL A CG1 1 
ATOM   1490 C  CG2 . VAL A 1 204 ? -8.048  7.365   13.303  1.00 39.96 ? 204  VAL A CG2 1 
ATOM   1491 N  N   . GLN A 1 205 ? -11.574 8.965   15.401  1.00 41.30 ? 205  GLN A N   1 
ATOM   1492 C  CA  . GLN A 1 205 ? -12.485 9.705   16.263  1.00 42.03 ? 205  GLN A CA  1 
ATOM   1493 C  C   . GLN A 1 205 ? -13.480 8.743   16.921  1.00 42.49 ? 205  GLN A C   1 
ATOM   1494 O  O   . GLN A 1 205 ? -13.546 8.673   18.147  1.00 42.32 ? 205  GLN A O   1 
ATOM   1495 C  CB  . GLN A 1 205 ? -13.197 10.802  15.458  1.00 42.01 ? 205  GLN A CB  1 
ATOM   1496 C  CG  . GLN A 1 205 ? -13.861 11.893  16.294  1.00 43.07 ? 205  GLN A CG  1 
ATOM   1497 C  CD  . GLN A 1 205 ? -12.871 12.721  17.108  1.00 44.13 ? 205  GLN A CD  1 
ATOM   1498 O  OE1 . GLN A 1 205 ? -11.664 12.723  16.835  1.00 44.46 ? 205  GLN A OE1 1 
ATOM   1499 N  NE2 . GLN A 1 205 ? -13.383 13.433  18.111  1.00 43.28 ? 205  GLN A NE2 1 
ATOM   1500 N  N   . LEU A 1 206 ? -14.208 7.977   16.107  1.00 43.22 ? 206  LEU A N   1 
ATOM   1501 C  CA  . LEU A 1 206 ? -15.132 6.954   16.613  1.00 43.95 ? 206  LEU A CA  1 
ATOM   1502 C  C   . LEU A 1 206 ? -14.375 5.783   17.252  1.00 44.06 ? 206  LEU A C   1 
ATOM   1503 O  O   . LEU A 1 206 ? -13.940 5.867   18.401  1.00 44.39 ? 206  LEU A O   1 
ATOM   1504 C  CB  . LEU A 1 206 ? -16.073 6.463   15.502  1.00 44.05 ? 206  LEU A CB  1 
ATOM   1505 C  CG  . LEU A 1 206 ? -17.504 6.072   15.910  1.00 44.97 ? 206  LEU A CG  1 
ATOM   1506 C  CD1 . LEU A 1 206 ? -18.465 6.240   14.739  1.00 45.93 ? 206  LEU A CD1 1 
ATOM   1507 C  CD2 . LEU A 1 206 ? -17.596 4.654   16.485  1.00 45.15 ? 206  LEU A CD2 1 
ATOM   1508 N  N   . HIS A 1 207 ? -14.177 4.721   16.660  1.00 44.24 ? 207  HIS A N   1 
HETATM 1509 O  OAH . KDP B 2 .   ? -9.259  -4.712  -4.602  1.00 54.64 ? 1207 KDP A OAH 1 
HETATM 1510 P  PAP . KDP B 2 .   ? -8.160  -3.662  -4.617  1.00 54.93 ? 1207 KDP A PAP 1 
HETATM 1511 O  OAC . KDP B 2 .   ? -8.535  -2.548  -3.663  1.00 54.88 ? 1207 KDP A OAC 1 
HETATM 1512 O  OAG . KDP B 2 .   ? -8.038  -3.078  -6.006  1.00 53.67 ? 1207 KDP A OAG 1 
HETATM 1513 O  OAK . KDP B 2 .   ? -6.742  -4.306  -4.174  1.00 52.28 ? 1207 KDP A OAK 1 
HETATM 1514 C  CAI . KDP B 2 .   ? -6.250  -5.509  -4.790  1.00 50.03 ? 1207 KDP A CAI 1 
HETATM 1515 C  CAN . KDP B 2 .   ? -4.943  -5.280  -5.564  1.00 46.83 ? 1207 KDP A CAN 1 
HETATM 1516 O  OAD . KDP B 2 .   ? -5.186  -4.251  -6.514  1.00 46.65 ? 1207 KDP A OAD 1 
HETATM 1517 C  CAO . KDP B 2 .   ? -3.780  -4.941  -4.599  1.00 44.15 ? 1207 KDP A CAO 1 
HETATM 1518 O  OAE . KDP B 2 .   ? -3.089  -3.814  -5.070  1.00 45.49 ? 1207 KDP A OAE 1 
HETATM 1519 C  CAJ . KDP B 2 .   ? -2.761  -6.091  -4.436  1.00 41.18 ? 1207 KDP A CAJ 1 
HETATM 1520 C  CAM . KDP B 2 .   ? -1.351  -5.845  -3.851  1.00 38.19 ? 1207 KDP A CAM 1 
HETATM 1521 C  CAL . KDP B 2 .   ? -0.171  -5.416  -4.775  1.00 36.43 ? 1207 KDP A CAL 1 
HETATM 1522 O  OAA . KDP B 2 .   ? 1.019   -5.471  -4.400  1.00 33.60 ? 1207 KDP A OAA 1 
HETATM 1523 O  OAF . KDP B 2 .   ? -0.373  -5.002  -5.910  1.00 34.28 ? 1207 KDP A OAF 1 
HETATM 1524 O  O   . HOH C 3 .   ? 5.629   3.780   6.556   1.00 47.94 ? 2001 HOH A O   1 
HETATM 1525 O  O   . HOH C 3 .   ? -6.711  -1.608  -14.511 1.00 33.93 ? 2002 HOH A O   1 
HETATM 1526 O  O   . HOH C 3 .   ? -7.095  -0.157  -12.758 1.00 28.08 ? 2003 HOH A O   1 
HETATM 1527 O  O   . HOH C 3 .   ? 2.555   12.391  -15.381 1.00 32.94 ? 2004 HOH A O   1 
HETATM 1528 O  O   . HOH C 3 .   ? -0.275  13.728  -15.109 1.00 34.45 ? 2005 HOH A O   1 
HETATM 1529 O  O   . HOH C 3 .   ? 13.158  -2.086  -16.198 1.00 38.78 ? 2006 HOH A O   1 
HETATM 1530 O  O   . HOH C 3 .   ? -7.121  16.393  -4.039  1.00 30.15 ? 2007 HOH A O   1 
HETATM 1531 O  O   . HOH C 3 .   ? 7.567   -17.077 -7.031  1.00 41.44 ? 2008 HOH A O   1 
HETATM 1532 O  O   . HOH C 3 .   ? -9.133  15.469  2.075   1.00 37.05 ? 2009 HOH A O   1 
HETATM 1533 O  O   . HOH C 3 .   ? 3.657   -3.385  -17.474 1.00 43.40 ? 2010 HOH A O   1 
HETATM 1534 O  O   . HOH C 3 .   ? 6.935   -5.808  -14.951 1.00 47.96 ? 2011 HOH A O   1 
HETATM 1535 O  O   . HOH C 3 .   ? 9.044   2.124   -19.797 1.00 47.55 ? 2012 HOH A O   1 
HETATM 1536 O  O   . HOH C 3 .   ? 11.280  -2.669  -17.794 1.00 58.39 ? 2013 HOH A O   1 
HETATM 1537 O  O   . HOH C 3 .   ? 13.392  3.769   -16.020 1.00 24.93 ? 2014 HOH A O   1 
HETATM 1538 O  O   . HOH C 3 .   ? 2.671   3.673   -15.255 1.00 22.55 ? 2015 HOH A O   1 
HETATM 1539 O  O   . HOH C 3 .   ? 12.205  12.084  -12.558 1.00 29.59 ? 2016 HOH A O   1 
HETATM 1540 O  O   . HOH C 3 .   ? 4.576   18.584  3.554   1.00 47.94 ? 2017 HOH A O   1 
HETATM 1541 O  O   . HOH C 3 .   ? 6.742   -10.633 -3.972  1.00 22.55 ? 2018 HOH A O   1 
HETATM 1542 O  O   . HOH C 3 .   ? 6.734   -13.791 -6.876  1.00 25.15 ? 2019 HOH A O   1 
HETATM 1543 O  O   . HOH C 3 .   ? 12.973  -13.897 -11.911 1.00 45.11 ? 2020 HOH A O   1 
HETATM 1544 O  O   . HOH C 3 .   ? 9.702   -6.234  -14.946 1.00 40.17 ? 2021 HOH A O   1 
HETATM 1545 O  O   . HOH C 3 .   ? 19.458  -7.607  -10.330 1.00 36.96 ? 2022 HOH A O   1 
HETATM 1546 O  O   . HOH C 3 .   ? 16.107  1.299   -12.512 1.00 21.92 ? 2023 HOH A O   1 
HETATM 1547 O  O   . HOH C 3 .   ? -1.706  -12.607 -0.163  1.00 24.48 ? 2024 HOH A O   1 
HETATM 1548 O  O   . HOH C 3 .   ? 7.145   -10.829 -1.406  1.00 19.31 ? 2025 HOH A O   1 
HETATM 1549 O  O   . HOH C 3 .   ? 10.026  -17.667 -1.844  1.00 38.58 ? 2026 HOH A O   1 
HETATM 1550 O  O   . HOH C 3 .   ? 16.430  3.901   4.360   1.00 46.98 ? 2027 HOH A O   1 
HETATM 1551 O  O   . HOH C 3 .   ? 4.894   -19.785 9.019   1.00 24.38 ? 2028 HOH A O   1 
HETATM 1552 O  O   . HOH C 3 .   ? 0.789   -21.050 1.816   0.33 34.28 ? 2029 HOH A O   1 
HETATM 1553 O  O   . HOH C 3 .   ? -0.699  -15.206 -0.164  1.00 20.66 ? 2030 HOH A O   1 
HETATM 1554 O  O   . HOH C 3 .   ? 8.674   -20.222 5.924   1.00 34.95 ? 2031 HOH A O   1 
HETATM 1555 O  O   . HOH C 3 .   ? 4.783   -19.744 4.071   1.00 30.85 ? 2032 HOH A O   1 
HETATM 1556 O  O   . HOH C 3 .   ? 10.974  -16.019 5.386   1.00 35.06 ? 2033 HOH A O   1 
HETATM 1557 O  O   . HOH C 3 .   ? 9.879   -9.319  11.176  1.00 41.94 ? 2034 HOH A O   1 
HETATM 1558 O  O   . HOH C 3 .   ? 15.813  -9.433  6.064   1.00 44.62 ? 2035 HOH A O   1 
HETATM 1559 O  O   . HOH C 3 .   ? -13.589 -16.631 3.342   0.33 43.56 ? 2036 HOH A O   1 
HETATM 1560 O  O   . HOH C 3 .   ? -4.671  -18.235 8.387   1.00 18.54 ? 2037 HOH A O   1 
HETATM 1561 O  O   . HOH C 3 .   ? -0.990  -4.108  17.691  1.00 47.13 ? 2038 HOH A O   1 
HETATM 1562 O  O   . HOH C 3 .   ? -17.405 3.495   -2.159  1.00 43.44 ? 2039 HOH A O   1 
HETATM 1563 O  O   . HOH C 3 .   ? -15.826 3.663   7.673   1.00 43.89 ? 2040 HOH A O   1 
HETATM 1564 O  O   . HOH C 3 .   ? -16.421 -6.517  4.000   1.00 41.88 ? 2041 HOH A O   1 
HETATM 1565 O  O   . HOH C 3 .   ? -14.827 -4.826  12.600  1.00 43.80 ? 2042 HOH A O   1 
HETATM 1566 O  O   . HOH C 3 .   ? -17.011 0.135   14.170  1.00 44.04 ? 2043 HOH A O   1 
HETATM 1567 O  O   . HOH C 3 .   ? -2.242  -3.550  13.038  1.00 27.95 ? 2044 HOH A O   1 
HETATM 1568 O  O   . HOH C 3 .   ? -3.898  -1.756  16.046  1.00 47.10 ? 2045 HOH A O   1 
HETATM 1569 O  O   . HOH C 3 .   ? -1.686  3.928   12.040  1.00 58.60 ? 2046 HOH A O   1 
HETATM 1570 O  O   . HOH C 3 .   ? -8.431  -2.263  -0.957  1.00 34.24 ? 2047 HOH A O   1 
HETATM 1571 O  O   . HOH C 3 .   ? -14.645 2.864   -2.920  1.00 37.34 ? 2048 HOH A O   1 
HETATM 1572 O  O   . HOH C 3 .   ? -5.955  0.888   -8.501  1.00 25.65 ? 2049 HOH A O   1 
HETATM 1573 O  O   . HOH C 3 .   ? -6.663  7.366   -15.417 1.00 22.56 ? 2050 HOH A O   1 
HETATM 1574 O  O   . HOH C 3 .   ? -9.338  9.371   -18.329 1.00 30.02 ? 2051 HOH A O   1 
HETATM 1575 O  O   . HOH C 3 .   ? -13.853 9.069   -13.501 1.00 27.84 ? 2052 HOH A O   1 
HETATM 1576 O  O   . HOH C 3 .   ? -8.752  13.398  -16.133 1.00 30.49 ? 2053 HOH A O   1 
HETATM 1577 O  O   . HOH C 3 .   ? -18.109 6.498   -5.117  1.00 51.44 ? 2054 HOH A O   1 
HETATM 1578 O  O   . HOH C 3 .   ? -9.292  15.872  -2.738  1.00 30.68 ? 2055 HOH A O   1 
HETATM 1579 O  O   . HOH C 3 .   ? -15.614 13.310  -8.502  1.00 43.49 ? 2056 HOH A O   1 
HETATM 1580 O  O   . HOH C 3 .   ? -17.727 9.489   -4.027  1.00 50.58 ? 2057 HOH A O   1 
HETATM 1581 O  O   . HOH C 3 .   ? -11.432 14.434  3.475   1.00 34.26 ? 2058 HOH A O   1 
HETATM 1582 O  O   . HOH C 3 .   ? -15.118 5.873   9.264   1.00 36.35 ? 2059 HOH A O   1 
HETATM 1583 O  O   . HOH C 3 .   ? -11.035 14.908  6.465   1.00 48.64 ? 2060 HOH A O   1 
HETATM 1584 O  O   . HOH C 3 .   ? -10.245 -0.738  -2.747  1.00 48.01 ? 2061 HOH A O   1 
# 
